data_9DN0
#
_entry.id   9DN0
#
_cell.length_a   1.00
_cell.length_b   1.00
_cell.length_c   1.00
_cell.angle_alpha   90.00
_cell.angle_beta   90.00
_cell.angle_gamma   90.00
#
_symmetry.space_group_name_H-M   'P 1'
#
_entity_poly.entity_id   1
_entity_poly.type   'polypeptide(L)'
_entity_poly.pdbx_seq_one_letter_code
;MELIHPENGPSGTVQVPLIQGVDQSDTEDVYRLSPHVTTGFADTFKESNDIMGFSFMEKVNGAIYKYTHFAFYAVLNLLL
APFIAFSFGLSFAVMHFAVVWFVQPIMKLYYVWLRVFNLAYEPALRLVCDPIHRSIALILSGIKGQFKMNSSDVKTSQV
;
_entity_poly.pdbx_strand_id   A,B,C,D,E,F,G,H,I,J,K
#
# COMPACT_ATOMS: atom_id res chain seq x y z
N ASP A 29 -31.30 5.54 2.53
CA ASP A 29 -32.19 6.69 2.24
C ASP A 29 -31.54 7.99 2.70
N VAL A 30 -31.52 8.98 1.81
CA VAL A 30 -30.89 10.25 2.14
C VAL A 30 -31.84 11.17 2.90
N TYR A 31 -33.14 11.06 2.63
CA TYR A 31 -34.14 12.00 3.13
C TYR A 31 -34.93 11.42 4.30
N ARG A 32 -34.25 10.70 5.18
CA ARG A 32 -34.85 10.10 6.36
C ARG A 32 -34.41 10.88 7.59
N LEU A 33 -35.37 11.21 8.46
CA LEU A 33 -35.07 12.00 9.64
C LEU A 33 -34.24 11.16 10.62
N SER A 34 -33.17 11.77 11.14
CA SER A 34 -32.27 11.05 12.03
C SER A 34 -32.92 10.80 13.38
N PRO A 35 -32.47 9.80 14.12
CA PRO A 35 -33.16 9.42 15.37
C PRO A 35 -33.12 10.52 16.42
N HIS A 36 -34.09 10.48 17.32
CA HIS A 36 -34.26 11.51 18.33
C HIS A 36 -33.12 11.47 19.35
N VAL A 37 -33.16 12.41 20.29
CA VAL A 37 -32.21 12.49 21.38
C VAL A 37 -32.84 11.84 22.61
N THR A 38 -32.17 10.86 23.19
CA THR A 38 -32.67 10.19 24.38
C THR A 38 -32.82 11.19 25.51
N THR A 39 -33.97 11.17 26.18
CA THR A 39 -34.32 12.17 27.17
C THR A 39 -34.98 11.56 28.41
N GLY A 40 -35.06 10.24 28.49
CA GLY A 40 -35.61 9.61 29.68
C GLY A 40 -34.91 10.06 30.94
N PHE A 41 -35.59 9.87 32.07
CA PHE A 41 -35.07 10.38 33.34
C PHE A 41 -33.67 9.85 33.62
N ALA A 42 -33.49 8.53 33.55
CA ALA A 42 -32.19 7.94 33.83
C ALA A 42 -31.17 8.23 32.74
N ASP A 43 -31.59 8.80 31.61
CA ASP A 43 -30.68 9.15 30.53
C ASP A 43 -30.31 10.64 30.51
N THR A 44 -30.92 11.45 31.36
CA THR A 44 -30.59 12.86 31.45
C THR A 44 -30.11 13.27 32.84
N PHE A 45 -30.68 12.73 33.91
CA PHE A 45 -30.13 12.85 35.25
C PHE A 45 -29.42 11.55 35.61
N LYS A 46 -28.19 11.41 35.13
CA LYS A 46 -27.49 10.13 35.18
C LYS A 46 -26.43 10.13 36.27
N GLU A 47 -26.34 9.02 36.99
CA GLU A 47 -25.40 8.86 38.10
C GLU A 47 -24.63 7.56 37.94
N SER A 48 -23.50 7.46 38.63
CA SER A 48 -22.67 6.28 38.62
C SER A 48 -22.78 5.55 39.95
N ASN A 49 -21.97 4.50 40.12
CA ASN A 49 -21.97 3.73 41.36
C ASN A 49 -21.42 4.53 42.54
N ASP A 50 -20.72 5.65 42.28
CA ASP A 50 -20.13 6.43 43.35
C ASP A 50 -21.06 7.50 43.89
N ILE A 51 -22.19 7.74 43.23
CA ILE A 51 -23.06 8.88 43.52
C ILE A 51 -24.41 8.33 43.93
N MET A 52 -24.87 8.69 45.14
CA MET A 52 -26.11 8.14 45.66
C MET A 52 -26.74 9.11 46.65
N GLY A 53 -28.08 9.12 46.66
CA GLY A 53 -28.85 9.70 47.74
C GLY A 53 -29.74 8.66 48.39
N PHE A 54 -30.75 9.15 49.12
CA PHE A 54 -31.73 8.24 49.68
C PHE A 54 -32.46 7.50 48.56
N SER A 55 -32.82 6.25 48.84
CA SER A 55 -33.39 5.40 47.79
C SER A 55 -34.76 5.89 47.36
N PHE A 56 -35.61 6.26 48.32
CA PHE A 56 -37.01 6.53 47.99
C PHE A 56 -37.18 7.79 47.16
N MET A 57 -36.24 8.74 47.24
CA MET A 57 -36.39 10.00 46.51
C MET A 57 -36.26 9.79 45.01
N GLU A 58 -35.58 8.73 44.58
CA GLU A 58 -35.40 8.49 43.16
C GLU A 58 -36.75 8.31 42.46
N LYS A 59 -37.63 7.48 43.05
CA LYS A 59 -38.93 7.25 42.45
C LYS A 59 -39.77 8.52 42.43
N VAL A 60 -39.70 9.31 43.51
CA VAL A 60 -40.46 10.55 43.56
C VAL A 60 -40.03 11.49 42.44
N ASN A 61 -38.70 11.68 42.29
CA ASN A 61 -38.21 12.57 41.24
C ASN A 61 -38.59 12.06 39.86
N GLY A 62 -38.43 10.76 39.62
CA GLY A 62 -38.77 10.20 38.33
C GLY A 62 -40.23 10.38 37.99
N ALA A 63 -41.12 10.11 38.96
CA ALA A 63 -42.55 10.27 38.74
C ALA A 63 -42.89 11.72 38.43
N ILE A 64 -42.34 12.65 39.21
CA ILE A 64 -42.62 14.06 38.97
C ILE A 64 -42.22 14.44 37.55
N TYR A 65 -40.99 14.09 37.16
CA TYR A 65 -40.51 14.44 35.83
C TYR A 65 -41.40 13.86 34.74
N LYS A 66 -41.66 12.55 34.82
CA LYS A 66 -42.39 11.87 33.74
C LYS A 66 -43.81 12.42 33.63
N TYR A 67 -44.50 12.58 34.76
CA TYR A 67 -45.89 13.01 34.70
C TYR A 67 -46.00 14.47 34.26
N THR A 68 -45.08 15.33 34.69
CA THR A 68 -45.11 16.70 34.20
C THR A 68 -44.92 16.73 32.69
N HIS A 69 -43.92 15.99 32.18
CA HIS A 69 -43.68 15.96 30.75
C HIS A 69 -44.91 15.50 29.99
N PHE A 70 -45.49 14.36 30.40
CA PHE A 70 -46.63 13.81 29.69
C PHE A 70 -47.82 14.75 29.76
N ALA A 71 -48.13 15.28 30.94
CA ALA A 71 -49.31 16.12 31.09
C ALA A 71 -49.18 17.41 30.30
N PHE A 72 -47.97 17.92 30.11
CA PHE A 72 -47.83 19.16 29.34
C PHE A 72 -47.78 18.90 27.84
N TYR A 73 -47.27 17.74 27.41
CA TYR A 73 -47.24 17.45 25.98
C TYR A 73 -48.62 17.05 25.46
N ALA A 74 -49.37 16.28 26.26
CA ALA A 74 -50.62 15.71 25.78
C ALA A 74 -51.65 16.79 25.46
N VAL A 75 -51.77 17.81 26.32
CA VAL A 75 -52.77 18.84 26.10
C VAL A 75 -52.46 19.63 24.84
N LEU A 76 -51.20 19.98 24.64
CA LEU A 76 -50.82 20.70 23.42
C LEU A 76 -51.12 19.85 22.19
N ASN A 77 -50.76 18.57 22.23
CA ASN A 77 -51.05 17.68 21.11
C ASN A 77 -52.54 17.67 20.81
N LEU A 78 -53.36 17.47 21.85
CA LEU A 78 -54.80 17.38 21.66
C LEU A 78 -55.37 18.68 21.09
N LEU A 79 -54.88 19.83 21.57
CA LEU A 79 -55.45 21.10 21.17
C LEU A 79 -55.05 21.51 19.76
N LEU A 80 -53.79 21.27 19.37
CA LEU A 80 -53.26 21.87 18.15
C LEU A 80 -52.90 20.88 17.05
N ALA A 81 -52.96 19.58 17.30
CA ALA A 81 -52.49 18.62 16.29
C ALA A 81 -53.34 18.64 15.01
N PRO A 82 -54.67 18.57 15.07
CA PRO A 82 -55.44 18.35 13.82
C PRO A 82 -55.20 19.40 12.75
N PHE A 83 -55.13 20.69 13.12
CA PHE A 83 -55.03 21.74 12.10
C PHE A 83 -53.73 21.63 11.33
N ILE A 84 -52.63 21.37 12.02
CA ILE A 84 -51.34 21.23 11.35
C ILE A 84 -51.37 20.05 10.38
N ALA A 85 -51.98 18.95 10.81
CA ALA A 85 -52.07 17.77 9.95
C ALA A 85 -52.86 18.09 8.68
N PHE A 86 -54.00 18.77 8.84
CA PHE A 86 -54.81 19.13 7.66
C PHE A 86 -54.01 20.02 6.71
N SER A 87 -53.39 21.07 7.25
CA SER A 87 -52.68 22.01 6.41
C SER A 87 -51.56 21.32 5.64
N PHE A 88 -50.75 20.51 6.33
CA PHE A 88 -49.62 19.90 5.66
C PHE A 88 -50.05 18.80 4.70
N GLY A 89 -51.15 18.11 4.99
CA GLY A 89 -51.68 17.16 4.02
C GLY A 89 -52.05 17.83 2.72
N LEU A 90 -52.80 18.93 2.80
CA LEU A 90 -53.18 19.67 1.60
C LEU A 90 -51.94 20.16 0.84
N SER A 91 -50.98 20.73 1.57
CA SER A 91 -49.78 21.26 0.95
C SER A 91 -49.01 20.16 0.22
N PHE A 92 -48.80 19.02 0.89
CA PHE A 92 -48.07 17.92 0.28
C PHE A 92 -48.81 17.37 -0.94
N ALA A 93 -50.14 17.34 -0.90
CA ALA A 93 -50.89 16.91 -2.07
C ALA A 93 -50.53 17.77 -3.28
N VAL A 94 -50.62 19.09 -3.12
CA VAL A 94 -50.31 19.98 -4.25
C VAL A 94 -48.87 19.77 -4.71
N MET A 95 -47.92 19.71 -3.77
CA MET A 95 -46.51 19.58 -4.12
C MET A 95 -46.27 18.30 -4.92
N HIS A 96 -46.81 17.18 -4.45
CA HIS A 96 -46.56 15.91 -5.12
C HIS A 96 -47.20 15.85 -6.50
N PHE A 97 -48.40 16.43 -6.66
CA PHE A 97 -48.97 16.47 -8.00
C PHE A 97 -48.05 17.24 -8.95
N ALA A 98 -47.58 18.41 -8.52
CA ALA A 98 -46.68 19.18 -9.38
C ALA A 98 -45.47 18.35 -9.78
N VAL A 99 -44.82 17.72 -8.79
CA VAL A 99 -43.60 16.97 -9.07
C VAL A 99 -43.88 15.85 -10.05
N VAL A 100 -44.91 15.03 -9.78
CA VAL A 100 -45.11 13.83 -10.58
C VAL A 100 -45.50 14.19 -12.01
N TRP A 101 -46.32 15.22 -12.21
CA TRP A 101 -46.91 15.45 -13.52
C TRP A 101 -46.38 16.66 -14.27
N PHE A 102 -45.34 17.34 -13.77
CA PHE A 102 -44.74 18.40 -14.59
C PHE A 102 -43.22 18.36 -14.64
N VAL A 103 -42.57 17.80 -13.62
CA VAL A 103 -41.12 17.84 -13.54
C VAL A 103 -40.49 16.61 -14.22
N GLN A 104 -41.01 15.42 -13.92
CA GLN A 104 -40.37 14.19 -14.38
C GLN A 104 -40.36 14.06 -15.90
N PRO A 105 -41.44 14.31 -16.63
CA PRO A 105 -41.35 14.27 -18.10
C PRO A 105 -40.31 15.22 -18.68
N ILE A 106 -40.22 16.42 -18.10
CA ILE A 106 -39.22 17.38 -18.57
C ILE A 106 -37.82 16.83 -18.34
N MET A 107 -37.60 16.23 -17.18
CA MET A 107 -36.30 15.61 -16.91
C MET A 107 -36.01 14.49 -17.91
N LYS A 108 -37.05 13.76 -18.32
CA LYS A 108 -36.83 12.68 -19.29
C LYS A 108 -36.40 13.23 -20.65
N LEU A 109 -37.04 14.30 -21.10
CA LEU A 109 -36.59 14.94 -22.35
C LEU A 109 -35.14 15.41 -22.23
N TYR A 110 -34.81 16.04 -21.11
CA TYR A 110 -33.44 16.45 -20.84
C TYR A 110 -32.49 15.27 -20.94
N TYR A 111 -32.89 14.12 -20.40
CA TYR A 111 -32.03 12.94 -20.45
C TYR A 111 -31.83 12.46 -21.88
N VAL A 112 -32.88 12.55 -22.70
CA VAL A 112 -32.73 12.18 -24.11
C VAL A 112 -31.62 13.01 -24.75
N TRP A 113 -31.66 14.33 -24.55
CA TRP A 113 -30.61 15.16 -25.13
C TRP A 113 -29.23 14.80 -24.55
N LEU A 114 -29.18 14.47 -23.26
CA LEU A 114 -27.90 14.11 -22.65
C LEU A 114 -27.31 12.87 -23.31
N ARG A 115 -28.14 11.87 -23.56
CA ARG A 115 -27.66 10.66 -24.24
C ARG A 115 -27.14 10.99 -25.62
N VAL A 116 -27.86 11.85 -26.35
CA VAL A 116 -27.42 12.23 -27.68
C VAL A 116 -26.03 12.87 -27.62
N PHE A 117 -25.80 13.72 -26.62
CA PHE A 117 -24.47 14.32 -26.48
C PHE A 117 -23.41 13.27 -26.15
N ASN A 118 -23.73 12.34 -25.25
CA ASN A 118 -22.74 11.35 -24.86
C ASN A 118 -22.29 10.51 -26.05
N LEU A 119 -23.22 10.18 -26.95
CA LEU A 119 -22.86 9.37 -28.11
C LEU A 119 -21.65 9.95 -28.84
N ALA A 120 -21.60 11.28 -28.97
CA ALA A 120 -20.49 11.94 -29.65
C ALA A 120 -19.30 12.18 -28.73
N TYR A 121 -19.55 12.39 -27.44
CA TYR A 121 -18.47 12.79 -26.55
C TYR A 121 -17.57 11.60 -26.16
N GLU A 122 -18.16 10.48 -25.75
CA GLU A 122 -17.35 9.46 -25.07
C GLU A 122 -16.32 8.81 -25.99
N PRO A 123 -16.68 8.28 -27.17
CA PRO A 123 -15.67 7.61 -28.00
C PRO A 123 -14.50 8.50 -28.37
N ALA A 124 -14.74 9.79 -28.63
CA ALA A 124 -13.67 10.68 -29.04
C ALA A 124 -12.64 10.83 -27.92
N LEU A 125 -13.09 10.95 -26.67
CA LEU A 125 -12.17 11.03 -25.54
C LEU A 125 -11.42 9.71 -25.34
N ARG A 126 -12.15 8.59 -25.43
CA ARG A 126 -11.49 7.29 -25.24
C ARG A 126 -10.40 7.07 -26.27
N LEU A 127 -10.60 7.55 -27.50
CA LEU A 127 -9.58 7.38 -28.53
C LEU A 127 -8.22 7.88 -28.05
N VAL A 128 -8.16 9.13 -27.57
CA VAL A 128 -6.87 9.70 -27.20
C VAL A 128 -6.41 9.20 -25.84
N CYS A 129 -7.33 8.81 -24.96
CA CYS A 129 -6.89 8.46 -23.60
C CYS A 129 -6.45 7.00 -23.46
N ASP A 130 -7.16 6.05 -24.07
CA ASP A 130 -6.90 4.64 -23.78
C ASP A 130 -5.48 4.20 -24.10
N PRO A 131 -4.89 4.52 -25.25
CA PRO A 131 -3.53 4.03 -25.53
C PRO A 131 -2.52 4.37 -24.44
N ILE A 132 -2.59 5.60 -23.90
CA ILE A 132 -1.63 6.02 -22.89
C ILE A 132 -1.76 5.16 -21.63
N HIS A 133 -3.01 4.93 -21.19
CA HIS A 133 -3.20 4.20 -19.93
C HIS A 133 -2.97 2.71 -20.13
N ARG A 134 -3.22 2.18 -21.33
CA ARG A 134 -2.82 0.81 -21.61
C ARG A 134 -1.30 0.67 -21.57
N SER A 135 -0.59 1.67 -22.09
CA SER A 135 0.87 1.64 -22.06
C SER A 135 1.39 1.71 -20.63
N ILE A 136 0.81 2.59 -19.80
CA ILE A 136 1.28 2.76 -18.43
C ILE A 136 1.01 1.52 -17.61
N ALA A 137 0.09 0.66 -18.06
CA ALA A 137 -0.24 -0.53 -17.30
C ALA A 137 0.91 -1.54 -17.29
N LEU A 138 1.92 -1.35 -18.14
CA LEU A 138 3.03 -2.29 -18.24
C LEU A 138 3.99 -2.20 -17.08
N ILE A 139 3.78 -1.29 -16.13
CA ILE A 139 4.71 -1.16 -15.01
C ILE A 139 4.56 -2.31 -14.02
N LEU A 140 3.41 -2.99 -14.03
CA LEU A 140 3.10 -4.03 -13.06
C LEU A 140 3.23 -5.44 -13.62
N SER A 141 4.00 -5.61 -14.70
CA SER A 141 4.09 -6.89 -15.40
C SER A 141 5.44 -7.57 -15.20
N GLY A 142 6.15 -7.27 -14.12
CA GLY A 142 7.46 -7.85 -13.89
C GLY A 142 7.71 -8.28 -12.46
N ILE A 143 6.66 -8.73 -11.77
CA ILE A 143 6.77 -9.07 -10.35
C ILE A 143 7.36 -10.47 -10.22
N LYS A 144 8.35 -10.62 -9.32
CA LYS A 144 8.89 -11.91 -8.96
C LYS A 144 9.35 -11.85 -7.51
N GLY A 145 9.34 -12.99 -6.84
CA GLY A 145 9.73 -13.03 -5.45
C GLY A 145 9.94 -14.45 -4.96
N GLN A 146 10.62 -14.55 -3.82
CA GLN A 146 10.87 -15.81 -3.13
C GLN A 146 10.61 -15.63 -1.65
N PHE A 147 10.12 -16.68 -1.00
CA PHE A 147 9.75 -16.60 0.40
C PHE A 147 10.06 -17.92 1.08
N LYS A 148 10.24 -17.85 2.40
CA LYS A 148 10.35 -19.02 3.25
C LYS A 148 9.62 -18.75 4.55
N MET A 149 8.95 -19.77 5.09
CA MET A 149 8.10 -19.62 6.26
C MET A 149 8.47 -20.67 7.31
N ASN A 150 8.18 -20.34 8.56
CA ASN A 150 8.39 -21.25 9.68
C ASN A 150 7.23 -21.11 10.65
N SER A 151 6.98 -22.18 11.41
CA SER A 151 5.88 -22.17 12.37
C SER A 151 6.19 -23.17 13.47
N SER A 152 5.47 -23.03 14.58
CA SER A 152 5.64 -23.92 15.72
C SER A 152 4.45 -23.80 16.68
N ASP B 29 0.07 -8.99 -30.54
CA ASP B 29 0.58 -8.42 -31.83
C ASP B 29 0.27 -6.91 -31.91
N VAL B 30 1.31 -6.12 -32.17
CA VAL B 30 1.13 -4.66 -32.22
C VAL B 30 0.57 -4.22 -33.55
N TYR B 31 0.90 -4.92 -34.63
CA TYR B 31 0.61 -4.49 -36.00
C TYR B 31 -0.58 -5.23 -36.59
N ARG B 32 -1.60 -5.46 -35.77
CA ARG B 32 -2.81 -6.14 -36.18
C ARG B 32 -3.94 -5.12 -36.28
N LEU B 33 -4.70 -5.17 -37.38
CA LEU B 33 -5.78 -4.21 -37.59
C LEU B 33 -6.90 -4.47 -36.60
N SER B 34 -7.40 -3.41 -35.98
CA SER B 34 -8.43 -3.53 -34.97
C SER B 34 -9.77 -3.90 -35.61
N PRO B 35 -10.68 -4.51 -34.84
CA PRO B 35 -11.92 -5.02 -35.44
C PRO B 35 -12.80 -3.92 -36.00
N HIS B 36 -13.64 -4.30 -36.97
CA HIS B 36 -14.47 -3.35 -37.69
C HIS B 36 -15.55 -2.77 -36.77
N VAL B 37 -16.33 -1.85 -37.34
CA VAL B 37 -17.45 -1.23 -36.65
C VAL B 37 -18.72 -1.96 -37.08
N THR B 38 -19.48 -2.46 -36.10
CA THR B 38 -20.72 -3.15 -36.41
C THR B 38 -21.68 -2.21 -37.11
N THR B 39 -22.28 -2.67 -38.21
CA THR B 39 -23.10 -1.82 -39.07
C THR B 39 -24.38 -2.52 -39.52
N GLY B 40 -24.64 -3.74 -39.03
CA GLY B 40 -25.87 -4.42 -39.39
C GLY B 40 -27.09 -3.55 -39.12
N PHE B 41 -28.20 -3.91 -39.78
CA PHE B 41 -29.42 -3.11 -39.69
C PHE B 41 -29.85 -2.92 -38.24
N ALA B 42 -29.98 -4.01 -37.50
CA ALA B 42 -30.42 -3.92 -36.11
C ALA B 42 -29.36 -3.31 -35.20
N ASP B 43 -28.13 -3.10 -35.69
CA ASP B 43 -27.07 -2.51 -34.91
C ASP B 43 -26.85 -1.03 -35.22
N THR B 44 -27.52 -0.49 -36.23
CA THR B 44 -27.43 0.93 -36.57
C THR B 44 -28.77 1.65 -36.47
N PHE B 45 -29.87 1.02 -36.88
CA PHE B 45 -31.21 1.52 -36.61
C PHE B 45 -31.81 0.74 -35.44
N LYS B 46 -31.43 1.12 -34.23
CA LYS B 46 -31.69 0.31 -33.05
C LYS B 46 -32.83 0.91 -32.23
N GLU B 47 -33.72 0.05 -31.74
CA GLU B 47 -34.90 0.43 -30.98
C GLU B 47 -34.96 -0.38 -29.69
N SER B 48 -35.74 0.11 -28.73
CA SER B 48 -35.96 -0.56 -27.46
C SER B 48 -37.38 -1.12 -27.42
N ASN B 49 -37.74 -1.68 -26.25
CA ASN B 49 -39.08 -2.22 -26.08
C ASN B 49 -40.15 -1.14 -26.13
N ASP B 50 -39.78 0.11 -25.89
CA ASP B 50 -40.75 1.20 -25.84
C ASP B 50 -41.06 1.79 -27.21
N ILE B 51 -40.30 1.44 -28.23
CA ILE B 51 -40.36 2.08 -29.54
C ILE B 51 -40.77 1.03 -30.56
N MET B 52 -41.89 1.27 -31.26
CA MET B 52 -42.43 0.28 -32.18
C MET B 52 -43.21 0.97 -33.29
N GLY B 53 -43.16 0.36 -34.48
CA GLY B 53 -44.08 0.64 -35.55
C GLY B 53 -44.86 -0.59 -35.95
N PHE B 54 -45.42 -0.55 -37.16
CA PHE B 54 -46.05 -1.74 -37.69
C PHE B 54 -45.02 -2.84 -37.89
N SER B 55 -45.45 -4.09 -37.69
CA SER B 55 -44.52 -5.21 -37.71
C SER B 55 -43.94 -5.44 -39.10
N PHE B 56 -44.78 -5.39 -40.13
CA PHE B 56 -44.34 -5.81 -41.46
C PHE B 56 -43.32 -4.85 -42.07
N MET B 57 -43.32 -3.59 -41.64
CA MET B 57 -42.39 -2.62 -42.25
C MET B 57 -40.95 -2.91 -41.86
N GLU B 58 -40.73 -3.59 -40.73
CA GLU B 58 -39.36 -3.88 -40.30
C GLU B 58 -38.63 -4.72 -41.34
N LYS B 59 -39.28 -5.78 -41.82
CA LYS B 59 -38.65 -6.64 -42.82
C LYS B 59 -38.40 -5.88 -44.12
N VAL B 60 -39.34 -5.03 -44.53
CA VAL B 60 -39.17 -4.27 -45.76
C VAL B 60 -37.94 -3.37 -45.65
N ASN B 61 -37.84 -2.64 -44.54
CA ASN B 61 -36.70 -1.73 -44.36
C ASN B 61 -35.39 -2.51 -44.32
N GLY B 62 -35.37 -3.62 -43.58
CA GLY B 62 -34.15 -4.40 -43.49
C GLY B 62 -33.71 -4.94 -44.83
N ALA B 63 -34.66 -5.46 -45.61
CA ALA B 63 -34.33 -5.99 -46.93
C ALA B 63 -33.80 -4.89 -47.83
N ILE B 64 -34.46 -3.73 -47.84
CA ILE B 64 -33.99 -2.63 -48.68
C ILE B 64 -32.55 -2.28 -48.32
N TYR B 65 -32.29 -2.07 -47.04
CA TYR B 65 -30.94 -1.69 -46.60
C TYR B 65 -29.91 -2.74 -47.01
N LYS B 66 -30.17 -4.00 -46.67
CA LYS B 66 -29.18 -5.04 -46.91
C LYS B 66 -28.90 -5.22 -48.39
N TYR B 67 -29.94 -5.25 -49.21
CA TYR B 67 -29.74 -5.50 -50.63
C TYR B 67 -29.08 -4.32 -51.32
N THR B 68 -29.43 -3.09 -50.93
CA THR B 68 -28.74 -1.94 -51.50
C THR B 68 -27.26 -1.99 -51.16
N HIS B 69 -26.93 -2.25 -49.89
CA HIS B 69 -25.53 -2.32 -49.49
C HIS B 69 -24.78 -3.38 -50.29
N PHE B 70 -25.33 -4.59 -50.36
CA PHE B 70 -24.64 -5.67 -51.06
C PHE B 70 -24.49 -5.37 -52.55
N ALA B 71 -25.57 -4.90 -53.19
CA ALA B 71 -25.53 -4.67 -54.62
C ALA B 71 -24.56 -3.56 -54.99
N PHE B 72 -24.36 -2.59 -54.10
CA PHE B 72 -23.42 -1.51 -54.42
C PHE B 72 -21.99 -1.89 -54.09
N TYR B 73 -21.76 -2.73 -53.07
CA TYR B 73 -20.39 -3.12 -52.74
C TYR B 73 -19.87 -4.15 -53.74
N ALA B 74 -20.72 -5.09 -54.16
CA ALA B 74 -20.25 -6.21 -54.97
C ALA B 74 -19.72 -5.75 -56.32
N VAL B 75 -20.41 -4.81 -56.98
CA VAL B 75 -19.99 -4.37 -58.30
C VAL B 75 -18.64 -3.67 -58.22
N LEU B 76 -18.46 -2.80 -57.23
CA LEU B 76 -17.16 -2.14 -57.06
C LEU B 76 -16.07 -3.16 -56.81
N ASN B 77 -16.32 -4.12 -55.94
CA ASN B 77 -15.33 -5.16 -55.67
C ASN B 77 -14.95 -5.87 -56.96
N LEU B 78 -15.95 -6.30 -57.73
CA LEU B 78 -15.69 -7.05 -58.95
C LEU B 78 -14.91 -6.22 -59.95
N LEU B 79 -15.24 -4.93 -60.08
CA LEU B 79 -14.63 -4.11 -61.11
C LEU B 79 -13.20 -3.72 -60.75
N LEU B 80 -12.91 -3.40 -59.49
CA LEU B 80 -11.65 -2.76 -59.14
C LEU B 80 -10.74 -3.60 -58.26
N ALA B 81 -11.18 -4.75 -57.76
CA ALA B 81 -10.35 -5.50 -56.82
C ALA B 81 -9.05 -6.00 -57.42
N PRO B 82 -9.03 -6.67 -58.58
CA PRO B 82 -7.78 -7.32 -59.01
C PRO B 82 -6.58 -6.40 -59.14
N PHE B 83 -6.76 -5.20 -59.68
CA PHE B 83 -5.61 -4.33 -59.94
C PHE B 83 -4.93 -3.92 -58.64
N ILE B 84 -5.72 -3.59 -57.62
CA ILE B 84 -5.14 -3.20 -56.33
C ILE B 84 -4.37 -4.36 -55.73
N ALA B 85 -4.92 -5.57 -55.83
CA ALA B 85 -4.24 -6.75 -55.31
C ALA B 85 -2.90 -6.96 -56.00
N PHE B 86 -2.88 -6.85 -57.33
CA PHE B 86 -1.64 -7.01 -58.08
C PHE B 86 -0.61 -5.97 -57.64
N SER B 87 -1.02 -4.70 -57.62
CA SER B 87 -0.08 -3.63 -57.28
C SER B 87 0.50 -3.83 -55.90
N PHE B 88 -0.35 -4.11 -54.91
CA PHE B 88 0.17 -4.22 -53.55
C PHE B 88 0.97 -5.50 -53.34
N GLY B 89 0.65 -6.57 -54.06
CA GLY B 89 1.49 -7.75 -54.00
C GLY B 89 2.90 -7.46 -54.48
N LEU B 90 3.02 -6.81 -55.63
CA LEU B 90 4.34 -6.46 -56.14
C LEU B 90 5.09 -5.54 -55.17
N SER B 91 4.39 -4.52 -54.65
CA SER B 91 5.02 -3.58 -53.72
C SER B 91 5.52 -4.28 -52.47
N PHE B 92 4.69 -5.14 -51.88
CA PHE B 92 5.10 -5.85 -50.67
C PHE B 92 6.25 -6.80 -50.94
N ALA B 93 6.28 -7.42 -52.12
CA ALA B 93 7.43 -8.26 -52.46
C ALA B 93 8.72 -7.47 -52.37
N VAL B 94 8.77 -6.31 -53.04
CA VAL B 94 9.99 -5.51 -53.03
C VAL B 94 10.35 -5.09 -51.60
N MET B 95 9.35 -4.62 -50.85
CA MET B 95 9.60 -4.15 -49.49
C MET B 95 10.19 -5.25 -48.62
N HIS B 96 9.59 -6.44 -48.68
CA HIS B 96 10.05 -7.53 -47.81
C HIS B 96 11.42 -8.01 -48.20
N PHE B 97 11.74 -8.06 -49.50
CA PHE B 97 13.11 -8.42 -49.86
C PHE B 97 14.10 -7.44 -49.27
N ALA B 98 13.83 -6.14 -49.42
CA ALA B 98 14.73 -5.14 -48.84
C ALA B 98 14.92 -5.37 -47.35
N VAL B 99 13.82 -5.53 -46.61
CA VAL B 99 13.92 -5.68 -45.17
C VAL B 99 14.73 -6.91 -44.81
N VAL B 100 14.42 -8.05 -45.41
CA VAL B 100 15.04 -9.30 -44.97
C VAL B 100 16.53 -9.31 -45.30
N TRP B 101 16.92 -8.77 -46.46
CA TRP B 101 18.29 -8.98 -46.93
C TRP B 101 19.16 -7.74 -46.91
N PHE B 102 18.73 -6.62 -46.33
CA PHE B 102 19.65 -5.50 -46.16
C PHE B 102 19.61 -4.86 -44.79
N VAL B 103 18.48 -4.96 -44.08
CA VAL B 103 18.32 -4.26 -42.81
C VAL B 103 18.77 -5.14 -41.64
N GLN B 104 18.32 -6.39 -41.62
CA GLN B 104 18.57 -7.25 -40.46
C GLN B 104 20.05 -7.52 -40.20
N PRO B 105 20.87 -7.86 -41.19
CA PRO B 105 22.31 -8.02 -40.92
C PRO B 105 22.95 -6.75 -40.34
N ILE B 106 22.56 -5.58 -40.85
CA ILE B 106 23.10 -4.33 -40.32
C ILE B 106 22.71 -4.17 -38.86
N MET B 107 21.44 -4.49 -38.53
CA MET B 107 21.02 -4.42 -37.14
C MET B 107 21.82 -5.39 -36.28
N LYS B 108 22.19 -6.55 -36.82
CA LYS B 108 22.97 -7.51 -36.05
C LYS B 108 24.37 -6.97 -35.75
N LEU B 109 25.01 -6.35 -36.73
CA LEU B 109 26.31 -5.73 -36.47
C LEU B 109 26.19 -4.65 -35.40
N TYR B 110 25.15 -3.81 -35.52
CA TYR B 110 24.87 -2.80 -34.51
C TYR B 110 24.75 -3.43 -33.13
N TYR B 111 24.07 -4.58 -33.05
CA TYR B 111 23.89 -5.25 -31.77
C TYR B 111 25.22 -5.74 -31.21
N VAL B 112 26.11 -6.22 -32.08
CA VAL B 112 27.43 -6.62 -31.62
C VAL B 112 28.12 -5.46 -30.91
N TRP B 113 28.11 -4.29 -31.55
CA TRP B 113 28.75 -3.14 -30.91
C TRP B 113 28.05 -2.77 -29.60
N LEU B 114 26.73 -2.89 -29.57
CA LEU B 114 25.99 -2.58 -28.34
C LEU B 114 26.43 -3.48 -27.19
N ARG B 115 26.58 -4.77 -27.46
CA ARG B 115 27.03 -5.70 -26.43
C ARG B 115 28.43 -5.31 -25.94
N VAL B 116 29.31 -4.96 -26.88
CA VAL B 116 30.66 -4.57 -26.48
C VAL B 116 30.61 -3.38 -25.53
N PHE B 117 29.74 -2.40 -25.82
CA PHE B 117 29.61 -1.25 -24.91
C PHE B 117 29.06 -1.66 -23.55
N ASN B 118 28.06 -2.55 -23.54
CA ASN B 118 27.47 -2.95 -22.26
C ASN B 118 28.49 -3.61 -21.36
N LEU B 119 29.39 -4.42 -21.93
CA LEU B 119 30.40 -5.08 -21.10
C LEU B 119 31.14 -4.10 -20.21
N ALA B 120 31.45 -2.92 -20.73
CA ALA B 120 32.16 -1.90 -19.95
C ALA B 120 31.21 -1.06 -19.10
N TYR B 121 29.98 -0.86 -19.57
CA TYR B 121 29.09 0.09 -18.88
C TYR B 121 28.49 -0.51 -17.61
N GLU B 122 27.94 -1.73 -17.70
CA GLU B 122 27.08 -2.19 -16.60
C GLU B 122 27.84 -2.40 -15.29
N PRO B 123 28.95 -3.16 -15.25
CA PRO B 123 29.62 -3.38 -13.95
C PRO B 123 30.04 -2.11 -13.25
N ALA B 124 30.51 -1.11 -14.00
CA ALA B 124 30.97 0.13 -13.38
C ALA B 124 29.82 0.84 -12.66
N LEU B 125 28.64 0.86 -13.26
CA LEU B 125 27.48 1.48 -12.62
C LEU B 125 27.05 0.66 -11.40
N ARG B 126 27.03 -0.66 -11.53
CA ARG B 126 26.60 -1.49 -10.40
C ARG B 126 27.53 -1.31 -9.21
N LEU B 127 28.83 -1.10 -9.46
CA LEU B 127 29.76 -0.90 -8.35
C LEU B 127 29.29 0.21 -7.43
N VAL B 128 28.98 1.39 -7.98
CA VAL B 128 28.62 2.51 -7.13
C VAL B 128 27.18 2.43 -6.66
N CYS B 129 26.30 1.76 -7.41
CA CYS B 129 24.89 1.79 -7.01
C CYS B 129 24.52 0.72 -5.99
N ASP B 130 25.03 -0.51 -6.14
CA ASP B 130 24.50 -1.61 -5.33
C ASP B 130 24.67 -1.40 -3.83
N PRO B 131 25.82 -0.96 -3.31
CA PRO B 131 25.94 -0.81 -1.84
C PRO B 131 24.86 0.07 -1.23
N ILE B 132 24.51 1.17 -1.90
CA ILE B 132 23.51 2.08 -1.35
C ILE B 132 22.16 1.39 -1.25
N HIS B 133 21.75 0.68 -2.30
CA HIS B 133 20.43 0.06 -2.31
C HIS B 133 20.37 -1.17 -1.42
N ARG B 134 21.50 -1.87 -1.26
CA ARG B 134 21.55 -2.94 -0.26
C ARG B 134 21.40 -2.36 1.14
N SER B 135 22.03 -1.21 1.39
CA SER B 135 21.92 -0.57 2.69
C SER B 135 20.49 -0.11 2.97
N ILE B 136 19.83 0.49 1.97
CA ILE B 136 18.48 1.00 2.17
C ILE B 136 17.49 -0.14 2.39
N ALA B 137 17.85 -1.36 1.96
CA ALA B 137 16.94 -2.48 2.12
C ALA B 137 16.71 -2.85 3.58
N LEU B 138 17.54 -2.34 4.49
CA LEU B 138 17.44 -2.68 5.91
C LEU B 138 16.24 -2.05 6.59
N ILE B 139 15.45 -1.24 5.88
CA ILE B 139 14.31 -0.58 6.51
C ILE B 139 13.17 -1.55 6.76
N LEU B 140 13.15 -2.68 6.05
CA LEU B 140 12.04 -3.63 6.12
C LEU B 140 12.40 -4.89 6.91
N SER B 141 13.38 -4.81 7.82
CA SER B 141 13.86 -5.97 8.55
C SER B 141 13.50 -5.93 10.03
N GLY B 142 12.43 -5.23 10.40
CA GLY B 142 12.03 -5.13 11.79
C GLY B 142 10.55 -5.25 12.03
N ILE B 143 9.86 -6.04 11.21
CA ILE B 143 8.41 -6.15 11.29
C ILE B 143 8.02 -7.11 12.40
N LYS B 144 7.07 -6.69 13.24
CA LYS B 144 6.48 -7.55 14.25
C LYS B 144 5.03 -7.14 14.44
N GLY B 145 4.21 -8.08 14.88
CA GLY B 145 2.80 -7.80 15.08
C GLY B 145 2.09 -8.90 15.84
N GLN B 146 0.92 -8.56 16.35
CA GLN B 146 0.04 -9.49 17.04
C GLN B 146 -1.39 -9.28 16.56
N PHE B 147 -2.15 -10.38 16.51
CA PHE B 147 -3.50 -10.32 15.98
C PHE B 147 -4.39 -11.28 16.75
N LYS B 148 -5.70 -10.99 16.71
CA LYS B 148 -6.72 -11.89 17.22
C LYS B 148 -7.93 -11.84 16.29
N MET B 149 -8.56 -12.98 16.10
CA MET B 149 -9.65 -13.11 15.14
C MET B 149 -10.86 -13.76 15.80
N ASN B 150 -12.04 -13.47 15.25
CA ASN B 150 -13.28 -14.07 15.70
C ASN B 150 -14.15 -14.35 14.49
N SER B 151 -15.04 -15.32 14.65
CA SER B 151 -15.93 -15.72 13.56
C SER B 151 -17.18 -16.35 14.14
N SER B 152 -18.21 -16.44 13.31
CA SER B 152 -19.49 -17.02 13.71
C SER B 152 -20.34 -17.34 12.49
N ASP C 29 -16.50 -3.57 -27.00
CA ASP C 29 -16.65 -2.79 -28.27
C ASP C 29 -16.75 -1.30 -27.97
N VAL C 30 -15.92 -0.50 -28.66
CA VAL C 30 -15.91 0.93 -28.42
C VAL C 30 -17.01 1.64 -29.19
N TYR C 31 -17.37 1.12 -30.37
CA TYR C 31 -18.25 1.81 -31.31
C TYR C 31 -19.65 1.22 -31.29
N ARG C 32 -20.14 0.89 -30.10
CA ARG C 32 -21.47 0.34 -29.90
C ARG C 32 -22.35 1.41 -29.27
N LEU C 33 -23.56 1.58 -29.81
CA LEU C 33 -24.46 2.60 -29.31
C LEU C 33 -24.97 2.23 -27.92
N SER C 34 -24.94 3.19 -27.00
CA SER C 34 -25.33 2.93 -25.62
C SER C 34 -26.84 2.73 -25.52
N PRO C 35 -27.30 2.03 -24.47
CA PRO C 35 -28.73 1.68 -24.40
C PRO C 35 -29.63 2.90 -24.28
N HIS C 36 -30.87 2.74 -24.71
CA HIS C 36 -31.83 3.82 -24.77
C HIS C 36 -32.21 4.28 -23.36
N VAL C 37 -33.05 5.32 -23.31
CA VAL C 37 -33.58 5.84 -22.07
C VAL C 37 -34.97 5.26 -21.86
N THR C 38 -35.18 4.63 -20.71
CA THR C 38 -36.50 4.06 -20.41
C THR C 38 -37.55 5.15 -20.38
N THR C 39 -38.68 4.91 -21.06
CA THR C 39 -39.70 5.92 -21.26
C THR C 39 -41.11 5.35 -21.07
N GLY C 40 -41.24 4.10 -20.67
CA GLY C 40 -42.55 3.54 -20.40
C GLY C 40 -43.35 4.39 -19.43
N PHE C 41 -44.67 4.19 -19.47
CA PHE C 41 -45.56 5.02 -18.66
C PHE C 41 -45.19 4.98 -17.18
N ALA C 42 -45.06 3.78 -16.62
CA ALA C 42 -44.73 3.65 -15.20
C ALA C 42 -43.29 4.06 -14.91
N ASP C 43 -42.46 4.27 -15.92
CA ASP C 43 -41.08 4.69 -15.74
C ASP C 43 -40.87 6.19 -15.93
N THR C 44 -41.89 6.92 -16.36
CA THR C 44 -41.80 8.37 -16.52
C THR C 44 -42.80 9.12 -15.64
N PHE C 45 -44.02 8.63 -15.50
CA PHE C 45 -44.99 9.14 -14.52
C PHE C 45 -45.00 8.20 -13.32
N LYS C 46 -43.97 8.31 -12.48
CA LYS C 46 -43.71 7.33 -11.44
C LYS C 46 -44.20 7.83 -10.08
N GLU C 47 -44.83 6.93 -9.33
CA GLU C 47 -45.38 7.23 -8.01
C GLU C 47 -44.90 6.20 -6.99
N SER C 48 -45.02 6.56 -5.71
CA SER C 48 -44.63 5.68 -4.62
C SER C 48 -45.89 5.17 -3.90
N ASN C 49 -45.68 4.46 -2.79
CA ASN C 49 -46.80 3.94 -2.02
C ASN C 49 -47.61 5.06 -1.38
N ASP C 50 -47.03 6.24 -1.19
CA ASP C 50 -47.69 7.33 -0.50
C ASP C 50 -48.58 8.17 -1.43
N ILE C 51 -48.48 7.96 -2.74
CA ILE C 51 -49.12 8.82 -3.73
C ILE C 51 -50.12 7.96 -4.50
N MET C 52 -51.39 8.38 -4.49
CA MET C 52 -52.44 7.59 -5.13
C MET C 52 -53.59 8.50 -5.57
N GLY C 53 -54.22 8.11 -6.67
CA GLY C 53 -55.52 8.61 -7.05
C GLY C 53 -56.54 7.49 -7.14
N PHE C 54 -57.62 7.76 -7.87
CA PHE C 54 -58.58 6.70 -8.15
C PHE C 54 -57.93 5.61 -9.00
N SER C 55 -58.36 4.37 -8.77
CA SER C 55 -57.71 3.23 -9.41
C SER C 55 -57.95 3.22 -10.91
N PHE C 56 -59.19 3.48 -11.34
CA PHE C 56 -59.53 3.28 -12.75
C PHE C 56 -58.85 4.28 -13.66
N MET C 57 -58.48 5.46 -13.15
CA MET C 57 -57.88 6.47 -14.01
C MET C 57 -56.48 6.07 -14.47
N GLU C 58 -55.81 5.20 -13.73
CA GLU C 58 -54.46 4.78 -14.10
C GLU C 58 -54.47 4.10 -15.47
N LYS C 59 -55.40 3.17 -15.68
CA LYS C 59 -55.47 2.47 -16.95
C LYS C 59 -55.82 3.42 -18.08
N VAL C 60 -56.73 4.37 -17.84
CA VAL C 60 -57.11 5.33 -18.87
C VAL C 60 -55.90 6.15 -19.29
N ASN C 61 -55.15 6.68 -18.32
CA ASN C 61 -53.99 7.48 -18.65
C ASN C 61 -52.93 6.66 -19.39
N GLY C 62 -52.68 5.44 -18.92
CA GLY C 62 -51.69 4.59 -19.58
C GLY C 62 -52.07 4.28 -21.01
N ALA C 63 -53.34 3.94 -21.24
CA ALA C 63 -53.79 3.64 -22.59
C ALA C 63 -53.65 4.85 -23.50
N ILE C 64 -54.07 6.02 -23.00
CA ILE C 64 -53.96 7.23 -23.82
C ILE C 64 -52.50 7.47 -24.22
N TYR C 65 -51.60 7.44 -23.24
CA TYR C 65 -50.20 7.68 -23.52
C TYR C 65 -49.65 6.68 -24.54
N LYS C 66 -49.85 5.40 -24.27
CA LYS C 66 -49.25 4.36 -25.12
C LYS C 66 -49.78 4.44 -26.55
N TYR C 67 -51.10 4.59 -26.70
CA TYR C 67 -51.67 4.58 -28.04
C TYR C 67 -51.31 5.84 -28.80
N THR C 68 -51.26 7.00 -28.14
CA THR C 68 -50.81 8.20 -28.83
C THR C 68 -49.38 8.02 -29.33
N HIS C 69 -48.50 7.54 -28.46
CA HIS C 69 -47.10 7.33 -28.85
C HIS C 69 -47.01 6.41 -30.06
N PHE C 70 -47.66 5.25 -29.98
CA PHE C 70 -47.56 4.27 -31.07
C PHE C 70 -48.15 4.82 -32.36
N ALA C 71 -49.33 5.44 -32.28
CA ALA C 71 -50.00 5.91 -33.50
C ALA C 71 -49.23 7.04 -34.16
N PHE C 72 -48.46 7.83 -33.39
CA PHE C 72 -47.71 8.90 -34.01
C PHE C 72 -46.35 8.42 -34.53
N TYR C 73 -45.76 7.41 -33.89
CA TYR C 73 -44.48 6.91 -34.38
C TYR C 73 -44.65 6.04 -35.61
N ALA C 74 -45.71 5.23 -35.66
CA ALA C 74 -45.87 4.25 -36.72
C ALA C 74 -46.04 4.91 -38.08
N VAL C 75 -46.85 5.97 -38.16
CA VAL C 75 -47.10 6.62 -39.44
C VAL C 75 -45.82 7.24 -39.99
N LEU C 76 -45.05 7.91 -39.13
CA LEU C 76 -43.79 8.48 -39.58
C LEU C 76 -42.84 7.40 -40.06
N ASN C 77 -42.74 6.30 -39.32
CA ASN C 77 -41.89 5.20 -39.74
C ASN C 77 -42.30 4.70 -41.11
N LEU C 78 -43.61 4.45 -41.29
CA LEU C 78 -44.09 3.91 -42.56
C LEU C 78 -43.82 4.88 -43.71
N LEU C 79 -44.02 6.18 -43.47
CA LEU C 79 -43.91 7.14 -44.56
C LEU C 79 -42.46 7.41 -44.96
N LEU C 80 -41.54 7.49 -43.99
CA LEU C 80 -40.21 8.00 -44.27
C LEU C 80 -39.08 6.98 -44.11
N ALA C 81 -39.34 5.78 -43.61
CA ALA C 81 -38.25 4.86 -43.34
C ALA C 81 -37.51 4.41 -44.59
N PRO C 82 -38.16 3.96 -45.66
CA PRO C 82 -37.41 3.33 -46.76
C PRO C 82 -36.33 4.21 -47.38
N PHE C 83 -36.61 5.50 -47.59
CA PHE C 83 -35.66 6.36 -48.29
C PHE C 83 -34.36 6.51 -47.50
N ILE C 84 -34.48 6.69 -46.18
CA ILE C 84 -33.29 6.82 -45.35
C ILE C 84 -32.47 5.54 -45.39
N ALA C 85 -33.15 4.39 -45.34
CA ALA C 85 -32.45 3.12 -45.40
C ALA C 85 -31.68 2.98 -46.70
N PHE C 86 -32.32 3.31 -47.82
CA PHE C 86 -31.65 3.23 -49.11
C PHE C 86 -30.42 4.13 -49.15
N SER C 87 -30.61 5.40 -48.76
CA SER C 87 -29.50 6.36 -48.82
C SER C 87 -28.33 5.90 -47.98
N PHE C 88 -28.58 5.48 -46.75
CA PHE C 88 -27.48 5.12 -45.87
C PHE C 88 -26.85 3.79 -46.28
N GLY C 89 -27.62 2.87 -46.86
CA GLY C 89 -27.01 1.67 -47.39
C GLY C 89 -26.01 1.97 -48.49
N LEU C 90 -26.42 2.82 -49.44
CA LEU C 90 -25.50 3.20 -50.52
C LEU C 90 -24.25 3.90 -49.97
N SER C 91 -24.45 4.84 -49.04
CA SER C 91 -23.34 5.59 -48.47
C SER C 91 -22.37 4.65 -47.75
N PHE C 92 -22.88 3.74 -46.93
CA PHE C 92 -22.01 2.81 -46.21
C PHE C 92 -21.29 1.88 -47.17
N ALA C 93 -21.92 1.47 -48.26
CA ALA C 93 -21.23 0.65 -49.25
C ALA C 93 -19.98 1.37 -49.75
N VAL C 94 -20.14 2.62 -50.19
CA VAL C 94 -18.98 3.34 -50.71
C VAL C 94 -17.91 3.50 -49.63
N MET C 95 -18.32 3.88 -48.42
CA MET C 95 -17.36 4.10 -47.33
C MET C 95 -16.55 2.83 -47.06
N HIS C 96 -17.24 1.70 -46.95
CA HIS C 96 -16.55 0.46 -46.59
C HIS C 96 -15.63 -0.01 -47.70
N PHE C 97 -16.02 0.16 -48.96
CA PHE C 97 -15.09 -0.19 -50.03
C PHE C 97 -13.81 0.64 -49.91
N ALA C 98 -13.97 1.96 -49.73
CA ALA C 98 -12.77 2.80 -49.59
C ALA C 98 -11.89 2.31 -48.45
N VAL C 99 -12.47 2.06 -47.29
CA VAL C 99 -11.67 1.67 -46.13
C VAL C 99 -10.94 0.36 -46.41
N VAL C 100 -11.67 -0.65 -46.90
CA VAL C 100 -11.07 -1.98 -47.01
C VAL C 100 -9.97 -1.99 -48.07
N TRP C 101 -10.16 -1.28 -49.18
CA TRP C 101 -9.26 -1.46 -50.31
C TRP C 101 -8.33 -0.28 -50.60
N PHE C 102 -8.28 0.75 -49.74
CA PHE C 102 -7.27 1.78 -49.93
C PHE C 102 -6.53 2.17 -48.66
N VAL C 103 -7.15 2.00 -47.50
CA VAL C 103 -6.56 2.46 -46.24
C VAL C 103 -5.68 1.39 -45.61
N GLN C 104 -6.21 0.17 -45.51
CA GLN C 104 -5.52 -0.88 -44.76
C GLN C 104 -4.15 -1.25 -45.34
N PRO C 105 -4.00 -1.45 -46.66
CA PRO C 105 -2.65 -1.72 -47.19
C PRO C 105 -1.65 -0.60 -46.89
N ILE C 106 -2.10 0.66 -46.96
CA ILE C 106 -1.22 1.77 -46.64
C ILE C 106 -0.79 1.69 -45.18
N MET C 107 -1.74 1.37 -44.29
CA MET C 107 -1.39 1.21 -42.88
C MET C 107 -0.39 0.09 -42.69
N LYS C 108 -0.49 -0.98 -43.49
CA LYS C 108 0.44 -2.10 -43.36
C LYS C 108 1.85 -1.68 -43.76
N LEU C 109 1.98 -0.91 -44.85
CA LEU C 109 3.30 -0.40 -45.23
C LEU C 109 3.87 0.48 -44.11
N TYR C 110 3.03 1.36 -43.57
CA TYR C 110 3.43 2.20 -42.44
C TYR C 110 3.94 1.35 -41.29
N TYR C 111 3.26 0.23 -41.01
CA TYR C 111 3.67 -0.64 -39.91
C TYR C 111 5.03 -1.27 -40.20
N VAL C 112 5.29 -1.63 -41.46
CA VAL C 112 6.60 -2.17 -41.81
C VAL C 112 7.69 -1.17 -41.42
N TRP C 113 7.52 0.10 -41.81
CA TRP C 113 8.53 1.09 -41.45
C TRP C 113 8.63 1.25 -39.94
N LEU C 114 7.50 1.18 -39.23
CA LEU C 114 7.54 1.30 -37.77
C LEU C 114 8.38 0.20 -37.15
N ARG C 115 8.21 -1.04 -37.62
CA ARG C 115 9.01 -2.14 -37.09
C ARG C 115 10.49 -1.90 -37.36
N VAL C 116 10.81 -1.42 -38.57
CA VAL C 116 12.21 -1.16 -38.88
C VAL C 116 12.79 -0.14 -37.91
N PHE C 117 12.03 0.89 -37.57
CA PHE C 117 12.53 1.88 -36.60
C PHE C 117 12.70 1.25 -35.22
N ASN C 118 11.74 0.43 -34.79
CA ASN C 118 11.83 -0.16 -33.45
C ASN C 118 13.08 -1.01 -33.30
N LEU C 119 13.46 -1.75 -34.37
CA LEU C 119 14.64 -2.59 -34.28
C LEU C 119 15.85 -1.81 -33.77
N ALA C 120 16.02 -0.57 -34.24
CA ALA C 120 17.13 0.26 -33.82
C ALA C 120 16.87 0.98 -32.51
N TYR C 121 15.60 1.32 -32.23
CA TYR C 121 15.31 2.16 -31.07
C TYR C 121 15.36 1.38 -29.77
N GLU C 122 14.70 0.21 -29.70
CA GLU C 122 14.47 -0.39 -28.39
C GLU C 122 15.75 -0.87 -27.70
N PRO C 123 16.62 -1.67 -28.33
CA PRO C 123 17.82 -2.13 -27.61
C PRO C 123 18.70 -1.02 -27.08
N ALA C 124 18.83 0.08 -27.83
CA ALA C 124 19.69 1.17 -27.39
C ALA C 124 19.17 1.79 -26.10
N LEU C 125 17.85 1.97 -25.99
CA LEU C 125 17.27 2.50 -24.77
C LEU C 125 17.41 1.52 -23.61
N ARG C 126 17.15 0.24 -23.88
CA ARG C 126 17.27 -0.76 -22.82
C ARG C 126 18.68 -0.83 -22.26
N LEU C 127 19.70 -0.63 -23.12
CA LEU C 127 21.08 -0.65 -22.64
C LEU C 127 21.27 0.29 -21.47
N VAL C 128 20.88 1.55 -21.63
CA VAL C 128 21.15 2.54 -20.59
C VAL C 128 20.14 2.43 -19.45
N CYS C 129 18.92 1.93 -19.71
CA CYS C 129 17.92 1.95 -18.65
C CYS C 129 17.98 0.74 -17.73
N ASP C 130 18.20 -0.46 -18.26
CA ASP C 130 18.03 -1.66 -17.45
C ASP C 130 18.95 -1.72 -16.24
N PRO C 131 20.25 -1.44 -16.34
CA PRO C 131 21.11 -1.55 -15.14
C PRO C 131 20.62 -0.75 -13.96
N ILE C 132 20.12 0.47 -14.20
CA ILE C 132 19.66 1.32 -13.11
C ILE C 132 18.47 0.67 -12.40
N HIS C 133 17.51 0.17 -13.18
CA HIS C 133 16.29 -0.37 -12.58
C HIS C 133 16.54 -1.74 -11.95
N ARG C 134 17.49 -2.51 -12.48
CA ARG C 134 17.90 -3.72 -11.80
C ARG C 134 18.55 -3.39 -10.46
N SER C 135 19.37 -2.34 -10.43
CA SER C 135 20.00 -1.92 -9.18
C SER C 135 18.98 -1.47 -8.16
N ILE C 136 18.00 -0.67 -8.59
CA ILE C 136 17.01 -0.15 -7.66
C ILE C 136 16.13 -1.27 -7.10
N ALA C 137 16.07 -2.40 -7.79
CA ALA C 137 15.24 -3.51 -7.33
C ALA C 137 15.74 -4.11 -6.03
N LEU C 138 16.97 -3.79 -5.63
CA LEU C 138 17.56 -4.37 -4.42
C LEU C 138 16.96 -3.82 -3.14
N ILE C 139 16.02 -2.86 -3.22
CA ILE C 139 15.45 -2.28 -2.02
C ILE C 139 14.50 -3.25 -1.33
N LEU C 140 13.96 -4.22 -2.07
CA LEU C 140 12.94 -5.13 -1.56
C LEU C 140 13.49 -6.51 -1.25
N SER C 141 14.78 -6.64 -0.98
CA SER C 141 15.42 -7.92 -0.76
C SER C 141 15.87 -8.13 0.69
N GLY C 142 15.23 -7.45 1.64
CA GLY C 142 15.61 -7.58 3.04
C GLY C 142 14.45 -7.68 4.00
N ILE C 143 13.35 -8.30 3.57
CA ILE C 143 12.14 -8.35 4.38
C ILE C 143 12.26 -9.48 5.40
N LYS C 144 11.93 -9.18 6.66
CA LYS C 144 11.83 -10.17 7.71
C LYS C 144 10.75 -9.74 8.69
N GLY C 145 10.14 -10.71 9.35
CA GLY C 145 9.07 -10.40 10.28
C GLY C 145 8.72 -11.59 11.15
N GLN C 146 8.01 -11.29 12.24
CA GLN C 146 7.49 -12.29 13.16
C GLN C 146 6.05 -11.95 13.50
N PHE C 147 5.23 -12.97 13.73
CA PHE C 147 3.82 -12.77 13.99
C PHE C 147 3.33 -13.82 14.99
N LYS C 148 2.24 -13.47 15.67
CA LYS C 148 1.52 -14.40 16.53
C LYS C 148 0.03 -14.14 16.38
N MET C 149 -0.76 -15.21 16.40
CA MET C 149 -2.19 -15.13 16.13
C MET C 149 -2.97 -15.83 17.24
N ASN C 150 -4.22 -15.40 17.41
CA ASN C 150 -5.13 -16.02 18.36
C ASN C 150 -6.52 -16.05 17.75
N SER C 151 -7.33 -17.00 18.23
CA SER C 151 -8.67 -17.17 17.72
C SER C 151 -9.53 -17.84 18.78
N SER C 152 -10.85 -17.73 18.60
CA SER C 152 -11.80 -18.33 19.53
C SER C 152 -13.18 -18.40 18.91
N ASP D 29 -28.20 1.85 -14.69
CA ASP D 29 -28.87 2.83 -15.59
C ASP D 29 -28.62 4.26 -15.11
N VAL D 30 -28.17 5.12 -16.01
CA VAL D 30 -27.85 6.49 -15.63
C VAL D 30 -29.10 7.37 -15.63
N TYR D 31 -30.05 7.08 -16.50
CA TYR D 31 -31.19 7.95 -16.76
C TYR D 31 -32.46 7.44 -16.09
N ARG D 32 -32.32 6.93 -14.86
CA ARG D 32 -33.42 6.40 -14.07
C ARG D 32 -33.73 7.38 -12.94
N LEU D 33 -35.00 7.69 -12.76
CA LEU D 33 -35.40 8.65 -11.73
C LEU D 33 -35.18 8.06 -10.34
N SER D 34 -34.56 8.85 -9.46
CA SER D 34 -34.23 8.36 -8.13
C SER D 34 -35.49 8.22 -7.27
N PRO D 35 -35.45 7.37 -6.24
CA PRO D 35 -36.67 7.07 -5.48
C PRO D 35 -37.22 8.28 -4.76
N HIS D 36 -38.52 8.25 -4.49
CA HIS D 36 -39.24 9.37 -3.90
C HIS D 36 -38.79 9.59 -2.45
N VAL D 37 -39.35 10.64 -1.85
CA VAL D 37 -39.10 10.97 -0.45
C VAL D 37 -40.27 10.41 0.37
N THR D 38 -39.94 9.59 1.38
CA THR D 38 -40.98 9.03 2.22
C THR D 38 -41.74 10.15 2.93
N THR D 39 -43.07 10.06 2.91
CA THR D 39 -43.90 11.13 3.42
C THR D 39 -45.08 10.61 4.24
N GLY D 40 -45.16 9.30 4.49
CA GLY D 40 -46.23 8.78 5.31
C GLY D 40 -46.31 9.48 6.66
N PHE D 41 -47.48 9.35 7.29
CA PHE D 41 -47.73 10.06 8.54
C PHE D 41 -46.66 9.74 9.58
N ALA D 42 -46.43 8.46 9.83
CA ALA D 42 -45.44 8.07 10.83
C ALA D 42 -44.00 8.36 10.39
N ASP D 43 -43.80 8.73 9.12
CA ASP D 43 -42.47 9.04 8.61
C ASP D 43 -42.20 10.53 8.54
N THR D 44 -43.19 11.37 8.80
CA THR D 44 -43.01 12.83 8.79
C THR D 44 -43.34 13.46 10.14
N PHE D 45 -44.36 12.98 10.84
CA PHE D 45 -44.61 13.36 12.23
C PHE D 45 -44.14 12.20 13.12
N LYS D 46 -42.84 12.16 13.38
CA LYS D 46 -42.21 11.00 14.00
C LYS D 46 -41.87 11.27 15.45
N GLU D 47 -42.13 10.28 16.31
CA GLU D 47 -41.92 10.37 17.74
C GLU D 47 -41.11 9.17 18.22
N SER D 48 -40.51 9.30 19.39
CA SER D 48 -39.73 8.23 20.00
C SER D 48 -40.51 7.66 21.19
N ASN D 49 -39.87 6.76 21.93
CA ASN D 49 -40.51 6.16 23.11
C ASN D 49 -40.74 7.18 24.21
N ASP D 50 -39.99 8.29 24.20
CA ASP D 50 -40.10 9.27 25.28
C ASP D 50 -41.21 10.29 25.05
N ILE D 51 -41.81 10.31 23.86
CA ILE D 51 -42.74 11.36 23.46
C ILE D 51 -44.09 10.70 23.21
N MET D 52 -45.11 11.13 23.95
CA MET D 52 -46.43 10.50 23.88
C MET D 52 -47.52 11.52 24.19
N GLY D 53 -48.66 11.34 23.54
CA GLY D 53 -49.91 11.96 23.94
C GLY D 53 -50.97 10.92 24.23
N PHE D 54 -52.22 11.37 24.25
CA PHE D 54 -53.32 10.43 24.38
C PHE D 54 -53.33 9.47 23.19
N SER D 55 -53.74 8.23 23.45
CA SER D 55 -53.65 7.18 22.43
C SER D 55 -54.61 7.45 21.28
N PHE D 56 -55.86 7.83 21.59
CA PHE D 56 -56.88 7.89 20.56
C PHE D 56 -56.64 9.01 19.55
N MET D 57 -55.91 10.06 19.94
CA MET D 57 -55.70 11.18 19.03
C MET D 57 -54.80 10.81 17.87
N GLU D 58 -53.96 9.79 18.04
CA GLU D 58 -53.06 9.40 16.96
C GLU D 58 -53.84 8.96 15.73
N LYS D 59 -54.86 8.12 15.92
CA LYS D 59 -55.65 7.65 14.79
C LYS D 59 -56.40 8.80 14.13
N VAL D 60 -56.93 9.73 14.94
CA VAL D 60 -57.65 10.87 14.39
C VAL D 60 -56.72 11.69 13.50
N ASN D 61 -55.53 12.02 14.01
CA ASN D 61 -54.60 12.83 13.23
C ASN D 61 -54.18 12.10 11.95
N GLY D 62 -53.88 10.81 12.06
CA GLY D 62 -53.47 10.05 10.88
C GLY D 62 -54.56 10.00 9.83
N ALA D 63 -55.81 9.77 10.26
CA ALA D 63 -56.91 9.72 9.30
C ALA D 63 -57.10 11.06 8.63
N ILE D 64 -57.06 12.15 9.41
CA ILE D 64 -57.23 13.48 8.81
C ILE D 64 -56.16 13.71 7.75
N TYR D 65 -54.90 13.47 8.10
CA TYR D 65 -53.81 13.71 7.17
C TYR D 65 -53.97 12.87 5.90
N LYS D 66 -54.18 11.57 6.06
CA LYS D 66 -54.22 10.68 4.90
C LYS D 66 -55.39 11.03 3.98
N TYR D 67 -56.57 11.26 4.56
CA TYR D 67 -57.74 11.50 3.73
C TYR D 67 -57.67 12.85 3.05
N THR D 68 -57.14 13.87 3.73
CA THR D 68 -56.95 15.15 3.07
C THR D 68 -55.99 15.01 1.88
N HIS D 69 -54.87 14.34 2.10
CA HIS D 69 -53.90 14.15 1.01
C HIS D 69 -54.54 13.45 -0.18
N PHE D 70 -55.21 12.32 0.08
CA PHE D 70 -55.80 11.55 -1.01
C PHE D 70 -56.88 12.34 -1.73
N ALA D 71 -57.77 12.99 -0.97
CA ALA D 71 -58.89 13.69 -1.58
C ALA D 71 -58.43 14.88 -2.40
N PHE D 72 -57.29 15.48 -2.04
CA PHE D 72 -56.82 16.62 -2.83
C PHE D 72 -55.99 16.17 -4.03
N TYR D 73 -55.29 15.04 -3.93
CA TYR D 73 -54.50 14.58 -5.08
C TYR D 73 -55.40 13.95 -6.14
N ALA D 74 -56.43 13.21 -5.72
CA ALA D 74 -57.22 12.44 -6.67
C ALA D 74 -57.97 13.33 -7.64
N VAL D 75 -58.55 14.42 -7.15
CA VAL D 75 -59.34 15.28 -8.03
C VAL D 75 -58.45 15.94 -9.08
N LEU D 76 -57.27 16.43 -8.67
CA LEU D 76 -56.34 17.01 -9.63
C LEU D 76 -55.92 15.99 -10.67
N ASN D 77 -55.59 14.77 -10.22
CA ASN D 77 -55.21 13.73 -11.17
C ASN D 77 -56.33 13.49 -12.18
N LEU D 78 -57.56 13.33 -11.69
CA LEU D 78 -58.68 13.04 -12.57
C LEU D 78 -58.91 14.18 -13.56
N LEU D 79 -58.80 15.42 -13.10
CA LEU D 79 -59.13 16.55 -13.96
C LEU D 79 -58.07 16.83 -15.01
N LEU D 80 -56.78 16.70 -14.65
CA LEU D 80 -55.72 17.20 -15.51
C LEU D 80 -54.80 16.13 -16.10
N ALA D 81 -54.93 14.86 -15.68
CA ALA D 81 -53.97 13.86 -16.15
C ALA D 81 -54.02 13.62 -17.64
N PRO D 82 -55.18 13.38 -18.26
CA PRO D 82 -55.18 12.92 -19.67
C PRO D 82 -54.45 13.85 -20.64
N PHE D 83 -54.64 15.17 -20.50
CA PHE D 83 -54.07 16.09 -21.49
C PHE D 83 -52.55 16.05 -21.47
N ILE D 84 -51.96 16.00 -20.27
CA ILE D 84 -50.50 15.94 -20.17
C ILE D 84 -49.98 14.65 -20.80
N ALA D 85 -50.68 13.54 -20.54
CA ALA D 85 -50.27 12.27 -21.12
C ALA D 85 -50.29 12.33 -22.64
N PHE D 86 -51.37 12.88 -23.21
CA PHE D 86 -51.46 12.99 -24.67
C PHE D 86 -50.33 13.84 -25.22
N SER D 87 -50.11 15.02 -24.63
CA SER D 87 -49.09 15.92 -25.14
C SER D 87 -47.72 15.29 -25.09
N PHE D 88 -47.36 14.67 -23.97
CA PHE D 88 -46.02 14.11 -23.86
C PHE D 88 -45.86 12.86 -24.69
N GLY D 89 -46.93 12.08 -24.90
CA GLY D 89 -46.83 10.97 -25.81
C GLY D 89 -46.50 11.41 -27.22
N LEU D 90 -47.21 12.43 -27.72
CA LEU D 90 -46.93 12.95 -29.05
C LEU D 90 -45.50 13.49 -29.14
N SER D 91 -45.09 14.26 -28.13
CA SER D 91 -43.75 14.84 -28.13
C SER D 91 -42.67 13.77 -28.15
N PHE D 92 -42.80 12.74 -27.29
CA PHE D 92 -41.81 11.68 -27.26
C PHE D 92 -41.80 10.89 -28.57
N ALA D 93 -42.95 10.71 -29.20
CA ALA D 93 -42.96 10.05 -30.51
C ALA D 93 -42.05 10.79 -31.49
N VAL D 94 -42.25 12.10 -31.62
CA VAL D 94 -41.44 12.86 -32.57
C VAL D 94 -39.96 12.78 -32.20
N MET D 95 -39.65 12.96 -30.90
CA MET D 95 -38.26 12.95 -30.47
C MET D 95 -37.58 11.64 -30.81
N HIS D 96 -38.25 10.52 -30.49
CA HIS D 96 -37.64 9.21 -30.71
C HIS D 96 -37.47 8.90 -32.18
N PHE D 97 -38.42 9.31 -33.03
CA PHE D 97 -38.21 9.11 -34.46
C PHE D 97 -36.96 9.85 -34.92
N ALA D 98 -36.83 11.12 -34.51
CA ALA D 98 -35.64 11.87 -34.91
C ALA D 98 -34.37 11.15 -34.48
N VAL D 99 -34.31 10.74 -33.21
CA VAL D 99 -33.09 10.11 -32.70
C VAL D 99 -32.78 8.84 -33.48
N VAL D 100 -33.76 7.96 -33.65
CA VAL D 100 -33.48 6.65 -34.21
C VAL D 100 -33.07 6.78 -35.69
N TRP D 101 -33.71 7.68 -36.44
CA TRP D 101 -33.53 7.66 -37.88
C TRP D 101 -32.74 8.83 -38.45
N PHE D 102 -32.14 9.69 -37.62
CA PHE D 102 -31.24 10.69 -38.19
C PHE D 102 -29.91 10.83 -37.44
N VAL D 103 -29.88 10.48 -36.16
CA VAL D 103 -28.68 10.70 -35.36
C VAL D 103 -27.74 9.50 -35.40
N GLN D 104 -28.30 8.30 -35.21
CA GLN D 104 -27.45 7.11 -35.06
C GLN D 104 -26.64 6.79 -36.32
N PRO D 105 -27.20 6.82 -37.53
CA PRO D 105 -26.35 6.60 -38.71
C PRO D 105 -25.20 7.60 -38.83
N ILE D 106 -25.46 8.86 -38.51
CA ILE D 106 -24.40 9.86 -38.55
C ILE D 106 -23.32 9.52 -37.54
N MET D 107 -23.72 9.09 -36.35
CA MET D 107 -22.72 8.68 -35.36
C MET D 107 -21.91 7.49 -35.86
N LYS D 108 -22.55 6.59 -36.61
CA LYS D 108 -21.82 5.43 -37.13
C LYS D 108 -20.76 5.86 -38.15
N LEU D 109 -21.11 6.78 -39.04
CA LEU D 109 -20.12 7.31 -39.97
C LEU D 109 -18.95 7.96 -39.21
N TYR D 110 -19.29 8.77 -38.21
CA TYR D 110 -18.27 9.38 -37.36
C TYR D 110 -17.36 8.32 -36.76
N TYR D 111 -17.94 7.20 -36.32
CA TYR D 111 -17.15 6.13 -35.72
C TYR D 111 -16.21 5.50 -36.74
N VAL D 112 -16.67 5.36 -37.99
CA VAL D 112 -15.79 4.83 -39.04
C VAL D 112 -14.54 5.70 -39.13
N TRP D 113 -14.73 7.01 -39.22
CA TRP D 113 -13.57 7.89 -39.31
C TRP D 113 -12.69 7.79 -38.07
N LEU D 114 -13.30 7.65 -36.89
CA LEU D 114 -12.52 7.52 -35.66
C LEU D 114 -11.62 6.28 -35.71
N ARG D 115 -12.16 5.16 -36.18
CA ARG D 115 -11.36 3.95 -36.29
C ARG D 115 -10.19 4.17 -37.25
N VAL D 116 -10.47 4.84 -38.38
CA VAL D 116 -9.40 5.09 -39.35
C VAL D 116 -8.28 5.89 -38.69
N PHE D 117 -8.63 6.89 -37.87
CA PHE D 117 -7.60 7.67 -37.19
C PHE D 117 -6.83 6.80 -36.18
N ASN D 118 -7.54 5.96 -35.43
CA ASN D 118 -6.86 5.15 -34.43
C ASN D 118 -5.82 4.23 -35.06
N LEU D 119 -6.12 3.68 -36.24
CA LEU D 119 -5.17 2.79 -36.89
C LEU D 119 -3.78 3.42 -37.00
N ALA D 120 -3.73 4.71 -37.31
CA ALA D 120 -2.45 5.40 -37.43
C ALA D 120 -1.93 5.90 -36.10
N TYR D 121 -2.83 6.24 -35.17
CA TYR D 121 -2.39 6.87 -33.92
C TYR D 121 -1.78 5.88 -32.95
N GLU D 122 -2.46 4.75 -32.69
CA GLU D 122 -2.07 3.94 -31.53
C GLU D 122 -0.69 3.30 -31.67
N PRO D 123 -0.36 2.59 -32.76
CA PRO D 123 0.97 1.95 -32.83
C PRO D 123 2.13 2.93 -32.70
N ALA D 124 1.99 4.13 -33.27
CA ALA D 124 3.09 5.10 -33.20
C ALA D 124 3.37 5.51 -31.77
N LEU D 125 2.33 5.71 -30.97
CA LEU D 125 2.52 6.04 -29.56
C LEU D 125 3.10 4.87 -28.79
N ARG D 126 2.60 3.65 -29.05
CA ARG D 126 3.11 2.49 -28.33
C ARG D 126 4.58 2.27 -28.60
N LEU D 127 5.04 2.57 -29.83
CA LEU D 127 6.45 2.41 -30.15
C LEU D 127 7.34 3.13 -29.14
N VAL D 128 7.07 4.41 -28.91
CA VAL D 128 7.95 5.18 -28.04
C VAL D 128 7.65 4.93 -26.57
N CYS D 129 6.43 4.53 -26.22
CA CYS D 129 6.11 4.41 -24.80
C CYS D 129 6.48 3.05 -24.21
N ASP D 130 6.21 1.95 -24.92
CA ASP D 130 6.35 0.63 -24.31
C ASP D 130 7.74 0.33 -23.77
N PRO D 131 8.83 0.58 -24.49
CA PRO D 131 10.15 0.23 -23.94
C PRO D 131 10.43 0.84 -22.57
N ILE D 132 10.04 2.09 -22.37
CA ILE D 132 10.30 2.76 -21.09
C ILE D 132 9.55 2.05 -19.96
N HIS D 133 8.28 1.73 -20.19
CA HIS D 133 7.48 1.13 -19.11
C HIS D 133 7.84 -0.33 -18.89
N ARG D 134 8.29 -1.03 -19.93
CA ARG D 134 8.85 -2.36 -19.72
C ARG D 134 10.11 -2.29 -18.89
N SER D 135 10.95 -1.29 -19.15
CA SER D 135 12.18 -1.14 -18.38
C SER D 135 11.88 -0.82 -16.92
N ILE D 136 10.92 0.08 -16.67
CA ILE D 136 10.61 0.47 -15.30
C ILE D 136 10.01 -0.68 -14.51
N ALA D 137 9.47 -1.69 -15.21
CA ALA D 137 8.85 -2.81 -14.52
C ALA D 137 9.87 -3.66 -13.77
N LEU D 138 11.16 -3.47 -14.02
CA LEU D 138 12.19 -4.27 -13.38
C LEU D 138 12.40 -3.91 -11.91
N ILE D 139 11.67 -2.93 -11.39
CA ILE D 139 11.88 -2.53 -10.00
C ILE D 139 11.28 -3.55 -9.05
N LEU D 140 10.33 -4.37 -9.52
CA LEU D 140 9.61 -5.31 -8.67
C LEU D 140 10.05 -6.75 -8.86
N SER D 141 11.29 -6.98 -9.32
CA SER D 141 11.79 -8.31 -9.63
C SER D 141 12.87 -8.78 -8.66
N GLY D 142 12.89 -8.24 -7.43
CA GLY D 142 13.91 -8.63 -6.47
C GLY D 142 13.38 -8.85 -5.07
N ILE D 143 12.15 -9.34 -4.95
CA ILE D 143 11.51 -9.48 -3.64
C ILE D 143 11.99 -10.78 -2.98
N LYS D 144 12.39 -10.68 -1.71
CA LYS D 144 12.71 -11.84 -0.90
C LYS D 144 12.34 -11.54 0.55
N GLY D 145 12.03 -12.58 1.30
CA GLY D 145 11.63 -12.40 2.68
C GLY D 145 11.61 -13.69 3.45
N GLN D 146 11.60 -13.56 4.78
CA GLN D 146 11.50 -14.68 5.69
C GLN D 146 10.48 -14.34 6.78
N PHE D 147 9.78 -15.37 7.26
CA PHE D 147 8.73 -15.15 8.25
C PHE D 147 8.68 -16.33 9.20
N LYS D 148 8.14 -16.07 10.39
CA LYS D 148 7.83 -17.09 11.37
C LYS D 148 6.52 -16.75 12.05
N MET D 149 5.72 -17.78 12.33
CA MET D 149 4.38 -17.59 12.87
C MET D 149 4.19 -18.44 14.11
N ASN D 150 3.26 -18.00 14.97
CA ASN D 150 2.90 -18.73 16.17
C ASN D 150 1.39 -18.61 16.38
N SER D 151 0.82 -19.59 17.07
CA SER D 151 -0.61 -19.61 17.32
C SER D 151 -0.88 -20.41 18.58
N SER D 152 -2.08 -20.22 19.12
CA SER D 152 -2.50 -20.94 20.32
C SER D 152 -4.01 -20.85 20.51
N ASP E 29 16.31 -12.74 -24.23
CA ASP E 29 17.37 -12.26 -25.14
C ASP E 29 17.08 -10.83 -25.59
N VAL E 30 18.09 -9.96 -25.48
CA VAL E 30 17.91 -8.56 -25.84
C VAL E 30 18.09 -8.35 -27.34
N TYR E 31 18.97 -9.14 -27.97
CA TYR E 31 19.42 -8.91 -29.34
C TYR E 31 18.73 -9.87 -30.31
N ARG E 32 17.44 -10.12 -30.10
CA ARG E 32 16.64 -10.99 -30.93
C ARG E 32 15.71 -10.14 -31.78
N LEU E 33 15.64 -10.42 -33.07
CA LEU E 33 14.78 -9.64 -33.97
C LEU E 33 13.32 -9.91 -33.67
N SER E 34 12.53 -8.85 -33.58
CA SER E 34 11.13 -8.98 -33.22
C SER E 34 10.33 -9.58 -34.37
N PRO E 35 9.18 -10.20 -34.08
CA PRO E 35 8.45 -10.94 -35.12
C PRO E 35 7.94 -10.04 -36.23
N HIS E 36 7.76 -10.64 -37.41
CA HIS E 36 7.38 -9.90 -38.60
C HIS E 36 5.96 -9.35 -38.48
N VAL E 37 5.54 -8.61 -39.50
CA VAL E 37 4.20 -8.06 -39.60
C VAL E 37 3.37 -8.99 -40.48
N THR E 38 2.24 -9.45 -39.95
CA THR E 38 1.36 -10.31 -40.72
C THR E 38 0.87 -9.59 -41.97
N THR E 39 0.94 -10.27 -43.11
CA THR E 39 0.67 -9.65 -44.39
C THR E 39 -0.15 -10.56 -45.31
N GLY E 40 -0.59 -11.72 -44.82
CA GLY E 40 -1.43 -12.59 -45.62
C GLY E 40 -2.65 -11.87 -46.17
N PHE E 41 -3.23 -12.43 -47.21
CA PHE E 41 -4.34 -11.78 -47.89
C PHE E 41 -5.48 -11.46 -46.94
N ALA E 42 -5.94 -12.46 -46.19
CA ALA E 42 -7.03 -12.25 -45.25
C ALA E 42 -6.63 -11.40 -44.05
N ASP E 43 -5.34 -11.13 -43.88
CA ASP E 43 -4.86 -10.30 -42.78
C ASP E 43 -4.59 -8.85 -43.18
N THR E 44 -4.66 -8.53 -44.47
CA THR E 44 -4.47 -7.17 -44.96
C THR E 44 -5.70 -6.61 -45.66
N PHE E 45 -6.39 -7.41 -46.46
CA PHE E 45 -7.69 -7.03 -47.02
C PHE E 45 -8.78 -7.72 -46.20
N LYS E 46 -9.06 -7.19 -45.02
CA LYS E 46 -9.87 -7.86 -44.03
C LYS E 46 -11.29 -7.31 -44.01
N GLU E 47 -12.27 -8.21 -43.91
CA GLU E 47 -13.68 -7.87 -43.92
C GLU E 47 -14.38 -8.51 -42.73
N SER E 48 -15.55 -8.00 -42.39
CA SER E 48 -16.37 -8.53 -41.31
C SER E 48 -17.59 -9.26 -41.89
N ASN E 49 -18.49 -9.69 -40.99
CA ASN E 49 -19.69 -10.38 -41.44
C ASN E 49 -20.63 -9.46 -42.21
N ASP E 50 -20.49 -8.14 -42.05
CA ASP E 50 -21.41 -7.20 -42.69
C ASP E 50 -20.97 -6.82 -44.09
N ILE E 51 -19.76 -7.21 -44.52
CA ILE E 51 -19.17 -6.76 -45.76
C ILE E 51 -18.94 -7.97 -46.64
N MET E 52 -19.56 -7.98 -47.83
CA MET E 52 -19.47 -9.13 -48.72
C MET E 52 -19.57 -8.68 -50.17
N GLY E 53 -18.90 -9.42 -51.05
CA GLY E 53 -19.15 -9.40 -52.47
C GLY E 53 -19.53 -10.77 -52.98
N PHE E 54 -19.41 -10.94 -54.29
CA PHE E 54 -19.63 -12.26 -54.87
C PHE E 54 -18.60 -13.24 -54.31
N SER E 55 -19.03 -14.49 -54.15
CA SER E 55 -18.17 -15.49 -53.49
C SER E 55 -16.94 -15.82 -54.34
N PHE E 56 -17.13 -16.00 -55.65
CA PHE E 56 -16.05 -16.53 -56.47
C PHE E 56 -14.90 -15.53 -56.63
N MET E 57 -15.17 -14.23 -56.50
CA MET E 57 -14.11 -13.25 -56.71
C MET E 57 -13.07 -13.30 -55.60
N GLU E 58 -13.44 -13.80 -54.43
CA GLU E 58 -12.49 -13.86 -53.33
C GLU E 58 -11.29 -14.73 -53.68
N LYS E 59 -11.55 -15.92 -54.24
CA LYS E 59 -10.45 -16.81 -54.61
C LYS E 59 -9.60 -16.20 -55.71
N VAL E 60 -10.23 -15.53 -56.68
CA VAL E 60 -9.47 -14.92 -57.77
C VAL E 60 -8.51 -13.86 -57.20
N ASN E 61 -9.03 -12.98 -56.34
CA ASN E 61 -8.20 -11.93 -55.78
C ASN E 61 -7.07 -12.53 -54.94
N GLY E 62 -7.39 -13.52 -54.10
CA GLY E 62 -6.36 -14.13 -53.28
C GLY E 62 -5.27 -14.77 -54.10
N ALA E 63 -5.65 -15.50 -55.14
CA ALA E 63 -4.66 -16.16 -56.00
C ALA E 63 -3.78 -15.12 -56.69
N ILE E 64 -4.38 -14.06 -57.22
CA ILE E 64 -3.60 -13.03 -57.89
C ILE E 64 -2.57 -12.46 -56.92
N TYR E 65 -3.03 -12.06 -55.73
CA TYR E 65 -2.13 -11.46 -54.75
C TYR E 65 -0.98 -12.40 -54.40
N LYS E 66 -1.32 -13.64 -54.02
CA LYS E 66 -0.32 -14.57 -53.54
C LYS E 66 0.71 -14.89 -54.62
N TYR E 67 0.24 -15.16 -55.84
CA TYR E 67 1.16 -15.57 -56.89
C TYR E 67 2.03 -14.40 -57.35
N THR E 68 1.47 -13.19 -57.40
CA THR E 68 2.32 -12.04 -57.73
C THR E 68 3.41 -11.87 -56.68
N HIS E 69 3.04 -11.92 -55.39
CA HIS E 69 4.02 -11.77 -54.33
C HIS E 69 5.12 -12.82 -54.46
N PHE E 70 4.74 -14.08 -54.58
CA PHE E 70 5.74 -15.15 -54.64
C PHE E 70 6.63 -15.02 -55.87
N ALA E 71 6.03 -14.77 -57.03
CA ALA E 71 6.79 -14.73 -58.26
C ALA E 71 7.75 -13.55 -58.29
N PHE E 72 7.43 -12.46 -57.58
CA PHE E 72 8.36 -11.34 -57.57
C PHE E 72 9.42 -11.47 -56.50
N TYR E 73 9.12 -12.15 -55.39
CA TYR E 73 10.14 -12.33 -54.35
C TYR E 73 11.14 -13.40 -54.74
N ALA E 74 10.68 -14.49 -55.37
CA ALA E 74 11.54 -15.63 -55.64
C ALA E 74 12.68 -15.28 -56.58
N VAL E 75 12.38 -14.53 -57.65
CA VAL E 75 13.43 -14.22 -58.63
C VAL E 75 14.50 -13.34 -58.00
N LEU E 76 14.11 -12.34 -57.22
CA LEU E 76 15.09 -11.51 -56.54
C LEU E 76 15.95 -12.34 -55.59
N ASN E 77 15.31 -13.22 -54.81
CA ASN E 77 16.07 -14.08 -53.91
C ASN E 77 17.09 -14.90 -54.68
N LEU E 78 16.64 -15.55 -55.76
CA LEU E 78 17.54 -16.40 -56.54
C LEU E 78 18.69 -15.61 -57.13
N LEU E 79 18.42 -14.40 -57.63
CA LEU E 79 19.45 -13.64 -58.32
C LEU E 79 20.46 -13.04 -57.36
N LEU E 80 20.03 -12.52 -56.21
CA LEU E 80 20.89 -11.69 -55.38
C LEU E 80 21.24 -12.28 -54.02
N ALA E 81 20.67 -13.42 -53.64
CA ALA E 81 20.92 -13.93 -52.29
C ALA E 81 22.37 -14.34 -52.05
N PRO E 82 23.01 -15.13 -52.92
CA PRO E 82 24.33 -15.69 -52.53
C PRO E 82 25.39 -14.65 -52.20
N PHE E 83 25.46 -13.56 -52.96
CA PHE E 83 26.54 -12.59 -52.74
C PHE E 83 26.43 -11.93 -51.37
N ILE E 84 25.21 -11.58 -50.96
CA ILE E 84 25.01 -10.96 -49.66
C ILE E 84 25.42 -11.94 -48.56
N ALA E 85 25.05 -13.20 -48.72
CA ALA E 85 25.40 -14.21 -47.72
C ALA E 85 26.91 -14.33 -47.59
N PHE E 86 27.62 -14.40 -48.72
CA PHE E 86 29.08 -14.50 -48.69
C PHE E 86 29.69 -13.29 -47.98
N SER E 87 29.27 -12.08 -48.38
CA SER E 87 29.85 -10.87 -47.82
C SER E 87 29.64 -10.82 -46.31
N PHE E 88 28.41 -11.08 -45.86
CA PHE E 88 28.14 -10.95 -44.43
C PHE E 88 28.77 -12.08 -43.63
N GLY E 89 28.93 -13.27 -44.22
CA GLY E 89 29.65 -14.32 -43.53
C GLY E 89 31.10 -13.92 -43.27
N LEU E 90 31.77 -13.39 -44.31
CA LEU E 90 33.15 -12.96 -44.12
C LEU E 90 33.24 -11.83 -43.08
N SER E 91 32.34 -10.86 -43.17
CA SER E 91 32.35 -9.73 -42.24
C SER E 91 32.16 -10.20 -40.80
N PHE E 92 31.17 -11.07 -40.57
CA PHE E 92 30.92 -11.57 -39.22
C PHE E 92 32.09 -12.39 -38.71
N ALA E 93 32.76 -13.15 -39.58
CA ALA E 93 33.94 -13.88 -39.14
C ALA E 93 34.97 -12.93 -38.55
N VAL E 94 35.30 -11.86 -39.29
CA VAL E 94 36.31 -10.92 -38.80
C VAL E 94 35.84 -10.28 -37.48
N MET E 95 34.57 -9.84 -37.44
CA MET E 95 34.07 -9.17 -36.24
C MET E 95 34.17 -10.07 -35.02
N HIS E 96 33.74 -11.33 -35.16
CA HIS E 96 33.72 -12.23 -34.02
C HIS E 96 35.13 -12.59 -33.56
N PHE E 97 36.07 -12.75 -34.50
CA PHE E 97 37.45 -13.00 -34.06
C PHE E 97 37.94 -11.83 -33.22
N ALA E 98 37.73 -10.60 -33.70
CA ALA E 98 38.18 -9.44 -32.94
C ALA E 98 37.56 -9.45 -31.53
N VAL E 99 36.24 -9.65 -31.44
CA VAL E 99 35.59 -9.60 -30.14
C VAL E 99 36.15 -10.67 -29.22
N VAL E 100 36.25 -11.91 -29.69
CA VAL E 100 36.59 -13.01 -28.79
C VAL E 100 38.03 -12.87 -28.32
N TRP E 101 38.95 -12.44 -29.19
CA TRP E 101 40.37 -12.53 -28.85
C TRP E 101 41.05 -11.19 -28.60
N PHE E 102 40.32 -10.07 -28.53
CA PHE E 102 40.99 -8.85 -28.11
C PHE E 102 40.20 -8.04 -27.08
N VAL E 103 38.88 -8.18 -27.05
CA VAL E 103 38.05 -7.36 -26.17
C VAL E 103 37.86 -8.01 -24.80
N GLN E 104 37.53 -9.30 -24.79
CA GLN E 104 37.15 -9.96 -23.54
C GLN E 104 38.30 -10.00 -22.52
N PRO E 105 39.53 -10.37 -22.89
CA PRO E 105 40.62 -10.31 -21.90
C PRO E 105 40.82 -8.91 -21.31
N ILE E 106 40.71 -7.87 -22.13
CA ILE E 106 40.84 -6.51 -21.63
C ILE E 106 39.74 -6.22 -20.62
N MET E 107 38.51 -6.64 -20.92
CA MET E 107 37.42 -6.46 -19.98
C MET E 107 37.70 -7.20 -18.68
N LYS E 108 38.34 -8.36 -18.76
CA LYS E 108 38.64 -9.12 -17.54
C LYS E 108 39.65 -8.38 -16.66
N LEU E 109 40.69 -7.81 -17.28
CA LEU E 109 41.63 -7.00 -16.51
C LEU E 109 40.92 -5.82 -15.85
N TYR E 110 40.07 -5.14 -16.62
CA TYR E 110 39.27 -4.05 -16.09
C TYR E 110 38.46 -4.50 -14.87
N TYR E 111 37.89 -5.71 -14.95
CA TYR E 111 37.10 -6.23 -13.83
C TYR E 111 37.97 -6.48 -12.60
N VAL E 112 39.21 -6.94 -12.81
CA VAL E 112 40.12 -7.12 -11.68
C VAL E 112 40.28 -5.80 -10.94
N TRP E 113 40.56 -4.73 -11.68
CA TRP E 113 40.73 -3.42 -11.02
C TRP E 113 39.44 -2.99 -10.33
N LEU E 114 38.29 -3.27 -10.95
CA LEU E 114 37.01 -2.90 -10.34
C LEU E 114 36.83 -3.59 -8.99
N ARG E 115 37.15 -4.88 -8.93
CA ARG E 115 37.04 -5.59 -7.66
C ARG E 115 37.95 -4.99 -6.61
N VAL E 116 39.18 -4.64 -7.01
CA VAL E 116 40.11 -4.03 -6.06
C VAL E 116 39.51 -2.75 -5.50
N PHE E 117 38.88 -1.93 -6.35
CA PHE E 117 38.25 -0.70 -5.85
C PHE E 117 37.11 -1.00 -4.90
N ASN E 118 36.27 -1.99 -5.24
CA ASN E 118 35.12 -2.30 -4.40
C ASN E 118 35.55 -2.71 -2.99
N LEU E 119 36.65 -3.47 -2.88
CA LEU E 119 37.11 -3.89 -1.57
C LEU E 119 37.23 -2.72 -0.60
N ALA E 120 37.72 -1.58 -1.09
CA ALA E 120 37.88 -0.39 -0.25
C ALA E 120 36.61 0.42 -0.16
N TYR E 121 35.79 0.42 -1.22
CA TYR E 121 34.63 1.31 -1.25
C TYR E 121 33.49 0.81 -0.37
N GLU E 122 33.11 -0.46 -0.51
CA GLU E 122 31.83 -0.89 0.05
C GLU E 122 31.79 -0.84 1.58
N PRO E 123 32.75 -1.44 2.32
CA PRO E 123 32.66 -1.41 3.79
C PRO E 123 32.61 -0.01 4.37
N ALA E 124 33.36 0.93 3.80
CA ALA E 124 33.37 2.29 4.34
C ALA E 124 32.00 2.93 4.25
N LEU E 125 31.30 2.73 3.13
CA LEU E 125 29.95 3.27 3.00
C LEU E 125 28.98 2.58 3.94
N ARG E 126 29.07 1.25 4.05
CA ARG E 126 28.16 0.53 4.93
C ARG E 126 28.33 0.97 6.37
N LEU E 127 29.56 1.32 6.78
CA LEU E 127 29.78 1.77 8.15
C LEU E 127 28.84 2.91 8.51
N VAL E 128 28.82 3.97 7.69
CA VAL E 128 28.02 5.14 8.02
C VAL E 128 26.55 4.93 7.70
N CYS E 129 26.21 4.07 6.74
CA CYS E 129 24.81 3.98 6.35
C CYS E 129 24.00 3.00 7.21
N ASP E 130 24.55 1.84 7.55
CA ASP E 130 23.74 0.80 8.17
C ASP E 130 23.09 1.21 9.49
N PRO E 131 23.79 1.85 10.43
CA PRO E 131 23.12 2.20 11.70
C PRO E 131 21.85 3.00 11.52
N ILE E 132 21.84 3.96 10.60
CA ILE E 132 20.67 4.81 10.39
C ILE E 132 19.49 3.97 9.91
N HIS E 133 19.73 3.09 8.94
CA HIS E 133 18.62 2.32 8.37
C HIS E 133 18.17 1.21 9.30
N ARG E 134 19.07 0.67 10.13
CA ARG E 134 18.63 -0.23 11.19
C ARG E 134 17.75 0.49 12.19
N SER E 135 18.11 1.74 12.52
CA SER E 135 17.31 2.52 13.46
C SER E 135 15.93 2.83 12.89
N ILE E 136 15.87 3.21 11.61
CA ILE E 136 14.60 3.56 11.00
C ILE E 136 13.69 2.35 10.89
N ALA E 137 14.26 1.14 10.92
CA ALA E 137 13.44 -0.06 10.79
C ALA E 137 12.52 -0.27 11.97
N LEU E 138 12.72 0.45 13.07
CA LEU E 138 11.91 0.28 14.27
C LEU E 138 10.51 0.86 14.14
N ILE E 139 10.17 1.46 13.00
CA ILE E 139 8.85 2.05 12.84
C ILE E 139 7.79 0.97 12.65
N LEU E 140 8.18 -0.23 12.21
CA LEU E 140 7.24 -1.29 11.89
C LEU E 140 7.18 -2.38 12.94
N SER E 141 7.55 -2.06 14.20
CA SER E 141 7.63 -3.06 15.26
C SER E 141 6.54 -2.88 16.31
N GLY E 142 5.41 -2.27 15.97
CA GLY E 142 4.35 -2.05 16.93
C GLY E 142 2.96 -2.32 16.39
N ILE E 143 2.82 -3.30 15.49
CA ILE E 143 1.55 -3.57 14.85
C ILE E 143 0.68 -4.42 15.76
N LYS E 144 -0.58 -4.02 15.92
CA LYS E 144 -1.57 -4.82 16.62
C LYS E 144 -2.93 -4.57 15.99
N GLY E 145 -3.82 -5.54 16.10
CA GLY E 145 -5.13 -5.41 15.51
C GLY E 145 -6.09 -6.48 15.98
N GLN E 146 -7.37 -6.22 15.76
CA GLN E 146 -8.44 -7.17 16.06
C GLN E 146 -9.40 -7.20 14.88
N PHE E 147 -9.99 -8.38 14.64
CA PHE E 147 -10.88 -8.56 13.50
C PHE E 147 -12.00 -9.52 13.86
N LYS E 148 -13.09 -9.40 13.13
CA LYS E 148 -14.21 -10.35 13.21
C LYS E 148 -14.76 -10.56 11.80
N MET E 149 -15.15 -11.80 11.51
CA MET E 149 -15.57 -12.19 10.17
C MET E 149 -16.92 -12.88 10.23
N ASN E 150 -17.65 -12.82 9.11
CA ASN E 150 -18.92 -13.50 8.96
C ASN E 150 -19.02 -14.05 7.56
N SER E 151 -19.83 -15.10 7.40
CA SER E 151 -19.99 -15.74 6.10
C SER E 151 -21.34 -16.45 6.08
N SER E 152 -21.78 -16.75 4.86
CA SER E 152 -23.05 -17.45 4.66
C SER E 152 -23.14 -18.03 3.26
N ASP F 29 27.03 -13.57 -10.02
CA ASP F 29 28.40 -13.09 -10.34
C ASP F 29 28.34 -11.79 -11.13
N VAL F 30 29.07 -10.78 -10.65
CA VAL F 30 29.04 -9.47 -11.31
C VAL F 30 29.97 -9.45 -12.52
N TYR F 31 31.08 -10.19 -12.46
CA TYR F 31 32.17 -10.09 -13.44
C TYR F 31 32.14 -11.23 -14.43
N ARG F 32 30.94 -11.62 -14.86
CA ARG F 32 30.73 -12.69 -15.83
C ARG F 32 30.32 -12.07 -17.16
N LEU F 33 30.96 -12.51 -18.24
CA LEU F 33 30.66 -11.98 -19.56
C LEU F 33 29.26 -12.38 -20.00
N SER F 34 28.49 -11.41 -20.50
CA SER F 34 27.12 -11.67 -20.89
C SER F 34 27.07 -12.53 -22.15
N PRO F 35 25.97 -13.23 -22.38
CA PRO F 35 25.91 -14.18 -23.50
C PRO F 35 26.02 -13.50 -24.86
N HIS F 36 26.48 -14.26 -25.84
CA HIS F 36 26.76 -13.73 -27.17
C HIS F 36 25.46 -13.35 -27.88
N VAL F 37 25.61 -12.80 -29.09
CA VAL F 37 24.49 -12.44 -29.94
C VAL F 37 24.27 -13.57 -30.94
N THR F 38 23.05 -14.10 -30.99
CA THR F 38 22.74 -15.16 -31.94
C THR F 38 22.94 -14.67 -33.35
N THR F 39 23.62 -15.47 -34.17
CA THR F 39 24.03 -15.06 -35.50
C THR F 39 23.83 -16.17 -36.53
N GLY F 40 23.27 -17.31 -36.15
CA GLY F 40 23.00 -18.37 -37.10
C GLY F 40 22.22 -17.87 -38.29
N PHE F 41 22.28 -18.65 -39.38
CA PHE F 41 21.66 -18.23 -40.63
C PHE F 41 20.18 -17.94 -40.45
N ALA F 42 19.44 -18.88 -39.87
CA ALA F 42 18.01 -18.68 -39.67
C ALA F 42 17.69 -17.65 -38.60
N ASP F 43 18.70 -17.19 -37.85
CA ASP F 43 18.50 -16.18 -36.82
C ASP F 43 18.90 -14.78 -37.27
N THR F 44 19.48 -14.64 -38.45
CA THR F 44 19.84 -13.33 -39.00
C THR F 44 19.14 -13.02 -40.32
N PHE F 45 19.00 -14.00 -41.21
CA PHE F 45 18.16 -13.87 -42.40
C PHE F 45 16.83 -14.58 -42.14
N LYS F 46 15.96 -13.93 -41.39
CA LYS F 46 14.77 -14.57 -40.84
C LYS F 46 13.53 -14.20 -41.64
N GLU F 47 12.68 -15.19 -41.89
CA GLU F 47 11.46 -15.03 -42.68
C GLU F 47 10.28 -15.61 -41.91
N SER F 48 9.07 -15.20 -42.31
CA SER F 48 7.84 -15.70 -41.71
C SER F 48 7.14 -16.64 -42.69
N ASN F 49 5.91 -17.04 -42.32
CA ASN F 49 5.14 -17.94 -43.18
C ASN F 49 4.70 -17.25 -44.47
N ASP F 50 4.69 -15.92 -44.50
CA ASP F 50 4.21 -15.17 -45.65
C ASP F 50 5.29 -14.94 -46.70
N ILE F 51 6.55 -15.23 -46.37
CA ILE F 51 7.69 -14.86 -47.20
C ILE F 51 8.39 -16.14 -47.62
N MET F 52 8.48 -16.37 -48.93
CA MET F 52 9.05 -17.61 -49.45
C MET F 52 9.70 -17.37 -50.80
N GLY F 53 10.76 -18.13 -51.08
CA GLY F 53 11.28 -18.31 -52.40
C GLY F 53 11.27 -19.77 -52.80
N PHE F 54 12.08 -20.10 -53.81
CA PHE F 54 12.25 -21.49 -54.17
C PHE F 54 12.88 -22.26 -53.01
N SER F 55 12.49 -23.53 -52.88
CA SER F 55 12.91 -24.32 -51.73
C SER F 55 14.42 -24.59 -51.76
N PHE F 56 14.95 -24.96 -52.92
CA PHE F 56 16.32 -25.45 -52.98
C PHE F 56 17.34 -24.36 -52.71
N MET F 57 17.00 -23.10 -52.95
CA MET F 57 17.96 -22.01 -52.77
C MET F 57 18.28 -21.79 -51.29
N GLU F 58 17.37 -22.18 -50.40
CA GLU F 58 17.62 -21.98 -48.97
C GLU F 58 18.86 -22.73 -48.51
N LYS F 59 18.98 -24.01 -48.92
CA LYS F 59 20.14 -24.80 -48.53
C LYS F 59 21.42 -24.23 -49.12
N VAL F 60 21.36 -23.78 -50.38
CA VAL F 60 22.55 -23.21 -51.02
C VAL F 60 23.03 -21.98 -50.25
N ASN F 61 22.09 -21.07 -49.93
CA ASN F 61 22.47 -19.86 -49.21
C ASN F 61 23.02 -20.19 -47.83
N GLY F 62 22.37 -21.11 -47.12
CA GLY F 62 22.83 -21.48 -45.79
C GLY F 62 24.22 -22.09 -45.82
N ALA F 63 24.47 -22.98 -46.78
CA ALA F 63 25.78 -23.60 -46.89
C ALA F 63 26.85 -22.56 -47.20
N ILE F 64 26.57 -21.66 -48.14
CA ILE F 64 27.54 -20.63 -48.48
C ILE F 64 27.90 -19.82 -47.25
N TYR F 65 26.87 -19.33 -46.54
CA TYR F 65 27.10 -18.50 -45.36
C TYR F 65 27.94 -19.25 -44.33
N LYS F 66 27.50 -20.46 -43.96
CA LYS F 66 28.14 -21.19 -42.88
C LYS F 66 29.59 -21.51 -43.22
N TYR F 67 29.84 -21.99 -44.44
CA TYR F 67 31.19 -22.42 -44.80
C TYR F 67 32.12 -21.21 -44.94
N THR F 68 31.63 -20.10 -45.48
CA THR F 68 32.46 -18.90 -45.53
C THR F 68 32.85 -18.47 -44.12
N HIS F 69 31.86 -18.41 -43.21
CA HIS F 69 32.15 -18.00 -41.84
C HIS F 69 33.20 -18.90 -41.20
N PHE F 70 32.99 -20.21 -41.28
CA PHE F 70 33.91 -21.15 -40.64
C PHE F 70 35.30 -21.07 -41.26
N ALA F 71 35.38 -21.04 -42.59
CA ALA F 71 36.68 -21.06 -43.25
C ALA F 71 37.46 -19.78 -42.99
N PHE F 72 36.77 -18.67 -42.74
CA PHE F 72 37.50 -17.43 -42.46
C PHE F 72 37.86 -17.30 -40.99
N TYR F 73 37.06 -17.87 -40.09
CA TYR F 73 37.39 -17.78 -38.67
C TYR F 73 38.50 -18.76 -38.31
N ALA F 74 38.48 -19.97 -38.89
CA ALA F 74 39.39 -21.02 -38.47
C ALA F 74 40.84 -20.65 -38.76
N VAL F 75 41.11 -20.09 -39.94
CA VAL F 75 42.49 -19.77 -40.29
C VAL F 75 43.05 -18.70 -39.37
N LEU F 76 42.27 -17.66 -39.08
CA LEU F 76 42.72 -16.63 -38.15
C LEU F 76 42.99 -17.23 -36.78
N ASN F 77 42.08 -18.07 -36.28
CA ASN F 77 42.29 -18.70 -34.99
C ASN F 77 43.59 -19.49 -34.98
N LEU F 78 43.81 -20.32 -36.01
CA LEU F 78 45.00 -21.14 -36.06
C LEU F 78 46.27 -20.30 -36.12
N LEU F 79 46.25 -19.21 -36.89
CA LEU F 79 47.45 -18.43 -37.08
C LEU F 79 47.81 -17.58 -35.87
N LEU F 80 46.81 -16.97 -35.20
CA LEU F 80 47.09 -15.95 -34.21
C LEU F 80 46.72 -16.32 -32.78
N ALA F 81 46.06 -17.45 -32.55
CA ALA F 81 45.59 -17.75 -31.19
C ALA F 81 46.72 -17.94 -30.19
N PRO F 82 47.75 -18.76 -30.45
CA PRO F 82 48.70 -19.08 -29.37
C PRO F 82 49.38 -17.88 -28.73
N PHE F 83 49.80 -16.89 -29.51
CA PHE F 83 50.56 -15.79 -28.96
C PHE F 83 49.74 -14.97 -27.97
N ILE F 84 48.47 -14.73 -28.30
CA ILE F 84 47.60 -13.98 -27.41
C ILE F 84 47.41 -14.75 -26.10
N ALA F 85 47.23 -16.06 -26.21
CA ALA F 85 47.05 -16.89 -25.02
C ALA F 85 48.28 -16.80 -24.12
N PHE F 86 49.47 -16.92 -24.71
CA PHE F 86 50.70 -16.83 -23.92
C PHE F 86 50.80 -15.47 -23.23
N SER F 87 50.62 -14.39 -23.99
CA SER F 87 50.77 -13.06 -23.43
C SER F 87 49.80 -12.83 -22.27
N PHE F 88 48.53 -13.19 -22.46
CA PHE F 88 47.55 -12.91 -21.42
C PHE F 88 47.72 -13.85 -20.22
N GLY F 89 48.20 -15.08 -20.43
CA GLY F 89 48.50 -15.92 -19.30
C GLY F 89 49.58 -15.31 -18.42
N LEU F 90 50.67 -14.86 -19.04
CA LEU F 90 51.74 -14.23 -18.27
C LEU F 90 51.24 -12.98 -17.54
N SER F 91 50.47 -12.14 -18.23
CA SER F 91 49.95 -10.91 -17.64
C SER F 91 49.06 -11.21 -16.44
N PHE F 92 48.13 -12.17 -16.60
CA PHE F 92 47.24 -12.52 -15.49
C PHE F 92 48.00 -13.11 -14.32
N ALA F 93 49.06 -13.89 -14.59
CA ALA F 93 49.87 -14.40 -13.49
C ALA F 93 50.40 -13.26 -12.64
N VAL F 94 51.04 -12.26 -13.29
CA VAL F 94 51.60 -11.15 -12.51
C VAL F 94 50.49 -10.41 -11.75
N MET F 95 49.37 -10.13 -12.43
CA MET F 95 48.29 -9.38 -11.80
C MET F 95 47.77 -10.10 -10.56
N HIS F 96 47.52 -11.41 -10.68
CA HIS F 96 46.95 -12.15 -9.56
C HIS F 96 47.93 -12.27 -8.40
N PHE F 97 49.23 -12.45 -8.69
CA PHE F 97 50.18 -12.45 -7.58
C PHE F 97 50.12 -11.13 -6.82
N ALA F 98 50.14 -10.01 -7.55
CA ALA F 98 50.07 -8.71 -6.89
C ALA F 98 48.83 -8.63 -6.01
N VAL F 99 47.66 -8.98 -6.56
CA VAL F 99 46.42 -8.84 -5.81
C VAL F 99 46.46 -9.70 -4.55
N VAL F 100 46.84 -10.96 -4.68
CA VAL F 100 46.72 -11.88 -3.56
C VAL F 100 47.70 -11.52 -2.45
N TRP F 101 48.92 -11.09 -2.80
CA TRP F 101 49.96 -10.96 -1.79
C TRP F 101 50.36 -9.53 -1.45
N PHE F 102 49.65 -8.51 -1.96
CA PHE F 102 49.95 -7.16 -1.48
C PHE F 102 48.71 -6.34 -1.15
N VAL F 103 47.57 -6.64 -1.77
CA VAL F 103 46.38 -5.82 -1.59
C VAL F 103 45.53 -6.31 -0.41
N GLN F 104 45.30 -7.62 -0.33
CA GLN F 104 44.36 -8.16 0.64
C GLN F 104 44.80 -7.93 2.09
N PRO F 105 46.07 -8.17 2.47
CA PRO F 105 46.47 -7.86 3.85
C PRO F 105 46.28 -6.39 4.21
N ILE F 106 46.57 -5.48 3.27
CA ILE F 106 46.37 -4.06 3.52
C ILE F 106 44.89 -3.78 3.77
N MET F 107 44.03 -4.40 2.96
CA MET F 107 42.60 -4.23 3.18
C MET F 107 42.19 -4.75 4.54
N LYS F 108 42.83 -5.82 5.01
CA LYS F 108 42.48 -6.37 6.31
C LYS F 108 42.85 -5.40 7.44
N LEU F 109 44.03 -4.80 7.35
CA LEU F 109 44.40 -3.79 8.34
C LEU F 109 43.40 -2.62 8.32
N TYR F 110 43.05 -2.17 7.13
CA TYR F 110 42.04 -1.12 6.97
C TYR F 110 40.74 -1.52 7.67
N TYR F 111 40.34 -2.79 7.53
CA TYR F 111 39.11 -3.27 8.15
C TYR F 111 39.22 -3.24 9.68
N VAL F 112 40.40 -3.57 10.21
CA VAL F 112 40.59 -3.48 11.65
C VAL F 112 40.29 -2.07 12.14
N TRP F 113 40.87 -1.07 11.46
CA TRP F 113 40.61 0.30 11.89
C TRP F 113 39.14 0.67 11.72
N LEU F 114 38.50 0.17 10.67
CA LEU F 114 37.08 0.45 10.48
C LEU F 114 36.25 -0.08 11.65
N ARG F 115 36.55 -1.30 12.10
CA ARG F 115 35.81 -1.86 13.24
C ARG F 115 36.03 -1.00 14.47
N VAL F 116 37.27 -0.57 14.70
CA VAL F 116 37.55 0.26 15.86
C VAL F 116 36.71 1.54 15.82
N PHE F 117 36.57 2.14 14.64
CA PHE F 117 35.72 3.33 14.53
C PHE F 117 34.25 3.02 14.80
N ASN F 118 33.76 1.89 14.26
CA ASN F 118 32.35 1.56 14.44
C ASN F 118 32.01 1.39 15.92
N LEU F 119 32.92 0.79 16.70
CA LEU F 119 32.64 0.60 18.12
C LEU F 119 32.21 1.90 18.78
N ALA F 120 32.83 3.01 18.44
CA ALA F 120 32.49 4.30 19.02
C ALA F 120 31.32 4.96 18.31
N TYR F 121 31.17 4.72 17.00
CA TYR F 121 30.16 5.45 16.24
C TYR F 121 28.74 4.93 16.48
N GLU F 122 28.54 3.61 16.40
CA GLU F 122 27.16 3.10 16.31
C GLU F 122 26.35 3.34 17.58
N PRO F 123 26.81 2.96 18.77
CA PRO F 123 25.96 3.16 19.97
C PRO F 123 25.55 4.62 20.19
N ALA F 124 26.45 5.57 19.93
CA ALA F 124 26.13 6.96 20.15
C ALA F 124 24.98 7.42 19.26
N LEU F 125 24.98 6.99 18.00
CA LEU F 125 23.88 7.34 17.10
C LEU F 125 22.58 6.65 17.54
N ARG F 126 22.67 5.37 17.91
CA ARG F 126 21.46 4.66 18.31
C ARG F 126 20.83 5.29 19.54
N LEU F 127 21.65 5.84 20.45
CA LEU F 127 21.10 6.49 21.63
C LEU F 127 20.07 7.56 21.26
N VAL F 128 20.44 8.47 20.37
CA VAL F 128 19.54 9.57 20.06
C VAL F 128 18.46 9.15 19.08
N CYS F 129 18.70 8.13 18.24
CA CYS F 129 17.71 7.81 17.22
C CYS F 129 16.62 6.86 17.71
N ASP F 130 16.96 5.83 18.49
CA ASP F 130 15.99 4.78 18.77
C ASP F 130 14.73 5.28 19.48
N PRO F 131 14.81 6.12 20.52
CA PRO F 131 13.56 6.53 21.20
C PRO F 131 12.54 7.14 20.25
N ILE F 132 12.99 7.97 19.31
CA ILE F 132 12.06 8.63 18.40
C ILE F 132 11.32 7.60 17.54
N HIS F 133 12.07 6.64 16.99
CA HIS F 133 11.45 5.67 16.09
C HIS F 133 10.62 4.64 16.84
N ARG F 134 10.98 4.34 18.08
CA ARG F 134 10.10 3.52 18.92
C ARG F 134 8.80 4.26 19.20
N SER F 135 8.88 5.56 19.44
CA SER F 135 7.68 6.36 19.69
C SER F 135 6.79 6.41 18.45
N ILE F 136 7.39 6.61 17.28
CA ILE F 136 6.61 6.73 16.05
C ILE F 136 5.93 5.40 15.71
N ALA F 137 6.45 4.29 16.23
CA ALA F 137 5.88 2.98 15.92
C ALA F 137 4.48 2.82 16.48
N LEU F 138 4.06 3.70 17.39
CA LEU F 138 2.75 3.59 18.03
C LEU F 138 1.60 3.96 17.11
N ILE F 139 1.87 4.36 15.86
CA ILE F 139 0.80 4.75 14.96
C ILE F 139 0.04 3.53 14.45
N LEU F 140 0.64 2.35 14.50
CA LEU F 140 0.07 1.14 13.93
C LEU F 140 -0.49 0.20 14.98
N SER F 141 -0.84 0.71 16.17
CA SER F 141 -1.28 -0.12 17.28
C SER F 141 -2.77 0.05 17.59
N GLY F 142 -3.57 0.47 16.62
CA GLY F 142 -4.99 0.68 16.85
C GLY F 142 -5.89 0.17 15.74
N ILE F 143 -5.49 -0.91 15.10
CA ILE F 143 -6.24 -1.43 13.94
C ILE F 143 -7.42 -2.26 14.43
N LYS F 144 -8.59 -2.01 13.84
CA LYS F 144 -9.78 -2.83 14.07
C LYS F 144 -10.62 -2.83 12.81
N GLY F 145 -11.38 -3.89 12.61
CA GLY F 145 -12.21 -4.00 11.43
C GLY F 145 -13.22 -5.11 11.54
N GLN F 146 -14.21 -5.05 10.65
CA GLN F 146 -15.24 -6.07 10.54
C GLN F 146 -15.47 -6.37 9.06
N PHE F 147 -15.79 -7.63 8.76
CA PHE F 147 -15.94 -8.06 7.38
C PHE F 147 -17.05 -9.10 7.29
N LYS F 148 -17.61 -9.23 6.09
CA LYS F 148 -18.56 -10.28 5.75
C LYS F 148 -18.29 -10.74 4.34
N MET F 149 -18.42 -12.04 4.10
CA MET F 149 -18.06 -12.65 2.82
C MET F 149 -19.22 -13.49 2.32
N ASN F 150 -19.26 -13.66 0.99
CA ASN F 150 -20.25 -14.51 0.34
C ASN F 150 -19.57 -15.24 -0.81
N SER F 151 -20.14 -16.40 -1.16
CA SER F 151 -19.59 -17.21 -2.23
C SER F 151 -20.69 -18.08 -2.83
N SER F 152 -20.42 -18.59 -4.02
CA SER F 152 -21.38 -19.45 -4.71
C SER F 152 -20.70 -20.22 -5.83
N ASP G 29 28.83 -11.28 7.54
CA ASP G 29 30.14 -10.66 7.89
C ASP G 29 30.43 -9.48 6.97
N VAL G 30 30.81 -8.34 7.56
CA VAL G 30 31.07 -7.14 6.78
C VAL G 30 32.49 -7.14 6.24
N TYR G 31 33.43 -7.73 6.95
CA TYR G 31 34.86 -7.63 6.67
C TYR G 31 35.40 -8.88 6.01
N ARG G 32 34.61 -9.45 5.10
CA ARG G 32 34.98 -10.65 4.36
C ARG G 32 35.31 -10.25 2.93
N LEU G 33 36.42 -10.78 2.40
CA LEU G 33 36.83 -10.44 1.04
C LEU G 33 35.88 -11.08 0.03
N SER G 34 35.44 -10.28 -0.94
CA SER G 34 34.48 -10.76 -1.92
C SER G 34 35.12 -11.77 -2.88
N PRO G 35 34.33 -12.63 -3.50
CA PRO G 35 34.90 -13.71 -4.31
C PRO G 35 35.67 -13.19 -5.52
N HIS G 36 36.62 -14.01 -5.98
CA HIS G 36 37.51 -13.63 -7.06
C HIS G 36 36.75 -13.51 -8.38
N VAL G 37 37.49 -13.10 -9.41
CA VAL G 37 36.95 -12.99 -10.76
C VAL G 37 37.34 -14.25 -11.53
N THR G 38 36.34 -14.93 -12.09
CA THR G 38 36.62 -16.14 -12.86
C THR G 38 37.51 -15.82 -14.05
N THR G 39 38.55 -16.64 -14.24
CA THR G 39 39.56 -16.35 -15.25
C THR G 39 39.97 -17.59 -16.02
N GLY G 40 39.33 -18.74 -15.79
CA GLY G 40 39.65 -19.93 -16.55
C GLY G 40 39.58 -19.69 -18.04
N PHE G 41 40.24 -20.58 -18.79
CA PHE G 41 40.34 -20.40 -20.23
C PHE G 41 38.97 -20.27 -20.88
N ALA G 42 38.07 -21.22 -20.60
CA ALA G 42 36.74 -21.18 -21.19
C ALA G 42 35.87 -20.07 -20.62
N ASP G 43 36.31 -19.39 -19.56
CA ASP G 43 35.57 -18.29 -18.97
C ASP G 43 36.09 -16.93 -19.40
N THR G 44 37.20 -16.86 -20.12
CA THR G 44 37.74 -15.59 -20.62
C THR G 44 37.81 -15.56 -22.14
N PHE G 45 38.18 -16.65 -22.80
CA PHE G 45 38.08 -16.78 -24.25
C PHE G 45 36.84 -17.61 -24.59
N LYS G 46 35.68 -16.98 -24.50
CA LYS G 46 34.40 -17.69 -24.53
C LYS G 46 33.75 -17.58 -25.91
N GLU G 47 33.19 -18.69 -26.38
CA GLU G 47 32.55 -18.79 -27.68
C GLU G 47 31.16 -19.41 -27.53
N SER G 48 30.33 -19.23 -28.56
CA SER G 48 28.99 -19.78 -28.59
C SER G 48 28.91 -20.92 -29.62
N ASN G 49 27.67 -21.40 -29.84
CA ASN G 49 27.46 -22.48 -30.81
C ASN G 49 27.63 -22.00 -32.25
N ASP G 50 27.76 -20.69 -32.47
CA ASP G 50 27.91 -20.16 -33.83
C ASP G 50 29.36 -19.93 -34.20
N ILE G 51 30.30 -20.05 -33.25
CA ILE G 51 31.68 -19.67 -33.44
C ILE G 51 32.55 -20.90 -33.23
N MET G 52 33.31 -21.29 -34.24
CA MET G 52 34.14 -22.48 -34.18
C MET G 52 35.37 -22.35 -35.06
N GLY G 53 36.46 -22.98 -34.61
CA GLY G 53 37.60 -23.27 -35.45
C GLY G 53 37.85 -24.75 -35.52
N PHE G 54 39.08 -25.10 -35.91
CA PHE G 54 39.47 -26.51 -35.88
C PHE G 54 39.44 -27.03 -34.45
N SER G 55 39.09 -28.30 -34.30
CA SER G 55 38.88 -28.88 -32.97
C SER G 55 40.19 -28.97 -32.19
N PHE G 56 41.27 -29.41 -32.85
CA PHE G 56 42.49 -29.74 -32.11
C PHE G 56 43.17 -28.49 -31.56
N MET G 57 42.95 -27.32 -32.17
CA MET G 57 43.64 -26.12 -31.70
C MET G 57 43.13 -25.67 -30.34
N GLU G 58 41.91 -26.06 -29.97
CA GLU G 58 41.37 -25.65 -28.68
C GLU G 58 42.23 -26.18 -27.54
N LYS G 59 42.59 -27.47 -27.60
CA LYS G 59 43.40 -28.05 -26.54
C LYS G 59 44.79 -27.41 -26.49
N VAL G 60 45.37 -27.13 -27.67
CA VAL G 60 46.69 -26.50 -27.70
C VAL G 60 46.65 -25.14 -27.03
N ASN G 61 45.65 -24.32 -27.38
CA ASN G 61 45.54 -22.99 -26.79
C ASN G 61 45.31 -23.07 -25.29
N GLY G 62 44.41 -23.96 -24.86
CA GLY G 62 44.14 -24.10 -23.45
C GLY G 62 45.37 -24.52 -22.66
N ALA G 63 46.12 -25.50 -23.19
CA ALA G 63 47.31 -25.96 -22.51
C ALA G 63 48.35 -24.85 -22.41
N ILE G 64 48.56 -24.12 -23.51
CA ILE G 64 49.52 -23.03 -23.48
C ILE G 64 49.16 -22.02 -22.40
N TYR G 65 47.90 -21.58 -22.40
CA TYR G 65 47.45 -20.59 -21.43
C TYR G 65 47.65 -21.09 -20.01
N LYS G 66 47.13 -22.28 -19.72
CA LYS G 66 47.15 -22.78 -18.34
C LYS G 66 48.58 -22.97 -17.84
N TYR G 67 49.45 -23.57 -18.67
CA TYR G 67 50.80 -23.85 -18.20
C TYR G 67 51.61 -22.58 -18.08
N THR G 68 51.43 -21.61 -18.97
CA THR G 68 52.12 -20.34 -18.79
C THR G 68 51.70 -19.67 -17.48
N HIS G 69 50.39 -19.63 -17.23
CA HIS G 69 49.90 -19.01 -15.99
C HIS G 69 50.51 -19.69 -14.77
N PHE G 70 50.43 -21.02 -14.72
CA PHE G 70 50.92 -21.74 -13.54
C PHE G 70 52.42 -21.56 -13.37
N ALA G 71 53.18 -21.71 -14.47
CA ALA G 71 54.63 -21.64 -14.36
C ALA G 71 55.11 -20.25 -13.97
N PHE G 72 54.35 -19.21 -14.31
CA PHE G 72 54.78 -17.88 -13.91
C PHE G 72 54.32 -17.52 -12.50
N TYR G 73 53.18 -18.05 -12.05
CA TYR G 73 52.73 -17.75 -10.70
C TYR G 73 53.53 -18.52 -9.65
N ALA G 74 53.86 -19.79 -9.96
CA ALA G 74 54.46 -20.65 -8.96
C ALA G 74 55.83 -20.15 -8.52
N VAL G 75 56.66 -19.71 -9.48
CA VAL G 75 58.00 -19.28 -9.14
C VAL G 75 57.96 -18.02 -8.25
N LEU G 76 57.10 -17.07 -8.60
CA LEU G 76 56.96 -15.88 -7.75
C LEU G 76 56.50 -16.26 -6.35
N ASN G 77 55.51 -17.14 -6.26
CA ASN G 77 55.04 -17.57 -4.95
C ASN G 77 56.18 -18.18 -4.15
N LEU G 78 56.93 -19.10 -4.77
CA LEU G 78 58.02 -19.77 -4.06
C LEU G 78 59.09 -18.78 -3.61
N LEU G 79 59.42 -17.81 -4.47
CA LEU G 79 60.52 -16.91 -4.15
C LEU G 79 60.15 -15.88 -3.09
N LEU G 80 58.93 -15.34 -3.13
CA LEU G 80 58.60 -14.17 -2.34
C LEU G 80 57.56 -14.39 -1.26
N ALA G 81 56.92 -15.57 -1.19
CA ALA G 81 55.84 -15.75 -0.23
C ALA G 81 56.29 -15.66 1.22
N PRO G 82 57.34 -16.37 1.66
CA PRO G 82 57.60 -16.44 3.11
C PRO G 82 57.80 -15.09 3.79
N PHE G 83 58.53 -14.16 3.15
CA PHE G 83 58.85 -12.91 3.82
C PHE G 83 57.59 -12.09 4.10
N ILE G 84 56.68 -12.04 3.13
CA ILE G 84 55.44 -11.30 3.32
C ILE G 84 54.63 -11.91 4.46
N ALA G 85 54.57 -13.25 4.51
CA ALA G 85 53.84 -13.92 5.58
C ALA G 85 54.43 -13.57 6.94
N PHE G 86 55.76 -13.61 7.07
CA PHE G 86 56.39 -13.27 8.34
C PHE G 86 56.07 -11.83 8.74
N SER G 87 56.25 -10.90 7.81
CA SER G 87 56.04 -9.50 8.13
C SER G 87 54.60 -9.25 8.58
N PHE G 88 53.62 -9.78 7.84
CA PHE G 88 52.24 -9.49 8.19
C PHE G 88 51.80 -10.25 9.43
N GLY G 89 52.38 -11.41 9.71
CA GLY G 89 52.08 -12.07 10.97
C GLY G 89 52.52 -11.23 12.16
N LEU G 90 53.75 -10.72 12.11
CA LEU G 90 54.24 -9.87 13.18
C LEU G 90 53.37 -8.61 13.33
N SER G 91 53.05 -7.97 12.20
CA SER G 91 52.25 -6.75 12.24
C SER G 91 50.88 -7.01 12.86
N PHE G 92 50.20 -8.08 12.42
CA PHE G 92 48.89 -8.40 12.96
C PHE G 92 48.96 -8.74 14.44
N ALA G 93 50.03 -9.40 14.89
CA ALA G 93 50.17 -9.66 16.30
C ALA G 93 50.14 -8.36 17.10
N VAL G 94 50.96 -7.39 16.69
CA VAL G 94 51.00 -6.14 17.44
C VAL G 94 49.63 -5.45 17.39
N MET G 95 49.01 -5.39 16.20
CA MET G 95 47.73 -4.71 16.06
C MET G 95 46.68 -5.33 16.98
N HIS G 96 46.58 -6.66 16.99
CA HIS G 96 45.55 -7.32 17.76
C HIS G 96 45.79 -7.17 19.25
N PHE G 97 47.04 -7.21 19.71
CA PHE G 97 47.28 -6.96 21.12
C PHE G 97 46.79 -5.57 21.50
N ALA G 98 47.14 -4.56 20.70
CA ALA G 98 46.68 -3.21 21.01
C ALA G 98 45.16 -3.15 21.10
N VAL G 99 44.47 -3.73 20.11
CA VAL G 99 43.00 -3.65 20.10
C VAL G 99 42.42 -4.33 21.33
N VAL G 100 42.87 -5.55 21.61
CA VAL G 100 42.22 -6.33 22.68
C VAL G 100 42.46 -5.70 24.04
N TRP G 101 43.67 -5.19 24.29
CA TRP G 101 44.02 -4.80 25.64
C TRP G 101 44.13 -3.30 25.88
N PHE G 102 43.75 -2.44 24.92
CA PHE G 102 43.70 -1.02 25.23
C PHE G 102 42.43 -0.32 24.75
N VAL G 103 41.79 -0.84 23.71
CA VAL G 103 40.64 -0.15 23.11
C VAL G 103 39.34 -0.60 23.76
N GLN G 104 39.15 -1.91 23.94
CA GLN G 104 37.86 -2.42 24.38
C GLN G 104 37.49 -1.96 25.80
N PRO G 105 38.38 -2.00 26.80
CA PRO G 105 38.00 -1.45 28.11
C PRO G 105 37.59 0.01 28.06
N ILE G 106 38.28 0.82 27.27
CA ILE G 106 37.93 2.23 27.13
C ILE G 106 36.53 2.34 26.54
N MET G 107 36.23 1.54 25.52
CA MET G 107 34.89 1.55 24.95
C MET G 107 33.84 1.16 25.99
N LYS G 108 34.19 0.24 26.89
CA LYS G 108 33.24 -0.18 27.92
C LYS G 108 32.93 0.96 28.89
N LEU G 109 33.97 1.69 29.30
CA LEU G 109 33.73 2.87 30.15
C LEU G 109 32.85 3.89 29.43
N TYR G 110 33.14 4.13 28.16
CA TYR G 110 32.31 5.01 27.35
C TYR G 110 30.86 4.55 27.34
N TYR G 111 30.64 3.24 27.24
CA TYR G 111 29.28 2.70 27.23
C TYR G 111 28.59 2.93 28.56
N VAL G 112 29.33 2.82 29.67
CA VAL G 112 28.75 3.11 30.97
C VAL G 112 28.18 4.53 30.99
N TRP G 113 28.99 5.49 30.54
CA TRP G 113 28.50 6.87 30.53
C TRP G 113 27.29 7.02 29.59
N LEU G 114 27.31 6.31 28.46
CA LEU G 114 26.19 6.40 27.53
C LEU G 114 24.89 5.91 28.18
N ARG G 115 24.97 4.81 28.93
CA ARG G 115 23.78 4.31 29.61
C ARG G 115 23.29 5.33 30.63
N VAL G 116 24.21 5.94 31.37
CA VAL G 116 23.81 6.94 32.35
C VAL G 116 23.06 8.09 31.67
N PHE G 117 23.53 8.52 30.49
CA PHE G 117 22.82 9.57 29.77
C PHE G 117 21.43 9.11 29.31
N ASN G 118 21.34 7.88 28.80
CA ASN G 118 20.06 7.39 28.30
C ASN G 118 19.00 7.37 29.40
N LEU G 119 19.40 7.01 30.63
CA LEU G 119 18.44 6.95 31.72
C LEU G 119 17.66 8.25 31.84
N ALA G 120 18.34 9.40 31.67
CA ALA G 120 17.69 10.69 31.76
C ALA G 120 17.03 11.11 30.47
N TYR G 121 17.58 10.69 29.33
CA TYR G 121 17.09 11.18 28.04
C TYR G 121 15.77 10.52 27.63
N GLU G 122 15.70 9.19 27.67
CA GLU G 122 14.60 8.50 26.99
C GLU G 122 13.23 8.79 27.61
N PRO G 123 13.02 8.64 28.91
CA PRO G 123 11.66 8.88 29.45
C PRO G 123 11.14 10.28 29.18
N ALA G 124 12.02 11.29 29.24
CA ALA G 124 11.56 12.67 29.03
C ALA G 124 11.02 12.86 27.62
N LEU G 125 11.68 12.27 26.63
CA LEU G 125 11.20 12.36 25.26
C LEU G 125 9.90 11.58 25.09
N ARG G 126 9.83 10.37 25.65
CA ARG G 126 8.62 9.58 25.53
C ARG G 126 7.41 10.28 26.14
N LEU G 127 7.62 11.04 27.21
CA LEU G 127 6.51 11.75 27.84
C LEU G 127 5.78 12.62 26.82
N VAL G 128 6.51 13.46 26.09
CA VAL G 128 5.86 14.39 25.18
C VAL G 128 5.46 13.72 23.88
N CYS G 129 6.15 12.64 23.47
CA CYS G 129 5.85 12.08 22.16
C CYS G 129 4.71 11.06 22.19
N ASP G 130 4.65 10.18 23.19
CA ASP G 130 3.71 9.07 23.12
C ASP G 130 2.24 9.49 23.00
N PRO G 131 1.72 10.45 23.77
CA PRO G 131 0.30 10.79 23.64
C PRO G 131 -0.11 11.16 22.23
N ILE G 132 0.72 11.91 21.50
CA ILE G 132 0.38 12.33 20.16
C ILE G 132 0.24 11.11 19.24
N HIS G 133 1.20 10.18 19.32
CA HIS G 133 1.18 9.03 18.41
C HIS G 133 0.12 8.02 18.81
N ARG G 134 -0.20 7.91 20.09
CA ARG G 134 -1.34 7.11 20.49
C ARG G 134 -2.63 7.71 19.93
N SER G 135 -2.73 9.03 19.96
CA SER G 135 -3.93 9.69 19.43
C SER G 135 -4.05 9.48 17.92
N ILE G 136 -2.94 9.60 17.20
CA ILE G 136 -2.98 9.47 15.74
C ILE G 136 -3.31 8.04 15.34
N ALA G 137 -3.10 7.07 16.24
CA ALA G 137 -3.37 5.68 15.91
C ALA G 137 -4.86 5.41 15.72
N LEU G 138 -5.73 6.35 16.11
CA LEU G 138 -7.17 6.16 16.01
C LEU G 138 -7.69 6.25 14.58
N ILE G 139 -6.82 6.53 13.60
CA ILE G 139 -7.29 6.67 12.22
C ILE G 139 -7.62 5.31 11.62
N LEU G 140 -7.07 4.22 12.18
CA LEU G 140 -7.23 2.89 11.61
C LEU G 140 -8.21 2.03 12.39
N SER G 141 -9.15 2.63 13.11
CA SER G 141 -10.07 1.91 13.97
C SER G 141 -11.51 1.94 13.46
N GLY G 142 -11.70 2.12 12.15
CA GLY G 142 -13.05 2.18 11.59
C GLY G 142 -13.21 1.43 10.29
N ILE G 143 -12.50 0.32 10.13
CA ILE G 143 -12.51 -0.43 8.88
C ILE G 143 -13.74 -1.32 8.83
N LYS G 144 -14.44 -1.30 7.70
CA LYS G 144 -15.54 -2.22 7.45
C LYS G 144 -15.60 -2.49 5.96
N GLY G 145 -16.13 -3.66 5.58
CA GLY G 145 -16.20 -4.01 4.18
C GLY G 145 -17.07 -5.23 3.96
N GLN G 146 -17.45 -5.40 2.69
CA GLN G 146 -18.23 -6.54 2.24
C GLN G 146 -17.64 -7.07 0.94
N PHE G 147 -17.71 -8.37 0.75
CA PHE G 147 -17.11 -8.99 -0.43
C PHE G 147 -17.96 -10.17 -0.88
N LYS G 148 -17.82 -10.51 -2.16
CA LYS G 148 -18.41 -11.71 -2.73
C LYS G 148 -17.42 -12.30 -3.73
N MET G 149 -17.36 -13.64 -3.77
CA MET G 149 -16.38 -14.35 -4.56
C MET G 149 -17.05 -15.39 -5.43
N ASN G 150 -16.40 -15.73 -6.54
CA ASN G 150 -16.87 -16.77 -7.44
C ASN G 150 -15.67 -17.56 -7.94
N SER G 151 -15.92 -18.80 -8.33
CA SER G 151 -14.85 -19.67 -8.81
C SER G 151 -15.46 -20.73 -9.72
N SER G 152 -14.59 -21.36 -10.50
CA SER G 152 -15.01 -22.42 -11.42
C SER G 152 -13.80 -23.23 -11.90
N ASP H 29 21.13 -6.53 22.93
CA ASP H 29 22.05 -5.71 23.78
C ASP H 29 22.73 -4.64 22.94
N VAL H 30 22.68 -3.39 23.43
CA VAL H 30 23.26 -2.28 22.69
C VAL H 30 24.75 -2.17 22.94
N TYR H 31 25.21 -2.54 24.14
CA TYR H 31 26.57 -2.30 24.59
C TYR H 31 27.42 -3.55 24.53
N ARG H 32 27.24 -4.34 23.47
CA ARG H 32 27.99 -5.57 23.23
C ARG H 32 28.98 -5.34 22.12
N LEU H 33 30.24 -5.76 22.33
CA LEU H 33 31.27 -5.54 21.34
C LEU H 33 31.02 -6.42 20.11
N SER H 34 31.13 -5.81 18.93
CA SER H 34 30.84 -6.52 17.70
C SER H 34 31.93 -7.55 17.40
N PRO H 35 31.62 -8.58 16.61
CA PRO H 35 32.57 -9.68 16.41
C PRO H 35 33.83 -9.23 15.67
N HIS H 36 34.91 -9.98 15.91
CA HIS H 36 36.22 -9.62 15.39
C HIS H 36 36.26 -9.76 13.87
N VAL H 37 37.40 -9.41 13.30
CA VAL H 37 37.66 -9.54 11.86
C VAL H 37 38.43 -10.83 11.64
N THR H 38 37.89 -11.70 10.77
CA THR H 38 38.57 -12.95 10.47
C THR H 38 39.94 -12.67 9.85
N THR H 39 40.96 -13.37 10.35
CA THR H 39 42.34 -13.08 9.98
C THR H 39 43.14 -14.36 9.75
N GLY H 40 42.51 -15.52 9.82
CA GLY H 40 43.23 -16.75 9.55
C GLY H 40 43.93 -16.72 8.20
N PHE H 41 44.91 -17.62 8.06
CA PHE H 41 45.75 -17.61 6.85
C PHE H 41 44.90 -17.73 5.59
N ALA H 42 44.04 -18.75 5.53
CA ALA H 42 43.20 -18.95 4.35
C ALA H 42 42.13 -17.89 4.20
N ASP H 43 41.93 -17.03 5.21
CA ASP H 43 40.95 -15.96 5.15
C ASP H 43 41.54 -14.61 4.82
N THR H 44 42.88 -14.50 4.75
CA THR H 44 43.54 -13.26 4.38
C THR H 44 44.39 -13.40 3.12
N PHE H 45 45.09 -14.52 2.94
CA PHE H 45 45.77 -14.84 1.68
C PHE H 45 44.92 -15.85 0.92
N LYS H 46 43.85 -15.36 0.31
CA LYS H 46 42.81 -16.22 -0.24
C LYS H 46 42.95 -16.37 -1.75
N GLU H 47 42.78 -17.60 -2.23
CA GLU H 47 42.91 -17.94 -3.64
C GLU H 47 41.67 -18.70 -4.11
N SER H 48 41.48 -18.74 -5.42
CA SER H 48 40.38 -19.46 -6.04
C SER H 48 40.91 -20.72 -6.73
N ASN H 49 40.02 -21.42 -7.44
CA ASN H 49 40.41 -22.62 -8.16
C ASN H 49 41.36 -22.32 -9.31
N ASP H 50 41.39 -21.07 -9.80
CA ASP H 50 42.20 -20.72 -10.95
C ASP H 50 43.63 -20.34 -10.58
N ILE H 51 43.92 -20.18 -9.28
CA ILE H 51 45.19 -19.64 -8.81
C ILE H 51 45.87 -20.71 -7.97
N MET H 52 47.07 -21.12 -8.38
CA MET H 52 47.77 -22.20 -7.70
C MET H 52 49.28 -22.01 -7.83
N GLY H 53 50.00 -22.47 -6.81
CA GLY H 53 51.42 -22.71 -6.88
C GLY H 53 51.75 -24.16 -6.58
N PHE H 54 53.00 -24.39 -6.21
CA PHE H 54 53.38 -25.72 -5.75
C PHE H 54 52.63 -26.06 -4.46
N SER H 55 52.32 -27.34 -4.30
CA SER H 55 51.48 -27.76 -3.18
C SER H 55 52.19 -27.59 -1.84
N PHE H 56 53.47 -27.98 -1.78
CA PHE H 56 54.14 -28.05 -0.48
C PHE H 56 54.38 -26.67 0.12
N MET H 57 54.46 -25.63 -0.71
CA MET H 57 54.75 -24.29 -0.18
C MET H 57 53.60 -23.74 0.65
N GLU H 58 52.38 -24.23 0.41
CA GLU H 58 51.23 -23.73 1.15
C GLU H 58 51.39 -23.99 2.65
N LYS H 59 51.78 -25.22 3.01
CA LYS H 59 51.95 -25.56 4.41
C LYS H 59 53.08 -24.75 5.03
N VAL H 60 54.17 -24.55 4.29
CA VAL H 60 55.29 -23.78 4.82
C VAL H 60 54.85 -22.35 5.14
N ASN H 61 54.15 -21.72 4.19
CA ASN H 61 53.70 -20.34 4.40
C ASN H 61 52.73 -20.27 5.57
N GLY H 62 51.79 -21.20 5.62
CA GLY H 62 50.82 -21.19 6.71
C GLY H 62 51.47 -21.36 8.07
N ALA H 63 52.42 -22.29 8.18
CA ALA H 63 53.12 -22.51 9.44
C ALA H 63 53.89 -21.27 9.84
N ILE H 64 54.62 -20.66 8.89
CA ILE H 64 55.38 -19.46 9.23
C ILE H 64 54.46 -18.39 9.77
N TYR H 65 53.37 -18.11 9.05
CA TYR H 65 52.44 -17.06 9.47
C TYR H 65 51.89 -17.35 10.86
N LYS H 66 51.36 -18.55 11.06
CA LYS H 66 50.68 -18.87 12.32
C LYS H 66 51.65 -18.81 13.49
N TYR H 67 52.84 -19.40 13.34
CA TYR H 67 53.76 -19.45 14.46
C TYR H 67 54.34 -18.08 14.77
N THR H 68 54.61 -17.26 13.75
CA THR H 68 55.05 -15.90 14.03
C THR H 68 53.99 -15.13 14.81
N HIS H 69 52.74 -15.22 14.35
CA HIS H 69 51.66 -14.52 15.04
C HIS H 69 51.56 -14.95 16.49
N PHE H 70 51.52 -16.27 16.73
CA PHE H 70 51.36 -16.76 18.09
C PHE H 70 52.55 -16.39 18.97
N ALA H 71 53.77 -16.57 18.46
CA ALA H 71 54.95 -16.31 19.26
C ALA H 71 55.09 -14.83 19.60
N PHE H 72 54.59 -13.94 18.75
CA PHE H 72 54.69 -12.52 19.07
C PHE H 72 53.55 -12.04 19.96
N TYR H 73 52.37 -12.66 19.85
CA TYR H 73 51.27 -12.24 20.72
C TYR H 73 51.44 -12.78 22.13
N ALA H 74 51.93 -14.02 22.27
CA ALA H 74 51.97 -14.67 23.58
C ALA H 74 52.90 -13.96 24.55
N VAL H 75 54.08 -13.54 24.07
CA VAL H 75 55.03 -12.89 24.98
C VAL H 75 54.48 -11.56 25.48
N LEU H 76 53.89 -10.77 24.59
CA LEU H 76 53.28 -9.51 25.02
C LEU H 76 52.17 -9.76 26.04
N ASN H 77 51.31 -10.74 25.77
CA ASN H 77 50.25 -11.06 26.72
C ASN H 77 50.83 -11.41 28.08
N LEU H 78 51.82 -12.30 28.09
CA LEU H 78 52.41 -12.74 29.35
C LEU H 78 53.05 -11.57 30.10
N LEU H 79 53.74 -10.69 29.38
CA LEU H 79 54.49 -9.63 30.05
C LEU H 79 53.58 -8.52 30.58
N LEU H 80 52.53 -8.14 29.83
CA LEU H 80 51.80 -6.93 30.14
C LEU H 80 50.35 -7.14 30.56
N ALA H 81 49.82 -8.37 30.51
CA ALA H 81 48.40 -8.56 30.80
C ALA H 81 48.03 -8.24 32.24
N PRO H 82 48.73 -8.74 33.26
CA PRO H 82 48.20 -8.60 34.64
C PRO H 82 47.96 -7.15 35.08
N PHE H 83 48.87 -6.23 34.75
CA PHE H 83 48.75 -4.87 35.26
C PHE H 83 47.50 -4.19 34.72
N ILE H 84 47.21 -4.38 33.42
CA ILE H 84 46.03 -3.78 32.83
C ILE H 84 44.78 -4.34 33.49
N ALA H 85 44.76 -5.65 33.73
CA ALA H 85 43.61 -6.27 34.38
C ALA H 85 43.38 -5.68 35.77
N PHE H 86 44.45 -5.54 36.55
CA PHE H 86 44.33 -4.96 37.89
C PHE H 86 43.78 -3.54 37.81
N SER H 87 44.37 -2.71 36.96
CA SER H 87 43.97 -1.31 36.87
C SER H 87 42.50 -1.20 36.49
N PHE H 88 42.08 -1.93 35.46
CA PHE H 88 40.71 -1.79 35.00
C PHE H 88 39.71 -2.41 35.97
N GLY H 89 40.10 -3.47 36.69
CA GLY H 89 39.23 -3.99 37.73
C GLY H 89 38.94 -2.95 38.80
N LEU H 90 40.01 -2.30 39.28
CA LEU H 90 39.83 -1.26 40.30
C LEU H 90 38.96 -0.11 39.76
N SER H 91 39.25 0.33 38.54
CA SER H 91 38.49 1.43 37.96
C SER H 91 37.01 1.08 37.83
N PHE H 92 36.70 -0.10 37.31
CA PHE H 92 35.31 -0.51 37.15
C PHE H 92 34.62 -0.65 38.50
N ALA H 93 35.33 -1.11 39.53
CA ALA H 93 34.73 -1.17 40.86
C ALA H 93 34.23 0.20 41.28
N VAL H 94 35.11 1.20 41.19
CA VAL H 94 34.70 2.54 41.62
C VAL H 94 33.53 3.04 40.77
N MET H 95 33.62 2.88 39.45
CA MET H 95 32.57 3.37 38.57
C MET H 95 31.22 2.74 38.91
N HIS H 96 31.19 1.42 39.09
CA HIS H 96 29.93 0.75 39.34
C HIS H 96 29.35 1.11 40.69
N PHE H 97 30.19 1.29 41.72
CA PHE H 97 29.64 1.75 42.99
C PHE H 97 28.97 3.10 42.82
N ALA H 98 29.64 4.04 42.14
CA ALA H 98 29.03 5.34 41.94
C ALA H 98 27.68 5.21 41.24
N VAL H 99 27.63 4.45 40.15
CA VAL H 99 26.39 4.33 39.39
C VAL H 99 25.28 3.75 40.25
N VAL H 100 25.57 2.64 40.93
CA VAL H 100 24.49 1.93 41.63
C VAL H 100 23.96 2.76 42.79
N TRP H 101 24.84 3.45 43.52
CA TRP H 101 24.42 4.04 44.78
C TRP H 101 24.34 5.57 44.78
N PHE H 102 24.48 6.23 43.62
CA PHE H 102 24.20 7.67 43.62
C PHE H 102 23.35 8.14 42.45
N VAL H 103 23.36 7.41 41.33
CA VAL H 103 22.67 7.87 40.12
C VAL H 103 21.23 7.35 40.08
N GLN H 104 21.04 6.06 40.36
CA GLN H 104 19.72 5.46 40.18
C GLN H 104 18.66 6.03 41.11
N PRO H 105 18.91 6.23 42.40
CA PRO H 105 17.87 6.89 43.23
C PRO H 105 17.48 8.27 42.74
N ILE H 106 18.46 9.05 42.27
CA ILE H 106 18.17 10.38 41.73
C ILE H 106 17.28 10.25 40.50
N MET H 107 17.58 9.29 39.63
CA MET H 107 16.72 9.06 38.47
C MET H 107 15.32 8.67 38.89
N LYS H 108 15.18 7.92 39.98
CA LYS H 108 13.85 7.53 40.45
C LYS H 108 13.05 8.73 40.92
N LEU H 109 13.68 9.64 41.66
CA LEU H 109 13.00 10.87 42.05
C LEU H 109 12.56 11.67 40.82
N TYR H 110 13.47 11.79 39.85
CA TYR H 110 13.15 12.45 38.60
C TYR H 110 11.93 11.82 37.94
N TYR H 111 11.86 10.48 37.97
CA TYR H 111 10.72 9.78 37.37
C TYR H 111 9.42 10.09 38.10
N VAL H 112 9.49 10.21 39.43
CA VAL H 112 8.30 10.59 40.19
C VAL H 112 7.75 11.92 39.66
N TRP H 113 8.63 12.92 39.53
CA TRP H 113 8.16 14.21 39.03
C TRP H 113 7.63 14.09 37.60
N LEU H 114 8.25 13.25 36.78
CA LEU H 114 7.78 13.07 35.42
C LEU H 114 6.35 12.52 35.39
N ARG H 115 6.07 11.53 36.25
CA ARG H 115 4.72 10.99 36.31
C ARG H 115 3.72 12.06 36.74
N VAL H 116 4.11 12.87 37.73
CA VAL H 116 3.22 13.93 38.18
C VAL H 116 2.88 14.87 37.02
N PHE H 117 3.87 15.20 36.20
CA PHE H 117 3.60 16.07 35.04
C PHE H 117 2.67 15.38 34.04
N ASN H 118 2.91 14.09 33.78
CA ASN H 118 2.08 13.39 32.79
C ASN H 118 0.62 13.38 33.20
N LEU H 119 0.34 13.22 34.49
CA LEU H 119 -1.05 13.20 34.94
C LEU H 119 -1.83 14.40 34.43
N ALA H 120 -1.20 15.57 34.42
CA ALA H 120 -1.86 16.78 33.94
C ALA H 120 -1.76 16.94 32.43
N TYR H 121 -0.68 16.44 31.83
CA TYR H 121 -0.45 16.71 30.40
C TYR H 121 -1.33 15.85 29.51
N GLU H 122 -1.37 14.53 29.75
CA GLU H 122 -1.92 13.64 28.73
C GLU H 122 -3.42 13.83 28.51
N PRO H 123 -4.29 13.82 29.53
CA PRO H 123 -5.73 13.95 29.27
C PRO H 123 -6.09 15.23 28.53
N ALA H 124 -5.42 16.35 28.85
CA ALA H 124 -5.75 17.61 28.20
C ALA H 124 -5.49 17.55 26.70
N LEU H 125 -4.38 16.93 26.30
CA LEU H 125 -4.09 16.78 24.88
C LEU H 125 -5.08 15.84 24.21
N ARG H 126 -5.38 14.71 24.87
CA ARG H 126 -6.31 13.76 24.28
C ARG H 126 -7.69 14.38 24.06
N LEU H 127 -8.11 15.28 24.95
CA LEU H 127 -9.41 15.93 24.79
C LEU H 127 -9.53 16.57 23.41
N VAL H 128 -8.56 17.39 23.02
CA VAL H 128 -8.67 18.12 21.76
C VAL H 128 -8.31 17.24 20.58
N CYS H 129 -7.48 16.21 20.76
CA CYS H 129 -7.04 15.45 19.61
C CYS H 129 -7.99 14.32 19.22
N ASP H 130 -8.52 13.57 20.18
CA ASP H 130 -9.24 12.34 19.84
C ASP H 130 -10.44 12.57 18.93
N PRO H 131 -11.32 13.55 19.16
CA PRO H 131 -12.49 13.69 18.27
C PRO H 131 -12.12 13.81 16.80
N ILE H 132 -11.06 14.56 16.49
CA ILE H 132 -10.67 14.76 15.09
C ILE H 132 -10.26 13.43 14.47
N HIS H 133 -9.44 12.65 15.17
CA HIS H 133 -8.93 11.40 14.61
C HIS H 133 -9.99 10.32 14.57
N ARG H 134 -10.95 10.35 15.51
CA ARG H 134 -12.10 9.46 15.41
C ARG H 134 -12.94 9.82 14.20
N SER H 135 -13.10 11.11 13.93
CA SER H 135 -13.87 11.54 12.76
C SER H 135 -13.17 11.12 11.46
N ILE H 136 -11.85 11.29 11.39
CA ILE H 136 -11.12 10.96 10.16
C ILE H 136 -11.14 9.47 9.91
N ALA H 137 -11.38 8.65 10.94
CA ALA H 137 -11.39 7.21 10.76
C ALA H 137 -12.54 6.73 9.89
N LEU H 138 -13.52 7.59 9.62
CA LEU H 138 -14.70 7.21 8.84
C LEU H 138 -14.40 7.06 7.35
N ILE H 139 -13.17 7.31 6.92
CA ILE H 139 -12.85 7.22 5.50
C ILE H 139 -12.78 5.77 5.04
N LEU H 140 -12.56 4.84 5.98
CA LEU H 140 -12.33 3.43 5.65
C LEU H 140 -13.55 2.55 5.96
N SER H 141 -14.75 3.13 6.00
CA SER H 141 -15.95 2.41 6.39
C SER H 141 -16.91 2.20 5.22
N GLY H 142 -16.41 2.19 3.99
CA GLY H 142 -17.27 2.01 2.83
C GLY H 142 -16.71 1.08 1.78
N ILE H 143 -15.97 0.06 2.19
CA ILE H 143 -15.30 -0.83 1.25
C ILE H 143 -16.28 -1.88 0.75
N LYS H 144 -16.31 -2.08 -0.56
CA LYS H 144 -17.07 -3.16 -1.17
C LYS H 144 -16.33 -3.62 -2.42
N GLY H 145 -16.53 -4.87 -2.80
CA GLY H 145 -15.86 -5.41 -3.96
C GLY H 145 -16.43 -6.74 -4.39
N GLN H 146 -16.10 -7.12 -5.62
CA GLN H 146 -16.48 -8.40 -6.19
C GLN H 146 -15.27 -9.01 -6.90
N PHE H 147 -15.18 -10.34 -6.87
CA PHE H 147 -14.04 -11.02 -7.45
C PHE H 147 -14.48 -12.34 -8.06
N LYS H 148 -13.68 -12.82 -9.01
CA LYS H 148 -13.83 -14.15 -9.59
C LYS H 148 -12.45 -14.73 -9.82
N MET H 149 -12.33 -16.04 -9.58
CA MET H 149 -11.03 -16.72 -9.64
C MET H 149 -11.13 -17.94 -10.54
N ASN H 150 -9.98 -18.33 -11.09
CA ASN H 150 -9.87 -19.53 -11.90
C ASN H 150 -8.56 -20.22 -11.59
N SER H 151 -8.51 -21.53 -11.83
CA SER H 151 -7.32 -22.31 -11.55
C SER H 151 -7.32 -23.55 -12.43
N SER H 152 -6.14 -24.15 -12.55
CA SER H 152 -5.98 -25.36 -13.35
C SER H 152 -4.67 -26.06 -13.02
N ASP I 29 6.40 -0.86 31.17
CA ASP I 29 6.72 0.14 32.22
C ASP I 29 7.69 1.20 31.68
N VAL I 30 7.34 2.46 31.84
CA VAL I 30 8.17 3.54 31.32
C VAL I 30 9.31 3.85 32.28
N TYR I 31 9.10 3.71 33.58
CA TYR I 31 10.01 4.18 34.61
C TYR I 31 10.83 3.04 35.22
N ARG I 32 11.26 2.12 34.36
CA ARG I 32 12.07 0.97 34.76
C ARG I 32 13.50 1.19 34.28
N LEU I 33 14.46 0.94 35.16
CA LEU I 33 15.86 1.15 34.81
C LEU I 33 16.31 0.11 33.79
N SER I 34 16.99 0.57 32.74
CA SER I 34 17.41 -0.33 31.67
C SER I 34 18.54 -1.25 32.15
N PRO I 35 18.72 -2.40 31.50
CA PRO I 35 19.69 -3.39 32.00
C PRO I 35 21.12 -2.88 31.95
N HIS I 36 21.95 -3.44 32.82
CA HIS I 36 23.33 -3.00 32.98
C HIS I 36 24.16 -3.33 31.74
N VAL I 37 25.41 -2.91 31.78
CA VAL I 37 26.37 -3.18 30.72
C VAL I 37 27.21 -4.38 31.13
N THR I 38 27.24 -5.41 30.29
CA THR I 38 28.02 -6.60 30.60
C THR I 38 29.50 -6.24 30.72
N THR I 39 30.13 -6.73 31.78
CA THR I 39 31.50 -6.32 32.12
C THR I 39 32.35 -7.51 32.55
N GLY I 40 31.83 -8.72 32.48
CA GLY I 40 32.63 -9.88 32.83
C GLY I 40 33.93 -9.94 32.05
N PHE I 41 34.88 -10.70 32.58
CA PHE I 41 36.22 -10.75 31.99
C PHE I 41 36.16 -11.14 30.52
N ALA I 42 35.49 -12.25 30.21
CA ALA I 42 35.39 -12.71 28.82
C ALA I 42 34.53 -11.82 27.96
N ASP I 43 33.79 -10.87 28.56
CA ASP I 43 32.94 -9.95 27.82
C ASP I 43 33.58 -8.58 27.61
N THR I 44 34.73 -8.31 28.21
CA THR I 44 35.43 -7.05 28.03
C THR I 44 36.82 -7.23 27.44
N PHE I 45 37.55 -8.27 27.83
CA PHE I 45 38.79 -8.67 27.15
C PHE I 45 38.47 -9.88 26.27
N LYS I 46 37.93 -9.62 25.09
CA LYS I 46 37.36 -10.66 24.25
C LYS I 46 38.27 -10.98 23.08
N GLU I 47 38.41 -12.27 22.79
CA GLU I 47 39.27 -12.77 21.73
C GLU I 47 38.49 -13.74 20.85
N SER I 48 39.01 -13.97 19.64
CA SER I 48 38.41 -14.90 18.69
C SER I 48 39.28 -16.15 18.58
N ASN I 49 38.91 -17.04 17.67
CA ASN I 49 39.67 -18.26 17.45
C ASN I 49 41.07 -17.99 16.91
N ASP I 50 41.29 -16.82 16.31
CA ASP I 50 42.57 -16.51 15.68
C ASP I 50 43.57 -15.91 16.66
N ILE I 51 43.14 -15.56 17.86
CA ILE I 51 43.96 -14.82 18.81
C ILE I 51 44.16 -15.68 20.05
N MET I 52 45.41 -15.98 20.38
CA MET I 52 45.70 -16.87 21.50
C MET I 52 47.04 -16.53 22.13
N GLY I 53 47.13 -16.74 23.44
CA GLY I 53 48.39 -16.80 24.14
C GLY I 53 48.56 -18.16 24.82
N PHE I 54 49.46 -18.18 25.80
CA PHE I 54 49.61 -19.38 26.61
C PHE I 54 48.32 -19.64 27.37
N SER I 55 48.02 -20.93 27.57
CA SER I 55 46.73 -21.30 28.17
C SER I 55 46.64 -20.88 29.63
N PHE I 56 47.71 -21.10 30.40
CA PHE I 56 47.61 -20.91 31.85
C PHE I 56 47.46 -19.45 32.24
N MET I 57 47.92 -18.52 31.40
CA MET I 57 47.83 -17.11 31.75
C MET I 57 46.40 -16.60 31.78
N GLU I 58 45.50 -17.26 31.04
CA GLU I 58 44.11 -16.81 31.00
C GLU I 58 43.48 -16.87 32.38
N LYS I 59 43.68 -17.98 33.10
CA LYS I 59 43.10 -18.11 34.43
C LYS I 59 43.72 -17.10 35.39
N VAL I 60 45.02 -16.86 35.28
CA VAL I 60 45.68 -15.90 36.17
C VAL I 60 45.08 -14.51 35.96
N ASN I 61 44.96 -14.09 34.70
CA ASN I 61 44.41 -12.76 34.41
C ASN I 61 42.96 -12.65 34.89
N GLY I 62 42.16 -13.69 34.63
CA GLY I 62 40.77 -13.65 35.04
C GLY I 62 40.63 -13.56 36.56
N ALA I 63 41.43 -14.36 37.29
CA ALA I 63 41.37 -14.33 38.73
C ALA I 63 41.77 -12.96 39.27
N ILE I 64 42.86 -12.39 38.73
CA ILE I 64 43.30 -11.07 39.19
C ILE I 64 42.17 -10.06 39.00
N TYR I 65 41.60 -10.01 37.79
CA TYR I 65 40.56 -9.05 37.50
C TYR I 65 39.37 -9.22 38.44
N LYS I 66 38.86 -10.45 38.54
CA LYS I 66 37.65 -10.68 39.32
C LYS I 66 37.85 -10.35 40.78
N TYR I 67 38.98 -10.81 41.37
CA TYR I 67 39.19 -10.59 42.78
C TYR I 67 39.45 -9.14 43.10
N THR I 68 40.18 -8.42 42.24
CA THR I 68 40.36 -7.00 42.46
C THR I 68 39.02 -6.28 42.44
N HIS I 69 38.20 -6.57 41.44
CA HIS I 69 36.89 -5.93 41.35
C HIS I 69 36.06 -6.19 42.61
N PHE I 70 35.96 -7.45 43.01
CA PHE I 70 35.13 -7.79 44.17
C PHE I 70 35.68 -7.16 45.44
N ALA I 71 36.99 -7.25 45.66
CA ALA I 71 37.57 -6.75 46.90
C ALA I 71 37.45 -5.23 46.99
N PHE I 72 37.42 -4.53 45.87
CA PHE I 72 37.29 -3.07 45.94
C PHE I 72 35.83 -2.63 46.04
N TYR I 73 34.90 -3.40 45.46
CA TYR I 73 33.50 -3.02 45.56
C TYR I 73 32.93 -3.35 46.94
N ALA I 74 33.33 -4.49 47.52
CA ALA I 74 32.72 -4.96 48.75
C ALA I 74 32.97 -4.02 49.91
N VAL I 75 34.20 -3.51 50.03
CA VAL I 75 34.53 -2.65 51.17
C VAL I 75 33.74 -1.35 51.09
N LEU I 76 33.65 -0.75 49.90
CA LEU I 76 32.87 0.47 49.74
C LEU I 76 31.42 0.21 50.09
N ASN I 77 30.85 -0.89 49.59
CA ASN I 77 29.47 -1.22 49.90
C ASN I 77 29.27 -1.32 51.41
N LEU I 78 30.16 -2.06 52.08
CA LEU I 78 30.02 -2.26 53.52
C LEU I 78 30.12 -0.94 54.28
N LEU I 79 31.05 -0.07 53.86
CA LEU I 79 31.30 1.15 54.61
C LEU I 79 30.20 2.19 54.41
N LEU I 80 29.68 2.33 53.19
CA LEU I 80 28.84 3.47 52.86
C LEU I 80 27.39 3.14 52.53
N ALA I 81 27.03 1.86 52.42
CA ALA I 81 25.67 1.54 51.98
C ALA I 81 24.60 1.99 52.96
N PRO I 82 24.68 1.70 54.26
CA PRO I 82 23.52 1.96 55.14
C PRO I 82 23.03 3.41 55.14
N PHE I 83 23.92 4.38 55.16
CA PHE I 83 23.50 5.77 55.29
C PHE I 83 22.69 6.22 54.08
N ILE I 84 23.13 5.83 52.89
CA ILE I 84 22.40 6.19 51.67
C ILE I 84 21.01 5.57 51.69
N ALA I 85 20.92 4.31 52.12
CA ALA I 85 19.63 3.64 52.19
C ALA I 85 18.70 4.36 53.15
N PHE I 86 19.20 4.73 54.33
CA PHE I 86 18.37 5.46 55.29
C PHE I 86 17.88 6.78 54.70
N SER I 87 18.81 7.57 54.15
CA SER I 87 18.43 8.88 53.63
C SER I 87 17.38 8.76 52.53
N PHE I 88 17.58 7.85 51.59
CA PHE I 88 16.64 7.77 50.48
C PHE I 88 15.32 7.15 50.90
N GLY I 89 15.32 6.25 51.89
CA GLY I 89 14.06 5.76 52.41
C GLY I 89 13.22 6.88 53.00
N LEU I 90 13.84 7.72 53.83
CA LEU I 90 13.12 8.85 54.42
C LEU I 90 12.61 9.80 53.33
N SER I 91 13.47 10.12 52.35
CA SER I 91 13.09 11.04 51.28
C SER I 91 11.90 10.50 50.48
N PHE I 92 11.96 9.22 50.10
CA PHE I 92 10.88 8.62 49.34
C PHE I 92 9.58 8.57 50.14
N ALA I 93 9.69 8.33 51.45
CA ALA I 93 8.48 8.37 52.28
C ALA I 93 7.78 9.71 52.15
N VAL I 94 8.53 10.80 52.34
CA VAL I 94 7.91 12.13 52.26
C VAL I 94 7.32 12.36 50.87
N MET I 95 8.09 12.03 49.83
CA MET I 95 7.64 12.27 48.46
C MET I 95 6.34 11.54 48.18
N HIS I 96 6.27 10.26 48.54
CA HIS I 96 5.09 9.46 48.24
C HIS I 96 3.87 9.93 49.03
N PHE I 97 4.05 10.33 50.29
CA PHE I 97 2.91 10.88 51.01
C PHE I 97 2.37 12.10 50.29
N ALA I 98 3.26 13.02 49.89
CA ALA I 98 2.78 14.22 49.19
C ALA I 98 2.00 13.83 47.94
N VAL I 99 2.56 12.93 47.13
CA VAL I 99 1.90 12.57 45.88
C VAL I 99 0.52 11.96 46.14
N VAL I 100 0.45 10.99 47.05
CA VAL I 100 -0.79 10.25 47.22
C VAL I 100 -1.88 11.14 47.80
N TRP I 101 -1.54 12.03 48.74
CA TRP I 101 -2.58 12.73 49.49
C TRP I 101 -2.71 14.21 49.17
N PHE I 102 -2.02 14.74 48.15
CA PHE I 102 -2.30 16.12 47.76
C PHE I 102 -2.44 16.32 46.26
N VAL I 103 -1.82 15.47 45.45
CA VAL I 103 -1.82 15.68 44.00
C VAL I 103 -3.00 14.99 43.33
N GLN I 104 -3.26 13.73 43.69
CA GLN I 104 -4.26 12.94 42.98
C GLN I 104 -5.67 13.50 43.12
N PRO I 105 -6.14 13.89 44.30
CA PRO I 105 -7.48 14.51 44.37
C PRO I 105 -7.61 15.77 43.52
N ILE I 106 -6.56 16.59 43.47
CA ILE I 106 -6.59 17.78 42.65
C ILE I 106 -6.71 17.39 41.18
N MET I 107 -5.96 16.37 40.76
CA MET I 107 -6.07 15.89 39.39
C MET I 107 -7.48 15.38 39.10
N LYS I 108 -8.13 14.77 40.10
CA LYS I 108 -9.49 14.28 39.88
C LYS I 108 -10.47 15.43 39.65
N LEU I 109 -10.35 16.49 40.45
CA LEU I 109 -11.19 17.67 40.21
C LEU I 109 -10.95 18.24 38.82
N TYR I 110 -9.68 18.35 38.44
CA TYR I 110 -9.32 18.80 37.09
C TYR I 110 -10.00 17.94 36.03
N TYR I 111 -10.02 16.62 36.25
CA TYR I 111 -10.65 15.72 35.29
C TYR I 111 -12.15 15.95 35.21
N VAL I 112 -12.79 16.25 36.34
CA VAL I 112 -14.22 16.57 36.31
C VAL I 112 -14.47 17.74 35.36
N TRP I 113 -13.69 18.82 35.52
CA TRP I 113 -13.88 19.96 34.63
C TRP I 113 -13.59 19.59 33.19
N LEU I 114 -12.59 18.75 32.95
CA LEU I 114 -12.29 18.34 31.58
C LEU I 114 -13.47 17.62 30.93
N ARG I 115 -14.12 16.72 31.69
CA ARG I 115 -15.28 16.03 31.16
C ARG I 115 -16.39 17.01 30.83
N VAL I 116 -16.61 17.98 31.72
CA VAL I 116 -17.65 18.97 31.45
C VAL I 116 -17.38 19.71 30.15
N PHE I 117 -16.10 20.05 29.90
CA PHE I 117 -15.78 20.71 28.63
C PHE I 117 -16.01 19.79 27.44
N ASN I 118 -15.62 18.52 27.56
CA ASN I 118 -15.78 17.61 26.43
C ASN I 118 -17.24 17.46 26.03
N LEU I 119 -18.15 17.44 27.01
CA LEU I 119 -19.57 17.30 26.69
C LEU I 119 -20.01 18.32 25.65
N ALA I 120 -19.53 19.55 25.76
CA ALA I 120 -19.90 20.59 24.81
C ALA I 120 -19.03 20.58 23.56
N TYR I 121 -17.77 20.15 23.68
CA TYR I 121 -16.85 20.25 22.56
C TYR I 121 -17.09 19.18 21.50
N GLU I 122 -17.20 17.91 21.91
CA GLU I 122 -17.11 16.83 20.92
C GLU I 122 -18.28 16.81 19.94
N PRO I 123 -19.54 16.82 20.37
CA PRO I 123 -20.65 16.74 19.40
C PRO I 123 -20.63 17.86 18.37
N ALA I 124 -20.27 19.08 18.78
CA ALA I 124 -20.27 20.20 17.85
C ALA I 124 -19.26 19.98 16.73
N LEU I 125 -18.08 19.46 17.05
CA LEU I 125 -17.09 19.17 16.03
C LEU I 125 -17.54 18.03 15.12
N ARG I 126 -18.11 16.98 15.72
CA ARG I 126 -18.56 15.85 14.92
C ARG I 126 -19.64 16.26 13.93
N LEU I 127 -20.50 17.21 14.32
CA LEU I 127 -21.55 17.67 13.41
C LEU I 127 -20.96 18.10 12.06
N VAL I 128 -19.97 18.98 12.10
CA VAL I 128 -19.44 19.51 10.84
C VAL I 128 -18.47 18.55 10.18
N CYS I 129 -17.82 17.66 10.94
CA CYS I 129 -16.80 16.81 10.31
C CYS I 129 -17.37 15.53 9.70
N ASP I 130 -18.30 14.86 10.38
CA ASP I 130 -18.69 13.52 9.94
C ASP I 130 -19.25 13.48 8.52
N PRO I 131 -20.16 14.36 8.09
CA PRO I 131 -20.69 14.24 6.73
C PRO I 131 -19.61 14.22 5.65
N ILE I 132 -18.58 15.04 5.79
CA ILE I 132 -17.53 15.11 4.78
C ILE I 132 -16.80 13.78 4.69
N HIS I 133 -16.45 13.19 5.84
CA HIS I 133 -15.67 11.96 5.83
C HIS I 133 -16.52 10.75 5.45
N ARG I 134 -17.81 10.78 5.75
CA ARG I 134 -18.70 9.76 5.24
C ARG I 134 -18.79 9.85 3.72
N SER I 135 -18.86 11.07 3.19
CA SER I 135 -18.92 11.25 1.74
C SER I 135 -17.64 10.75 1.07
N ILE I 136 -16.48 11.08 1.65
CA ILE I 136 -15.21 10.69 1.03
C ILE I 136 -15.03 9.19 1.06
N ALA I 137 -15.74 8.49 1.95
CA ALA I 137 -15.60 7.05 2.06
C ALA I 137 -16.11 6.32 0.81
N LEU I 138 -16.84 7.01 -0.06
CA LEU I 138 -17.42 6.38 -1.24
C LEU I 138 -16.39 6.09 -2.32
N ILE I 139 -15.12 6.43 -2.11
CA ILE I 139 -14.11 6.21 -3.13
C ILE I 139 -13.75 4.72 -3.23
N LEU I 140 -14.01 3.96 -2.17
CA LEU I 140 -13.59 2.56 -2.09
C LEU I 140 -14.75 1.58 -2.29
N SER I 141 -15.82 2.01 -2.94
CA SER I 141 -17.02 1.20 -3.11
C SER I 141 -17.22 0.72 -4.54
N GLY I 142 -16.15 0.61 -5.33
CA GLY I 142 -16.27 0.19 -6.71
C GLY I 142 -15.21 -0.80 -7.15
N ILE I 143 -14.76 -1.66 -6.25
CA ILE I 143 -13.66 -2.58 -6.55
C ILE I 143 -14.20 -3.79 -7.29
N LYS I 144 -13.53 -4.16 -8.38
CA LYS I 144 -13.83 -5.39 -9.10
C LYS I 144 -12.53 -5.91 -9.70
N GLY I 145 -12.46 -7.21 -9.90
CA GLY I 145 -11.26 -7.81 -10.44
C GLY I 145 -11.46 -9.25 -10.87
N GLN I 146 -10.52 -9.73 -11.68
CA GLN I 146 -10.49 -11.12 -12.14
C GLN I 146 -9.07 -11.64 -12.01
N PHE I 147 -8.95 -12.94 -11.72
CA PHE I 147 -7.64 -13.54 -11.51
C PHE I 147 -7.65 -14.97 -12.02
N LYS I 148 -6.45 -15.47 -12.33
CA LYS I 148 -6.22 -16.86 -12.67
C LYS I 148 -4.91 -17.30 -12.06
N MET I 149 -4.87 -18.54 -11.58
CA MET I 149 -3.71 -19.06 -10.85
C MET I 149 -3.27 -20.38 -11.45
N ASN I 150 -1.99 -20.69 -11.25
CA ASN I 150 -1.42 -21.96 -11.69
C ASN I 150 -0.43 -22.44 -10.63
N SER I 151 -0.22 -23.75 -10.58
CA SER I 151 0.68 -24.34 -9.60
C SER I 151 1.20 -25.66 -10.14
N SER I 152 2.28 -26.14 -9.54
CA SER I 152 2.89 -27.40 -9.93
C SER I 152 3.86 -27.89 -8.86
N ASP J 29 -10.71 3.91 29.75
CA ASP J 29 -11.02 5.09 30.60
C ASP J 29 -9.96 6.17 30.45
N VAL J 30 -10.39 7.39 30.19
CA VAL J 30 -9.45 8.50 29.98
C VAL J 30 -8.99 9.06 31.32
N TYR J 31 -9.85 9.05 32.33
CA TYR J 31 -9.62 9.76 33.59
C TYR J 31 -9.19 8.82 34.71
N ARG J 32 -8.34 7.86 34.37
CA ARG J 32 -7.81 6.88 35.32
C ARG J 32 -6.34 7.21 35.59
N LEU J 33 -5.97 7.21 36.87
CA LEU J 33 -4.60 7.54 37.24
C LEU J 33 -3.65 6.44 36.79
N SER J 34 -2.54 6.85 36.17
CA SER J 34 -1.60 5.89 35.64
C SER J 34 -0.84 5.18 36.77
N PRO J 35 -0.30 3.98 36.51
CA PRO J 35 0.30 3.20 37.60
C PRO J 35 1.53 3.87 38.19
N HIS J 36 1.81 3.53 39.45
CA HIS J 36 2.89 4.16 40.20
C HIS J 36 4.25 3.78 39.62
N VAL J 37 5.29 4.36 40.23
CA VAL J 37 6.67 4.06 39.86
C VAL J 37 7.21 3.04 40.85
N THR J 38 7.72 1.92 40.34
CA THR J 38 8.28 0.89 41.19
C THR J 38 9.47 1.46 41.97
N THR J 39 9.48 1.20 43.28
CA THR J 39 10.46 1.80 44.17
C THR J 39 11.01 0.79 45.19
N GLY J 40 10.63 -0.47 45.09
CA GLY J 40 11.19 -1.48 45.98
C GLY J 40 12.70 -1.46 45.98
N PHE J 41 13.27 -2.03 47.05
CA PHE J 41 14.72 -1.99 47.23
C PHE J 41 15.45 -2.57 46.02
N ALA J 42 15.09 -3.78 45.62
CA ALA J 42 15.75 -4.42 44.49
C ALA J 42 15.41 -3.76 43.16
N ASP J 43 14.44 -2.84 43.12
CA ASP J 43 14.06 -2.15 41.90
C ASP J 43 14.66 -0.75 41.81
N THR J 44 15.32 -0.27 42.86
CA THR J 44 15.97 1.04 42.83
C THR J 44 17.47 0.95 43.05
N PHE J 45 17.94 0.08 43.95
CA PHE J 45 19.36 -0.24 44.09
C PHE J 45 19.63 -1.57 43.39
N LYS J 46 19.70 -1.53 42.07
CA LYS J 46 19.69 -2.73 41.26
C LYS J 46 21.10 -3.09 40.79
N GLU J 47 21.43 -4.38 40.84
CA GLU J 47 22.73 -4.89 40.47
C GLU J 47 22.56 -6.06 39.49
N SER J 48 23.64 -6.37 38.77
CA SER J 48 23.67 -7.48 37.84
C SER J 48 24.52 -8.62 38.40
N ASN J 49 24.72 -9.66 37.59
CA ASN J 49 25.53 -10.79 38.02
C ASN J 49 26.99 -10.41 38.21
N ASP J 50 27.45 -9.32 37.59
CA ASP J 50 28.85 -8.93 37.66
C ASP J 50 29.18 -8.10 38.89
N ILE J 51 28.18 -7.67 39.65
CA ILE J 51 28.35 -6.71 40.73
C ILE J 51 27.91 -7.38 42.02
N MET J 52 28.82 -7.47 42.99
CA MET J 52 28.52 -8.17 44.24
C MET J 52 29.34 -7.60 45.38
N GLY J 53 28.74 -7.61 46.56
CA GLY J 53 29.45 -7.43 47.82
C GLY J 53 29.29 -8.65 48.71
N PHE J 54 29.56 -8.43 50.00
CA PHE J 54 29.30 -9.50 50.96
C PHE J 54 27.81 -9.81 50.99
N SER J 55 27.50 -11.10 51.23
CA SER J 55 26.11 -11.55 51.16
C SER J 55 25.26 -10.95 52.27
N PHE J 56 25.78 -10.93 53.50
CA PHE J 56 24.95 -10.58 54.64
C PHE J 56 24.54 -9.11 54.63
N MET J 57 25.32 -8.24 53.99
CA MET J 57 25.01 -6.82 54.02
C MET J 57 23.76 -6.50 53.21
N GLU J 58 23.40 -7.35 52.25
CA GLU J 58 22.22 -7.09 51.44
C GLU J 58 20.97 -7.05 52.31
N LYS J 59 20.82 -8.03 53.20
CA LYS J 59 19.64 -8.06 54.06
C LYS J 59 19.62 -6.86 55.01
N VAL J 60 20.78 -6.48 55.53
CA VAL J 60 20.84 -5.33 56.44
C VAL J 60 20.38 -4.07 55.71
N ASN J 61 20.90 -3.84 54.52
CA ASN J 61 20.53 -2.64 53.76
C ASN J 61 19.04 -2.66 53.42
N GLY J 62 18.54 -3.80 52.97
CA GLY J 62 17.13 -3.89 52.62
C GLY J 62 16.22 -3.63 53.82
N ALA J 63 16.56 -4.22 54.96
CA ALA J 63 15.76 -4.01 56.17
C ALA J 63 15.77 -2.55 56.57
N ILE J 64 16.95 -1.91 56.56
CA ILE J 64 17.03 -0.51 56.94
C ILE J 64 16.14 0.33 56.04
N TYR J 65 16.28 0.15 54.72
CA TYR J 65 15.49 0.93 53.78
C TYR J 65 13.99 0.73 54.01
N LYS J 66 13.56 -0.53 54.04
CA LYS J 66 12.13 -0.81 54.13
C LYS J 66 11.53 -0.28 55.42
N TYR J 67 12.22 -0.50 56.55
CA TYR J 67 11.64 -0.09 57.83
C TYR J 67 11.65 1.42 57.98
N THR J 68 12.69 2.10 57.49
CA THR J 68 12.66 3.56 57.52
C THR J 68 11.49 4.10 56.71
N HIS J 69 11.31 3.57 55.49
CA HIS J 69 10.22 4.03 54.64
C HIS J 69 8.88 3.84 55.33
N PHE J 70 8.63 2.62 55.84
CA PHE J 70 7.35 2.34 56.46
C PHE J 70 7.12 3.20 57.71
N ALA J 71 8.14 3.30 58.57
CA ALA J 71 7.97 4.02 59.82
C ALA J 71 7.75 5.51 59.59
N PHE J 72 8.29 6.05 58.49
CA PHE J 72 8.08 7.47 58.23
C PHE J 72 6.76 7.74 57.50
N TYR J 73 6.30 6.79 56.67
CA TYR J 73 5.03 7.00 55.99
C TYR J 73 3.85 6.79 56.91
N ALA J 74 3.94 5.79 57.81
CA ALA J 74 2.78 5.41 58.61
C ALA J 74 2.36 6.52 59.56
N VAL J 75 3.32 7.18 60.20
CA VAL J 75 2.98 8.22 61.17
C VAL J 75 2.30 9.40 60.48
N LEU J 76 2.82 9.81 59.33
CA LEU J 76 2.18 10.89 58.58
C LEU J 76 0.76 10.51 58.18
N ASN J 77 0.59 9.28 57.68
CA ASN J 77 -0.74 8.83 57.30
C ASN J 77 -1.69 8.90 58.49
N LEU J 78 -1.26 8.36 59.63
CA LEU J 78 -2.11 8.33 60.82
C LEU J 78 -2.46 9.74 61.27
N LEU J 79 -1.50 10.65 61.24
CA LEU J 79 -1.73 11.98 61.80
C LEU J 79 -2.60 12.85 60.88
N LEU J 80 -2.41 12.77 59.57
CA LEU J 80 -3.01 13.75 58.67
C LEU J 80 -4.04 13.19 57.71
N ALA J 81 -4.26 11.87 57.66
CA ALA J 81 -5.17 11.34 56.66
C ALA J 81 -6.62 11.77 56.85
N PRO J 82 -7.22 11.66 58.05
CA PRO J 82 -8.67 11.88 58.15
C PRO J 82 -9.15 13.24 57.65
N PHE J 83 -8.43 14.31 57.96
CA PHE J 83 -8.92 15.65 57.62
C PHE J 83 -9.00 15.84 56.11
N ILE J 84 -7.99 15.35 55.39
CA ILE J 84 -8.00 15.47 53.93
C ILE J 84 -9.17 14.68 53.35
N ALA J 85 -9.41 13.48 53.89
CA ALA J 85 -10.53 12.67 53.41
C ALA J 85 -11.85 13.39 53.62
N PHE J 86 -12.06 13.97 54.80
CA PHE J 86 -13.30 14.70 55.07
C PHE J 86 -13.46 15.87 54.10
N SER J 87 -12.41 16.68 53.96
CA SER J 87 -12.50 17.87 53.11
C SER J 87 -12.83 17.48 51.67
N PHE J 88 -12.13 16.48 51.12
CA PHE J 88 -12.35 16.15 49.73
C PHE J 88 -13.68 15.43 49.52
N GLY J 89 -14.15 14.67 50.52
CA GLY J 89 -15.48 14.10 50.40
C GLY J 89 -16.55 15.17 50.28
N LEU J 90 -16.48 16.18 51.16
CA LEU J 90 -17.46 17.27 51.09
C LEU J 90 -17.36 18.01 49.75
N SER J 91 -16.14 18.31 49.31
CA SER J 91 -15.94 19.02 48.05
C SER J 91 -16.52 18.23 46.87
N PHE J 92 -16.21 16.93 46.80
CA PHE J 92 -16.72 16.12 45.70
C PHE J 92 -18.24 16.02 45.75
N ALA J 93 -18.83 15.96 46.93
CA ALA J 93 -20.29 15.95 47.02
C ALA J 93 -20.87 17.17 46.33
N VAL J 94 -20.37 18.35 46.68
CA VAL J 94 -20.92 19.57 46.07
C VAL J 94 -20.70 19.55 44.55
N MET J 95 -19.49 19.19 44.11
CA MET J 95 -19.19 19.18 42.69
C MET J 95 -20.11 18.27 41.92
N HIS J 96 -20.31 17.04 42.42
CA HIS J 96 -21.12 16.08 41.70
C HIS J 96 -22.59 16.49 41.68
N PHE J 97 -23.11 17.07 42.76
CA PHE J 97 -24.48 17.56 42.69
C PHE J 97 -24.62 18.61 41.59
N ALA J 98 -23.69 19.57 41.55
CA ALA J 98 -23.77 20.60 40.51
C ALA J 98 -23.77 19.95 39.13
N VAL J 99 -22.85 19.03 38.88
CA VAL J 99 -22.74 18.43 37.55
C VAL J 99 -24.03 17.70 37.18
N VAL J 100 -24.52 16.86 38.09
CA VAL J 100 -25.63 15.99 37.73
C VAL J 100 -26.91 16.80 37.52
N TRP J 101 -27.13 17.84 38.32
CA TRP J 101 -28.43 18.49 38.31
C TRP J 101 -28.44 19.90 37.72
N PHE J 102 -27.36 20.37 37.12
CA PHE J 102 -27.46 21.65 36.41
C PHE J 102 -26.79 21.64 35.03
N VAL J 103 -25.81 20.78 34.81
CA VAL J 103 -25.06 20.80 33.55
C VAL J 103 -25.70 19.88 32.51
N GLN J 104 -26.05 18.66 32.90
CA GLN J 104 -26.50 17.67 31.94
C GLN J 104 -27.80 18.05 31.23
N PRO J 105 -28.85 18.53 31.93
CA PRO J 105 -30.04 18.99 31.20
C PRO J 105 -29.76 20.09 30.19
N ILE J 106 -28.88 21.03 30.54
CA ILE J 106 -28.52 22.10 29.62
C ILE J 106 -27.84 21.52 28.39
N MET J 107 -26.94 20.55 28.60
CA MET J 107 -26.30 19.89 27.46
C MET J 107 -27.33 19.18 26.59
N LYS J 108 -28.37 18.62 27.20
CA LYS J 108 -29.40 17.93 26.42
C LYS J 108 -30.17 18.91 25.53
N LEU J 109 -30.53 20.08 26.09
CA LEU J 109 -31.17 21.10 25.26
C LEU J 109 -30.27 21.52 24.11
N TYR J 110 -28.98 21.73 24.40
CA TYR J 110 -28.01 22.05 23.37
C TYR J 110 -28.00 20.99 22.28
N TYR J 111 -28.08 19.71 22.68
CA TYR J 111 -28.09 18.62 21.71
C TYR J 111 -29.33 18.65 20.84
N VAL J 112 -30.47 19.02 21.42
CA VAL J 112 -31.69 19.15 20.62
C VAL J 112 -31.45 20.14 19.48
N TRP J 113 -30.91 21.32 19.83
CA TRP J 113 -30.67 22.31 18.79
C TRP J 113 -29.65 21.81 17.77
N LEU J 114 -28.65 21.06 18.22
CA LEU J 114 -27.65 20.52 17.29
C LEU J 114 -28.30 19.59 16.28
N ARG J 115 -29.21 18.72 16.74
CA ARG J 115 -29.90 17.82 15.82
C ARG J 115 -30.72 18.61 14.81
N VAL J 116 -31.40 19.65 15.28
CA VAL J 116 -32.20 20.46 14.37
C VAL J 116 -31.31 21.06 13.27
N PHE J 117 -30.11 21.52 13.64
CA PHE J 117 -29.21 22.06 12.63
C PHE J 117 -28.74 20.96 11.66
N ASN J 118 -28.42 19.78 12.17
CA ASN J 118 -27.93 18.72 11.30
C ASN J 118 -28.97 18.34 10.24
N LEU J 119 -30.25 18.33 10.62
CA LEU J 119 -31.29 17.97 9.66
C LEU J 119 -31.17 18.78 8.38
N ALA J 120 -30.86 20.07 8.50
CA ALA J 120 -30.72 20.94 7.33
C ALA J 120 -29.33 20.86 6.71
N TYR J 121 -28.30 20.61 7.53
CA TYR J 121 -26.94 20.70 7.02
C TYR J 121 -26.56 19.47 6.19
N GLU J 122 -26.81 18.27 6.71
CA GLU J 122 -26.17 17.09 6.10
C GLU J 122 -26.67 16.79 4.68
N PRO J 123 -27.97 16.70 4.42
CA PRO J 123 -28.40 16.36 3.04
C PRO J 123 -27.90 17.34 2.00
N ALA J 124 -27.85 18.63 2.32
CA ALA J 124 -27.42 19.62 1.34
C ALA J 124 -25.96 19.38 0.94
N LEU J 125 -25.10 19.07 1.90
CA LEU J 125 -23.71 18.77 1.58
C LEU J 125 -23.58 17.47 0.79
N ARG J 126 -24.34 16.44 1.18
CA ARG J 126 -24.25 15.17 0.47
C ARG J 126 -24.68 15.31 -0.98
N LEU J 127 -25.65 16.20 -1.26
CA LEU J 127 -26.09 16.40 -2.63
C LEU J 127 -24.91 16.72 -3.54
N VAL J 128 -24.11 17.72 -3.17
CA VAL J 128 -23.03 18.15 -4.05
C VAL J 128 -21.83 17.22 -3.95
N CYS J 129 -21.63 16.55 -2.82
CA CYS J 129 -20.40 15.76 -2.70
C CYS J 129 -20.51 14.35 -3.26
N ASP J 130 -21.63 13.66 -3.05
CA ASP J 130 -21.68 12.24 -3.39
C ASP J 130 -21.42 11.94 -4.86
N PRO J 131 -22.02 12.64 -5.83
CA PRO J 131 -21.75 12.28 -7.25
C PRO J 131 -20.28 12.26 -7.60
N ILE J 132 -19.50 13.22 -7.11
CA ILE J 132 -18.08 13.28 -7.44
C ILE J 132 -17.36 12.05 -6.92
N HIS J 133 -17.63 11.67 -5.66
CA HIS J 133 -16.91 10.56 -5.06
C HIS J 133 -17.39 9.21 -5.61
N ARG J 134 -18.66 9.12 -6.00
CA ARG J 134 -19.10 7.93 -6.72
C ARG J 134 -18.39 7.81 -8.06
N SER J 135 -18.21 8.95 -8.75
CA SER J 135 -17.52 8.94 -10.03
C SER J 135 -16.06 8.53 -9.86
N ILE J 136 -15.38 9.05 -8.84
CA ILE J 136 -13.97 8.76 -8.65
C ILE J 136 -13.77 7.30 -8.27
N ALA J 137 -14.80 6.64 -7.77
CA ALA J 137 -14.67 5.24 -7.36
C ALA J 137 -14.44 4.32 -8.54
N LEU J 138 -14.65 4.78 -9.77
CA LEU J 138 -14.50 3.95 -10.96
C LEU J 138 -13.05 3.65 -11.29
N ILE J 139 -12.09 4.17 -10.54
CA ILE J 139 -10.69 3.94 -10.85
C ILE J 139 -10.28 2.53 -10.49
N LEU J 140 -11.01 1.87 -9.59
CA LEU J 140 -10.64 0.56 -9.07
C LEU J 140 -11.49 -0.56 -9.65
N SER J 141 -12.06 -0.37 -10.83
CA SER J 141 -12.97 -1.35 -11.44
C SER J 141 -12.38 -2.02 -12.66
N GLY J 142 -11.06 -2.09 -12.77
CA GLY J 142 -10.42 -2.71 -13.92
C GLY J 142 -9.24 -3.59 -13.60
N ILE J 143 -9.28 -4.27 -12.44
CA ILE J 143 -8.15 -5.06 -11.99
C ILE J 143 -8.18 -6.42 -12.68
N LYS J 144 -7.02 -6.84 -13.19
CA LYS J 144 -6.85 -8.18 -13.74
C LYS J 144 -5.41 -8.61 -13.50
N GLY J 145 -5.19 -9.91 -13.40
CA GLY J 145 -3.86 -10.42 -13.15
C GLY J 145 -3.76 -11.91 -13.35
N GLN J 146 -2.52 -12.38 -13.49
CA GLN J 146 -2.20 -13.79 -13.62
C GLN J 146 -1.03 -14.12 -12.70
N PHE J 147 -1.03 -15.34 -12.16
CA PHE J 147 0.00 -15.74 -11.22
C PHE J 147 0.32 -17.22 -11.41
N LYS J 148 1.53 -17.59 -10.99
CA LYS J 148 1.95 -18.98 -10.92
C LYS J 148 2.78 -19.17 -9.66
N MET J 149 2.61 -20.33 -9.01
CA MET J 149 3.23 -20.60 -7.72
C MET J 149 3.98 -21.92 -7.77
N ASN J 150 4.99 -22.04 -6.91
CA ASN J 150 5.75 -23.28 -6.77
C ASN J 150 6.06 -23.49 -5.30
N SER J 151 6.27 -24.74 -4.92
CA SER J 151 6.56 -25.08 -3.54
C SER J 151 7.33 -26.40 -3.50
N SER J 152 7.96 -26.65 -2.36
CA SER J 152 8.74 -27.87 -2.16
C SER J 152 9.02 -28.09 -0.68
N ASP K 29 -24.73 6.30 19.03
CA ASP K 29 -25.51 7.52 19.40
C ASP K 29 -24.56 8.69 19.63
N VAL K 30 -24.85 9.82 18.97
CA VAL K 30 -23.98 10.98 19.10
C VAL K 30 -24.30 11.78 20.36
N TYR K 31 -25.56 11.78 20.78
CA TYR K 31 -26.05 12.67 21.83
C TYR K 31 -26.21 11.94 23.15
N ARG K 32 -25.28 11.05 23.46
CA ARG K 32 -25.28 10.28 24.69
C ARG K 32 -24.18 10.81 25.61
N LEU K 33 -24.52 11.03 26.88
CA LEU K 33 -23.56 11.58 27.83
C LEU K 33 -22.47 10.55 28.12
N SER K 34 -21.21 11.01 28.09
CA SER K 34 -20.09 10.12 28.28
C SER K 34 -20.01 9.66 29.74
N PRO K 35 -19.37 8.53 30.01
CA PRO K 35 -19.39 7.97 31.37
C PRO K 35 -18.68 8.87 32.38
N HIS K 36 -19.07 8.72 33.64
CA HIS K 36 -18.57 9.56 34.71
C HIS K 36 -17.09 9.30 34.98
N VAL K 37 -16.53 10.07 35.91
CA VAL K 37 -15.16 9.90 36.35
C VAL K 37 -15.16 9.09 37.64
N THR K 38 -14.42 7.99 37.65
CA THR K 38 -14.34 7.15 38.84
C THR K 38 -13.76 7.95 40.00
N THR K 39 -14.41 7.85 41.16
CA THR K 39 -14.07 8.69 42.30
C THR K 39 -14.08 7.89 43.62
N GLY K 40 -14.29 6.59 43.56
CA GLY K 40 -14.24 5.79 44.77
C GLY K 40 -12.96 6.00 45.54
N PHE K 41 -13.00 5.63 46.82
CA PHE K 41 -11.85 5.88 47.70
C PHE K 41 -10.58 5.26 47.15
N ALA K 42 -10.63 3.95 46.82
CA ALA K 42 -9.45 3.27 46.31
C ALA K 42 -9.08 3.71 44.90
N ASP K 43 -9.94 4.48 44.23
CA ASP K 43 -9.66 4.97 42.89
C ASP K 43 -9.16 6.41 42.87
N THR K 44 -9.15 7.09 44.02
CA THR K 44 -8.63 8.45 44.10
C THR K 44 -7.46 8.58 45.07
N PHE K 45 -7.49 7.90 46.20
CA PHE K 45 -6.34 7.78 47.09
C PHE K 45 -5.69 6.41 46.87
N LYS K 46 -4.95 6.29 45.77
CA LYS K 46 -4.48 5.00 45.29
C LYS K 46 -3.02 4.78 45.68
N GLU K 47 -2.72 3.55 46.10
CA GLU K 47 -1.39 3.16 46.53
C GLU K 47 -0.97 1.88 45.83
N SER K 48 0.33 1.61 45.83
CA SER K 48 0.89 0.41 45.25
C SER K 48 1.37 -0.54 46.35
N ASN K 49 2.00 -1.64 45.94
CA ASN K 49 2.52 -2.61 46.90
C ASN K 49 3.66 -2.03 47.75
N ASP K 50 4.31 -0.97 47.27
CA ASP K 50 5.45 -0.40 47.97
C ASP K 50 5.06 0.62 49.03
N ILE K 51 3.79 1.02 49.07
CA ILE K 51 3.34 2.13 49.91
C ILE K 51 2.31 1.59 50.89
N MET K 52 2.60 1.69 52.18
CA MET K 52 1.73 1.13 53.20
C MET K 52 1.83 1.94 54.49
N GLY K 53 0.69 2.00 55.21
CA GLY K 53 0.66 2.43 56.58
C GLY K 53 0.12 1.33 57.47
N PHE K 54 -0.36 1.74 58.65
CA PHE K 54 -1.04 0.79 59.53
C PHE K 54 -2.31 0.30 58.86
N SER K 55 -2.66 -0.97 59.13
CA SER K 55 -3.77 -1.60 58.43
C SER K 55 -5.10 -0.98 58.83
N PHE K 56 -5.31 -0.74 60.14
CA PHE K 56 -6.63 -0.36 60.62
C PHE K 56 -7.02 1.04 60.15
N MET K 57 -6.06 1.91 59.86
CA MET K 57 -6.39 3.28 59.47
C MET K 57 -7.06 3.34 58.10
N GLU K 58 -6.84 2.32 57.26
CA GLU K 58 -7.44 2.33 55.94
C GLU K 58 -8.95 2.33 56.02
N LYS K 59 -9.50 1.46 56.87
CA LYS K 59 -10.95 1.39 57.01
C LYS K 59 -11.51 2.68 57.59
N VAL K 60 -10.81 3.28 58.56
CA VAL K 60 -11.28 4.52 59.15
C VAL K 60 -11.35 5.62 58.10
N ASN K 61 -10.28 5.77 57.31
CA ASN K 61 -10.27 6.80 56.28
C ASN K 61 -11.36 6.56 55.24
N GLY K 62 -11.50 5.31 54.80
CA GLY K 62 -12.53 5.00 53.80
C GLY K 62 -13.92 5.29 54.31
N ALA K 63 -14.21 4.91 55.55
CA ALA K 63 -15.53 5.16 56.11
C ALA K 63 -15.80 6.66 56.22
N ILE K 64 -14.81 7.42 56.70
CA ILE K 64 -14.99 8.86 56.82
C ILE K 64 -15.33 9.46 55.47
N TYR K 65 -14.51 9.13 54.46
CA TYR K 65 -14.73 9.68 53.12
C TYR K 65 -16.12 9.34 52.60
N LYS K 66 -16.46 8.04 52.63
CA LYS K 66 -17.71 7.59 52.02
C LYS K 66 -18.91 8.22 52.73
N TYR K 67 -18.91 8.22 54.05
CA TYR K 67 -20.08 8.71 54.78
C TYR K 67 -20.21 10.22 54.64
N THR K 68 -19.09 10.95 54.64
CA THR K 68 -19.19 12.39 54.40
C THR K 68 -19.79 12.67 53.03
N HIS K 69 -19.28 11.98 52.00
CA HIS K 69 -19.79 12.19 50.65
C HIS K 69 -21.29 11.92 50.59
N PHE K 70 -21.72 10.76 51.11
CA PHE K 70 -23.13 10.39 51.02
C PHE K 70 -24.00 11.37 51.81
N ALA K 71 -23.59 11.70 53.03
CA ALA K 71 -24.41 12.55 53.88
C ALA K 71 -24.53 13.96 53.31
N PHE K 72 -23.53 14.43 52.57
CA PHE K 72 -23.65 15.77 52.01
C PHE K 72 -24.39 15.77 50.68
N TYR K 73 -24.32 14.67 49.91
CA TYR K 73 -25.04 14.64 48.65
C TYR K 73 -26.54 14.40 48.87
N ALA K 74 -26.88 13.54 49.83
CA ALA K 74 -28.27 13.12 50.00
C ALA K 74 -29.17 14.29 50.40
N VAL K 75 -28.71 15.13 51.32
CA VAL K 75 -29.55 16.24 51.78
C VAL K 75 -29.81 17.22 50.65
N LEU K 76 -28.80 17.55 49.87
CA LEU K 76 -28.99 18.44 48.73
C LEU K 76 -29.98 17.83 47.74
N ASN K 77 -29.81 16.55 47.43
CA ASN K 77 -30.74 15.88 46.52
C ASN K 77 -32.16 15.98 47.03
N LEU K 78 -32.37 15.66 48.30
CA LEU K 78 -33.71 15.67 48.88
C LEU K 78 -34.30 17.06 48.86
N LEU K 79 -33.50 18.09 49.15
CA LEU K 79 -34.03 19.43 49.27
C LEU K 79 -34.35 20.06 47.93
N LEU K 80 -33.50 19.84 46.91
CA LEU K 80 -33.59 20.62 45.68
C LEU K 80 -33.96 19.81 44.44
N ALA K 81 -34.05 18.49 44.52
CA ALA K 81 -34.29 17.71 43.31
C ALA K 81 -35.64 17.98 42.67
N PRO K 82 -36.77 17.95 43.39
CA PRO K 82 -38.08 17.99 42.69
C PRO K 82 -38.28 19.22 41.80
N PHE K 83 -37.87 20.40 42.24
CA PHE K 83 -38.16 21.60 41.47
C PHE K 83 -37.45 21.58 40.13
N ILE K 84 -36.19 21.15 40.11
CA ILE K 84 -35.45 21.07 38.86
C ILE K 84 -36.11 20.08 37.90
N ALA K 85 -36.56 18.94 38.44
CA ALA K 85 -37.22 17.94 37.61
C ALA K 85 -38.49 18.51 37.00
N PHE K 86 -39.30 19.20 37.79
CA PHE K 86 -40.52 19.80 37.27
C PHE K 86 -40.21 20.81 36.16
N SER K 87 -39.28 21.73 36.43
CA SER K 87 -38.96 22.77 35.45
C SER K 87 -38.49 22.16 34.15
N PHE K 88 -37.56 21.21 34.22
CA PHE K 88 -37.01 20.66 32.98
C PHE K 88 -38.00 19.76 32.26
N GLY K 89 -38.90 19.09 32.99
CA GLY K 89 -39.94 18.35 32.32
C GLY K 89 -40.84 19.25 31.50
N LEU K 90 -41.28 20.36 32.09
CA LEU K 90 -42.12 21.30 31.36
C LEU K 90 -41.38 21.87 30.14
N SER K 91 -40.12 22.27 30.34
CA SER K 91 -39.33 22.84 29.25
C SER K 91 -39.18 21.85 28.10
N PHE K 92 -38.83 20.60 28.41
CA PHE K 92 -38.65 19.59 27.38
C PHE K 92 -39.97 19.30 26.66
N ALA K 93 -41.09 19.32 27.38
CA ALA K 93 -42.38 19.14 26.72
C ALA K 93 -42.56 20.18 25.63
N VAL K 94 -42.37 21.45 25.97
CA VAL K 94 -42.56 22.51 24.97
C VAL K 94 -41.59 22.32 23.79
N MET K 95 -40.32 22.06 24.11
CA MET K 95 -39.31 21.92 23.06
C MET K 95 -39.68 20.79 22.09
N HIS K 96 -40.06 19.63 22.63
CA HIS K 96 -40.34 18.49 21.78
C HIS K 96 -41.60 18.70 20.94
N PHE K 97 -42.61 19.35 21.50
CA PHE K 97 -43.77 19.65 20.65
C PHE K 97 -43.37 20.52 19.48
N ALA K 98 -42.59 21.58 19.75
CA ALA K 98 -42.17 22.44 18.65
C ALA K 98 -41.42 21.64 17.59
N VAL K 99 -40.45 20.82 18.01
CA VAL K 99 -39.66 20.07 17.03
C VAL K 99 -40.53 19.15 16.21
N VAL K 100 -41.38 18.36 16.88
CA VAL K 100 -42.12 17.33 16.15
C VAL K 100 -43.12 17.95 15.19
N TRP K 101 -43.78 19.04 15.58
CA TRP K 101 -44.92 19.52 14.79
C TRP K 101 -44.68 20.82 14.04
N PHE K 102 -43.46 21.35 14.01
CA PHE K 102 -43.22 22.50 13.13
C PHE K 102 -41.95 22.41 12.30
N VAL K 103 -40.95 21.65 12.77
CA VAL K 103 -39.66 21.61 12.08
C VAL K 103 -39.64 20.49 11.03
N GLN K 104 -40.07 19.30 11.41
CA GLN K 104 -39.91 18.14 10.53
C GLN K 104 -40.67 18.27 9.21
N PRO K 105 -41.94 18.69 9.18
CA PRO K 105 -42.60 18.90 7.88
C PRO K 105 -41.88 19.89 6.98
N ILE K 106 -41.36 20.97 7.57
CA ILE K 106 -40.62 21.96 6.78
C ILE K 106 -39.38 21.31 6.18
N MET K 107 -38.68 20.49 6.98
CA MET K 107 -37.52 19.78 6.45
C MET K 107 -37.92 18.84 5.32
N LYS K 108 -39.10 18.24 5.41
CA LYS K 108 -39.55 17.34 4.34
C LYS K 108 -39.79 18.09 3.04
N LEU K 109 -40.42 19.26 3.13
CA LEU K 109 -40.59 20.09 1.93
C LEU K 109 -39.23 20.47 1.32
N TYR K 110 -38.30 20.88 2.19
CA TYR K 110 -36.95 21.19 1.76
C TYR K 110 -36.33 19.99 1.03
N TYR K 111 -36.55 18.78 1.54
CA TYR K 111 -36.00 17.59 0.92
C TYR K 111 -36.61 17.36 -0.45
N VAL K 112 -37.91 17.63 -0.60
CA VAL K 112 -38.53 17.50 -1.92
C VAL K 112 -37.79 18.38 -2.93
N TRP K 113 -37.56 19.64 -2.58
CA TRP K 113 -36.85 20.52 -3.51
C TRP K 113 -35.43 20.02 -3.77
N LEU K 114 -34.78 19.46 -2.74
CA LEU K 114 -33.42 18.94 -2.94
C LEU K 114 -33.41 17.81 -3.96
N ARG K 115 -34.38 16.90 -3.88
CA ARG K 115 -34.46 15.81 -4.84
C ARG K 115 -34.67 16.36 -6.24
N VAL K 116 -35.54 17.36 -6.37
CA VAL K 116 -35.78 17.95 -7.69
C VAL K 116 -34.49 18.50 -8.26
N PHE K 117 -33.67 19.15 -7.43
CA PHE K 117 -32.39 19.67 -7.92
C PHE K 117 -31.45 18.52 -8.33
N ASN K 118 -31.39 17.47 -7.52
CA ASN K 118 -30.48 16.37 -7.83
C ASN K 118 -30.80 15.74 -9.18
N LEU K 119 -32.08 15.61 -9.50
CA LEU K 119 -32.46 15.01 -10.78
C LEU K 119 -31.73 15.66 -11.94
N ALA K 120 -31.58 16.98 -11.90
CA ALA K 120 -30.89 17.70 -12.97
C ALA K 120 -29.38 17.73 -12.78
N TYR K 121 -28.92 17.72 -11.53
CA TYR K 121 -27.49 17.90 -11.28
C TYR K 121 -26.68 16.63 -11.57
N GLU K 122 -27.11 15.48 -11.05
CA GLU K 122 -26.21 14.32 -11.04
C GLU K 122 -25.88 13.79 -12.43
N PRO K 123 -26.84 13.50 -13.30
CA PRO K 123 -26.49 12.94 -14.62
C PRO K 123 -25.55 13.83 -15.43
N ALA K 124 -25.73 15.15 -15.36
CA ALA K 124 -24.88 16.05 -16.14
C ALA K 124 -23.43 15.96 -15.71
N LEU K 125 -23.18 15.87 -14.40
CA LEU K 125 -21.82 15.72 -13.91
C LEU K 125 -21.25 14.35 -14.29
N ARG K 126 -22.05 13.29 -14.15
CA ARG K 126 -21.56 11.96 -14.49
C ARG K 126 -21.17 11.87 -15.96
N LEU K 127 -21.91 12.57 -16.83
CA LEU K 127 -21.57 12.55 -18.26
C LEU K 127 -20.12 12.90 -18.48
N VAL K 128 -19.66 14.02 -17.94
CA VAL K 128 -18.30 14.48 -18.21
C VAL K 128 -17.28 13.73 -17.37
N CYS K 129 -17.66 13.22 -16.20
CA CYS K 129 -16.65 12.62 -15.33
C CYS K 129 -16.40 11.15 -15.63
N ASP K 130 -17.43 10.35 -15.89
CA ASP K 130 -17.24 8.91 -15.96
C ASP K 130 -16.24 8.45 -17.02
N PRO K 131 -16.26 8.96 -18.25
CA PRO K 131 -15.30 8.46 -19.26
C PRO K 131 -13.85 8.56 -18.81
N ILE K 132 -13.49 9.68 -18.16
CA ILE K 132 -12.11 9.87 -17.74
C ILE K 132 -11.71 8.82 -16.72
N HIS K 133 -12.57 8.57 -15.73
CA HIS K 133 -12.22 7.63 -14.67
C HIS K 133 -12.29 6.19 -15.13
N ARG K 134 -13.18 5.87 -16.08
CA ARG K 134 -13.14 4.56 -16.70
C ARG K 134 -11.83 4.37 -17.46
N SER K 135 -11.37 5.41 -18.16
CA SER K 135 -10.12 5.32 -18.90
C SER K 135 -8.94 5.13 -17.95
N ILE K 136 -8.91 5.87 -16.85
CA ILE K 136 -7.78 5.77 -15.92
C ILE K 136 -7.75 4.41 -15.25
N ALA K 137 -8.88 3.70 -15.22
CA ALA K 137 -8.92 2.40 -14.56
C ALA K 137 -8.06 1.36 -15.28
N LEU K 138 -7.63 1.65 -16.51
CA LEU K 138 -6.85 0.69 -17.28
C LEU K 138 -5.42 0.52 -16.78
N ILE K 139 -5.02 1.27 -15.75
CA ILE K 139 -3.65 1.18 -15.27
C ILE K 139 -3.43 -0.12 -14.49
N LEU K 140 -4.49 -0.74 -14.00
CA LEU K 140 -4.40 -1.92 -13.15
C LEU K 140 -4.77 -3.21 -13.87
N SER K 141 -4.65 -3.24 -15.20
CA SER K 141 -5.07 -4.39 -15.99
C SER K 141 -3.90 -5.15 -16.61
N GLY K 142 -2.72 -5.06 -16.02
CA GLY K 142 -1.55 -5.72 -16.58
C GLY K 142 -0.68 -6.41 -15.55
N ILE K 143 -1.28 -6.94 -14.48
CA ILE K 143 -0.53 -7.52 -13.39
C ILE K 143 -0.13 -8.95 -13.75
N LYS K 144 1.14 -9.29 -13.53
CA LYS K 144 1.63 -10.66 -13.66
C LYS K 144 2.75 -10.86 -12.66
N GLY K 145 2.93 -12.11 -12.24
CA GLY K 145 3.96 -12.41 -11.26
C GLY K 145 4.21 -13.88 -11.13
N GLN K 146 5.36 -14.21 -10.53
CA GLN K 146 5.76 -15.57 -10.24
C GLN K 146 6.31 -15.63 -8.82
N PHE K 147 6.08 -16.76 -8.16
CA PHE K 147 6.49 -16.91 -6.77
C PHE K 147 6.92 -18.35 -6.51
N LYS K 148 7.74 -18.51 -5.47
CA LYS K 148 8.12 -19.82 -4.96
C LYS K 148 8.18 -19.74 -3.45
N MET K 149 7.76 -20.82 -2.78
CA MET K 149 7.64 -20.84 -1.33
C MET K 149 8.35 -22.06 -0.77
N ASN K 150 8.77 -21.94 0.49
CA ASN K 150 9.39 -23.04 1.21
C ASN K 150 8.91 -23.03 2.65
N SER K 151 8.94 -24.19 3.30
CA SER K 151 8.48 -24.31 4.67
C SER K 151 9.17 -25.50 5.31
N SER K 152 9.13 -25.53 6.65
CA SER K 152 9.74 -26.60 7.42
C SER K 152 9.22 -26.59 8.85
#